data_4TQN
# 
_entry.id   4TQN 
# 
_audit_conform.dict_name       mmcif_pdbx.dic 
_audit_conform.dict_version    5.383 
_audit_conform.dict_location   http://mmcif.pdb.org/dictionaries/ascii/mmcif_pdbx.dic 
# 
loop_
_database_2.database_id 
_database_2.database_code 
_database_2.pdbx_database_accession 
_database_2.pdbx_DOI 
PDB   4TQN         pdb_00004tqn 10.2210/pdb4tqn/pdb 
WWPDB D_1000202092 ?            ?                   
# 
_pdbx_database_status.status_code                     REL 
_pdbx_database_status.status_code_sf                  REL 
_pdbx_database_status.status_code_mr                  ? 
_pdbx_database_status.entry_id                        4TQN 
_pdbx_database_status.recvd_initial_deposition_date   2014-06-11 
_pdbx_database_status.SG_entry                        N 
_pdbx_database_status.deposit_site                    RCSB 
_pdbx_database_status.process_site                    PDBE 
_pdbx_database_status.status_code_cs                  ? 
_pdbx_database_status.methods_development_category    ? 
_pdbx_database_status.pdb_format_compatible           Y 
_pdbx_database_status.status_code_nmr_data            ? 
# 
loop_
_audit_author.name 
_audit_author.pdbx_ordinal 
'Dong, J.'     1 
'Caflisch, A.' 2 
# 
_citation.abstract                  ? 
_citation.abstract_id_CAS           ? 
_citation.book_id_ISBN              ? 
_citation.book_publisher            ? 
_citation.book_publisher_city       ? 
_citation.book_title                ? 
_citation.coordinate_linkage        ? 
_citation.country                   US 
_citation.database_id_Medline       ? 
_citation.details                   ? 
_citation.id                        primary 
_citation.journal_abbrev            J.Med.Chem. 
_citation.journal_id_ASTM           JMCMAR 
_citation.journal_id_CSD            0151 
_citation.journal_id_ISSN           0022-2623 
_citation.journal_full              ? 
_citation.journal_issue             ? 
_citation.journal_volume            59 
_citation.language                  ? 
_citation.page_first                1340 
_citation.page_last                 1349 
_citation.title                     
'Discovery of CREBBP Bromodomain Inhibitors by High-Throughput Docking and Hit Optimization Guided by Molecular Dynamics.' 
_citation.year                      2016 
_citation.database_id_CSD           ? 
_citation.pdbx_database_id_DOI      10.1021/acs.jmedchem.5b00171 
_citation.pdbx_database_id_PubMed   26125948 
_citation.unpublished_flag          ? 
# 
loop_
_citation_author.citation_id 
_citation_author.name 
_citation_author.ordinal 
_citation_author.identifier_ORCID 
primary 'Xu, M.'             1 ? 
primary 'Unzue, A.'          2 ? 
primary 'Dong, J.'           3 ? 
primary 'Spiliotopoulos, D.' 4 ? 
primary 'Nevado, C.'         5 ? 
primary 'Caflisch, A.'       6 ? 
# 
_cell.length_a           24.938 
_cell.length_b           42.935 
_cell.length_c           51.983 
_cell.angle_alpha        90.000 
_cell.angle_beta         97.240 
_cell.angle_gamma        90.000 
_cell.entry_id           4TQN 
_cell.Z_PDB              2 
_cell.pdbx_unique_axis   ? 
# 
_symmetry.entry_id                         4TQN 
_symmetry.cell_setting                     ? 
_symmetry.Int_Tables_number                4 
_symmetry.space_group_name_Hall            ? 
_symmetry.space_group_name_H-M             'P 1 21 1' 
_symmetry.pdbx_full_space_group_name_H-M   ? 
# 
loop_
_entity.id 
_entity.type 
_entity.src_method 
_entity.pdbx_description 
_entity.formula_weight 
_entity.pdbx_number_of_molecules 
_entity.pdbx_ec 
_entity.pdbx_mutation 
_entity.pdbx_fragment 
_entity.details 
1 polymer     man 'CREB-binding protein'                               14223.349 1  2.3.1.48 ? 'Kinase domain, Residues 1081-1197' 
? 
2 non-polymer syn '3-[(5-acetyl-2-ethoxyphenyl)carbamoyl]benzoic acid' 327.331   1  ?        ? ?                                   
? 
3 non-polymer syn 1,2-ETHANEDIOL                                       62.068    3  ?        ? ?                                   
? 
4 water       nat water                                                18.015    58 ?        ? ?                                   
? 
# 
_entity_poly.entity_id                      1 
_entity_poly.type                           'polypeptide(L)' 
_entity_poly.nstd_linkage                   no 
_entity_poly.nstd_monomer                   no 
_entity_poly.pdbx_seq_one_letter_code       
;SMRKKIFKPEELRQALMPTLEALYRQDPESLPFRQPVDPQLLGIPDYFDIVKNPMDLSTIKRKLDTGQYQEPWQYVDDVW
LMFNNAWLYNRKTSRVYKFCSKLAEVFEQEIDPVMQSLG
;
_entity_poly.pdbx_seq_one_letter_code_can   
;SMRKKIFKPEELRQALMPTLEALYRQDPESLPFRQPVDPQLLGIPDYFDIVKNPMDLSTIKRKLDTGQYQEPWQYVDDVW
LMFNNAWLYNRKTSRVYKFCSKLAEVFEQEIDPVMQSLG
;
_entity_poly.pdbx_strand_id                 A 
_entity_poly.pdbx_target_identifier         ? 
# 
loop_
_entity_poly_seq.entity_id 
_entity_poly_seq.num 
_entity_poly_seq.mon_id 
_entity_poly_seq.hetero 
1 1   SER n 
1 2   MET n 
1 3   ARG n 
1 4   LYS n 
1 5   LYS n 
1 6   ILE n 
1 7   PHE n 
1 8   LYS n 
1 9   PRO n 
1 10  GLU n 
1 11  GLU n 
1 12  LEU n 
1 13  ARG n 
1 14  GLN n 
1 15  ALA n 
1 16  LEU n 
1 17  MET n 
1 18  PRO n 
1 19  THR n 
1 20  LEU n 
1 21  GLU n 
1 22  ALA n 
1 23  LEU n 
1 24  TYR n 
1 25  ARG n 
1 26  GLN n 
1 27  ASP n 
1 28  PRO n 
1 29  GLU n 
1 30  SER n 
1 31  LEU n 
1 32  PRO n 
1 33  PHE n 
1 34  ARG n 
1 35  GLN n 
1 36  PRO n 
1 37  VAL n 
1 38  ASP n 
1 39  PRO n 
1 40  GLN n 
1 41  LEU n 
1 42  LEU n 
1 43  GLY n 
1 44  ILE n 
1 45  PRO n 
1 46  ASP n 
1 47  TYR n 
1 48  PHE n 
1 49  ASP n 
1 50  ILE n 
1 51  VAL n 
1 52  LYS n 
1 53  ASN n 
1 54  PRO n 
1 55  MET n 
1 56  ASP n 
1 57  LEU n 
1 58  SER n 
1 59  THR n 
1 60  ILE n 
1 61  LYS n 
1 62  ARG n 
1 63  LYS n 
1 64  LEU n 
1 65  ASP n 
1 66  THR n 
1 67  GLY n 
1 68  GLN n 
1 69  TYR n 
1 70  GLN n 
1 71  GLU n 
1 72  PRO n 
1 73  TRP n 
1 74  GLN n 
1 75  TYR n 
1 76  VAL n 
1 77  ASP n 
1 78  ASP n 
1 79  VAL n 
1 80  TRP n 
1 81  LEU n 
1 82  MET n 
1 83  PHE n 
1 84  ASN n 
1 85  ASN n 
1 86  ALA n 
1 87  TRP n 
1 88  LEU n 
1 89  TYR n 
1 90  ASN n 
1 91  ARG n 
1 92  LYS n 
1 93  THR n 
1 94  SER n 
1 95  ARG n 
1 96  VAL n 
1 97  TYR n 
1 98  LYS n 
1 99  PHE n 
1 100 CYS n 
1 101 SER n 
1 102 LYS n 
1 103 LEU n 
1 104 ALA n 
1 105 GLU n 
1 106 VAL n 
1 107 PHE n 
1 108 GLU n 
1 109 GLN n 
1 110 GLU n 
1 111 ILE n 
1 112 ASP n 
1 113 PRO n 
1 114 VAL n 
1 115 MET n 
1 116 GLN n 
1 117 SER n 
1 118 LEU n 
1 119 GLY n 
# 
_entity_src_gen.entity_id                          1 
_entity_src_gen.pdbx_src_id                        1 
_entity_src_gen.pdbx_alt_source_flag               sample 
_entity_src_gen.pdbx_seq_type                      'Biological sequence' 
_entity_src_gen.pdbx_beg_seq_num                   1 
_entity_src_gen.pdbx_end_seq_num                   119 
_entity_src_gen.gene_src_common_name               Human 
_entity_src_gen.gene_src_genus                     ? 
_entity_src_gen.pdbx_gene_src_gene                 'CREBBP, CBP' 
_entity_src_gen.gene_src_species                   ? 
_entity_src_gen.gene_src_strain                    ? 
_entity_src_gen.gene_src_tissue                    ? 
_entity_src_gen.gene_src_tissue_fraction           ? 
_entity_src_gen.gene_src_details                   ? 
_entity_src_gen.pdbx_gene_src_fragment             ? 
_entity_src_gen.pdbx_gene_src_scientific_name      'Homo sapiens' 
_entity_src_gen.pdbx_gene_src_ncbi_taxonomy_id     9606 
_entity_src_gen.pdbx_gene_src_variant              ? 
_entity_src_gen.pdbx_gene_src_cell_line            ? 
_entity_src_gen.pdbx_gene_src_atcc                 ? 
_entity_src_gen.pdbx_gene_src_organ                ? 
_entity_src_gen.pdbx_gene_src_organelle            ? 
_entity_src_gen.pdbx_gene_src_cell                 ? 
_entity_src_gen.pdbx_gene_src_cellular_location    ? 
_entity_src_gen.host_org_common_name               ? 
_entity_src_gen.pdbx_host_org_scientific_name      'Escherichia coli' 
_entity_src_gen.pdbx_host_org_ncbi_taxonomy_id     469008 
_entity_src_gen.host_org_genus                     ? 
_entity_src_gen.pdbx_host_org_gene                 ? 
_entity_src_gen.pdbx_host_org_organ                ? 
_entity_src_gen.host_org_species                   ? 
_entity_src_gen.pdbx_host_org_tissue               ? 
_entity_src_gen.pdbx_host_org_tissue_fraction      ? 
_entity_src_gen.pdbx_host_org_strain               'BL21(DE3)' 
_entity_src_gen.pdbx_host_org_variant              ? 
_entity_src_gen.pdbx_host_org_cell_line            ? 
_entity_src_gen.pdbx_host_org_atcc                 ? 
_entity_src_gen.pdbx_host_org_culture_collection   ? 
_entity_src_gen.pdbx_host_org_cell                 ? 
_entity_src_gen.pdbx_host_org_organelle            ? 
_entity_src_gen.pdbx_host_org_cellular_location    ? 
_entity_src_gen.pdbx_host_org_vector_type          plasmid 
_entity_src_gen.pdbx_host_org_vector               ? 
_entity_src_gen.host_org_details                   ? 
_entity_src_gen.expression_system_id               ? 
_entity_src_gen.plasmid_name                       pNIC28-Bsa4 
_entity_src_gen.plasmid_details                    ? 
_entity_src_gen.pdbx_description                   ? 
# 
_struct_ref.id                         1 
_struct_ref.db_name                    UNP 
_struct_ref.db_code                    CBP_HUMAN 
_struct_ref.pdbx_db_accession          Q92793 
_struct_ref.entity_id                  1 
_struct_ref.pdbx_seq_one_letter_code   
;RKKIFKPEELRQALMPTLEALYRQDPESLPFRQPVDPQLLGIPDYFDIVKNPMDLSTIKRKLDTGQYQEPWQYVDDVWLM
FNNAWLYNRKTSRVYKFCSKLAEVFEQEIDPVMQSLG
;
_struct_ref.pdbx_align_begin           1081 
_struct_ref.pdbx_db_isoform            ? 
# 
_struct_ref_seq.align_id                      1 
_struct_ref_seq.ref_id                        1 
_struct_ref_seq.pdbx_PDB_id_code              4TQN 
_struct_ref_seq.pdbx_strand_id                A 
_struct_ref_seq.seq_align_beg                 3 
_struct_ref_seq.pdbx_seq_align_beg_ins_code   ? 
_struct_ref_seq.seq_align_end                 119 
_struct_ref_seq.pdbx_seq_align_end_ins_code   ? 
_struct_ref_seq.pdbx_db_accession             Q92793 
_struct_ref_seq.db_align_beg                  1081 
_struct_ref_seq.pdbx_db_align_beg_ins_code    ? 
_struct_ref_seq.db_align_end                  1197 
_struct_ref_seq.pdbx_db_align_end_ins_code    ? 
_struct_ref_seq.pdbx_auth_seq_align_beg       1081 
_struct_ref_seq.pdbx_auth_seq_align_end       1197 
# 
loop_
_struct_ref_seq_dif.align_id 
_struct_ref_seq_dif.pdbx_pdb_id_code 
_struct_ref_seq_dif.mon_id 
_struct_ref_seq_dif.pdbx_pdb_strand_id 
_struct_ref_seq_dif.seq_num 
_struct_ref_seq_dif.pdbx_pdb_ins_code 
_struct_ref_seq_dif.pdbx_seq_db_name 
_struct_ref_seq_dif.pdbx_seq_db_accession_code 
_struct_ref_seq_dif.db_mon_id 
_struct_ref_seq_dif.pdbx_seq_db_seq_num 
_struct_ref_seq_dif.details 
_struct_ref_seq_dif.pdbx_auth_seq_num 
_struct_ref_seq_dif.pdbx_ordinal 
1 4TQN SER A 1 ? UNP Q92793 ? ? 'expression tag' 1079 1 
1 4TQN MET A 2 ? UNP Q92793 ? ? 'expression tag' 1080 2 
# 
loop_
_chem_comp.id 
_chem_comp.type 
_chem_comp.mon_nstd_flag 
_chem_comp.name 
_chem_comp.pdbx_synonyms 
_chem_comp.formula 
_chem_comp.formula_weight 
ALA 'L-peptide linking' y ALANINE                                              ?                 'C3 H7 N O2'     89.093  
ARG 'L-peptide linking' y ARGININE                                             ?                 'C6 H15 N4 O2 1' 175.209 
ASN 'L-peptide linking' y ASPARAGINE                                           ?                 'C4 H8 N2 O3'    132.118 
ASP 'L-peptide linking' y 'ASPARTIC ACID'                                      ?                 'C4 H7 N O4'     133.103 
CYS 'L-peptide linking' y CYSTEINE                                             ?                 'C3 H7 N O2 S'   121.158 
EDO non-polymer         . 1,2-ETHANEDIOL                                       'ETHYLENE GLYCOL' 'C2 H6 O2'       62.068  
GLN 'L-peptide linking' y GLUTAMINE                                            ?                 'C5 H10 N2 O3'   146.144 
GLU 'L-peptide linking' y 'GLUTAMIC ACID'                                      ?                 'C5 H9 N O4'     147.129 
GLY 'peptide linking'   y GLYCINE                                              ?                 'C2 H5 N O2'     75.067  
HOH non-polymer         . WATER                                                ?                 'H2 O'           18.015  
ILE 'L-peptide linking' y ISOLEUCINE                                           ?                 'C6 H13 N O2'    131.173 
LEU 'L-peptide linking' y LEUCINE                                              ?                 'C6 H13 N O2'    131.173 
LYS 'L-peptide linking' y LYSINE                                               ?                 'C6 H15 N2 O2 1' 147.195 
MET 'L-peptide linking' y METHIONINE                                           ?                 'C5 H11 N O2 S'  149.211 
PHE 'L-peptide linking' y PHENYLALANINE                                        ?                 'C9 H11 N O2'    165.189 
PRO 'L-peptide linking' y PROLINE                                              ?                 'C5 H9 N O2'     115.130 
SER 'L-peptide linking' y SERINE                                               ?                 'C3 H7 N O3'     105.093 
THR 'L-peptide linking' y THREONINE                                            ?                 'C4 H9 N O3'     119.119 
TRP 'L-peptide linking' y TRYPTOPHAN                                           ?                 'C11 H12 N2 O2'  204.225 
TYR 'L-peptide linking' y TYROSINE                                             ?                 'C9 H11 N O3'    181.189 
UL4 non-polymer         . '3-[(5-acetyl-2-ethoxyphenyl)carbamoyl]benzoic acid' ?                 'C18 H17 N O5'   327.331 
VAL 'L-peptide linking' y VALINE                                               ?                 'C5 H11 N O2'    117.146 
# 
_exptl.absorpt_coefficient_mu     ? 
_exptl.absorpt_correction_T_max   ? 
_exptl.absorpt_correction_T_min   ? 
_exptl.absorpt_correction_type    ? 
_exptl.absorpt_process_details    ? 
_exptl.entry_id                   4TQN 
_exptl.crystals_number            1 
_exptl.details                    ? 
_exptl.method                     'X-RAY DIFFRACTION' 
_exptl.method_details             ? 
# 
_exptl_crystal.colour                      ? 
_exptl_crystal.density_diffrn              ? 
_exptl_crystal.density_Matthews            1.94 
_exptl_crystal.density_method              ? 
_exptl_crystal.density_percent_sol         36.63 
_exptl_crystal.description                 ? 
_exptl_crystal.F_000                       ? 
_exptl_crystal.id                          1 
_exptl_crystal.preparation                 ? 
_exptl_crystal.size_max                    ? 
_exptl_crystal.size_mid                    ? 
_exptl_crystal.size_min                    ? 
_exptl_crystal.size_rad                    ? 
_exptl_crystal.colour_lustre               ? 
_exptl_crystal.colour_modifier             ? 
_exptl_crystal.colour_primary              ? 
_exptl_crystal.density_meas                ? 
_exptl_crystal.density_meas_esd            ? 
_exptl_crystal.density_meas_gt             ? 
_exptl_crystal.density_meas_lt             ? 
_exptl_crystal.density_meas_temp           ? 
_exptl_crystal.density_meas_temp_esd       ? 
_exptl_crystal.density_meas_temp_gt        ? 
_exptl_crystal.density_meas_temp_lt        ? 
_exptl_crystal.pdbx_crystal_image_url      ? 
_exptl_crystal.pdbx_crystal_image_format   ? 
_exptl_crystal.pdbx_mosaicity              ? 
_exptl_crystal.pdbx_mosaicity_esd          ? 
# 
_exptl_crystal_grow.apparatus       ? 
_exptl_crystal_grow.atmosphere      ? 
_exptl_crystal_grow.crystal_id      1 
_exptl_crystal_grow.details         ? 
_exptl_crystal_grow.method          'VAPOR DIFFUSION, HANGING DROP' 
_exptl_crystal_grow.method_ref      ? 
_exptl_crystal_grow.pH              6.5 
_exptl_crystal_grow.pressure        ? 
_exptl_crystal_grow.pressure_esd    ? 
_exptl_crystal_grow.seeding         ? 
_exptl_crystal_grow.seeding_ref     ? 
_exptl_crystal_grow.temp            277 
_exptl_crystal_grow.temp_details    ? 
_exptl_crystal_grow.temp_esd        ? 
_exptl_crystal_grow.time            ? 
_exptl_crystal_grow.pdbx_details    '0.1M  MES pH 6.5, 0.1M MgCl2, 20% PEG 6000, 10% EtGly' 
_exptl_crystal_grow.pdbx_pH_range   ? 
# 
_diffrn.ambient_environment    ? 
_diffrn.ambient_temp           100 
_diffrn.ambient_temp_details   ? 
_diffrn.ambient_temp_esd       ? 
_diffrn.crystal_id             1 
_diffrn.crystal_support        ? 
_diffrn.crystal_treatment      ? 
_diffrn.details                ? 
_diffrn.id                     1 
_diffrn.ambient_pressure       ? 
_diffrn.ambient_pressure_esd   ? 
_diffrn.ambient_pressure_gt    ? 
_diffrn.ambient_pressure_lt    ? 
_diffrn.ambient_temp_gt        ? 
_diffrn.ambient_temp_lt        ? 
# 
_diffrn_detector.details                      ? 
_diffrn_detector.detector                     PIXEL 
_diffrn_detector.diffrn_id                    1 
_diffrn_detector.type                         'PSI PILATUS 6M' 
_diffrn_detector.area_resol_mean              ? 
_diffrn_detector.dtime                        ? 
_diffrn_detector.pdbx_frames_total            ? 
_diffrn_detector.pdbx_collection_time_total   ? 
_diffrn_detector.pdbx_collection_date         2014-03-28 
# 
_diffrn_radiation.collimation                      ? 
_diffrn_radiation.diffrn_id                        1 
_diffrn_radiation.filter_edge                      ? 
_diffrn_radiation.inhomogeneity                    ? 
_diffrn_radiation.monochromator                    ? 
_diffrn_radiation.polarisn_norm                    ? 
_diffrn_radiation.polarisn_ratio                   ? 
_diffrn_radiation.probe                            ? 
_diffrn_radiation.type                             ? 
_diffrn_radiation.xray_symbol                      ? 
_diffrn_radiation.wavelength_id                    1 
_diffrn_radiation.pdbx_monochromatic_or_laue_m_l   M 
_diffrn_radiation.pdbx_wavelength_list             ? 
_diffrn_radiation.pdbx_wavelength                  ? 
_diffrn_radiation.pdbx_diffrn_protocol             'SINGLE WAVELENGTH' 
_diffrn_radiation.pdbx_analyzer                    ? 
_diffrn_radiation.pdbx_scattering_type             x-ray 
# 
_diffrn_radiation_wavelength.id           1 
_diffrn_radiation_wavelength.wavelength   0.99989 
_diffrn_radiation_wavelength.wt           1.0 
# 
_diffrn_source.current                     ? 
_diffrn_source.details                     ? 
_diffrn_source.diffrn_id                   1 
_diffrn_source.power                       ? 
_diffrn_source.size                        ? 
_diffrn_source.source                      SYNCHROTRON 
_diffrn_source.target                      ? 
_diffrn_source.type                        'SLS BEAMLINE X06SA' 
_diffrn_source.voltage                     ? 
_diffrn_source.take-off_angle              ? 
_diffrn_source.pdbx_wavelength_list        0.99989 
_diffrn_source.pdbx_wavelength             ? 
_diffrn_source.pdbx_synchrotron_beamline   X06SA 
_diffrn_source.pdbx_synchrotron_site       SLS 
# 
_reflns.B_iso_Wilson_estimate            19.000 
_reflns.entry_id                         4TQN 
_reflns.data_reduction_details           ? 
_reflns.data_reduction_method            ? 
_reflns.d_resolution_high                1.700 
_reflns.d_resolution_low                 42.935 
_reflns.details                          ? 
_reflns.limit_h_max                      ? 
_reflns.limit_h_min                      ? 
_reflns.limit_k_max                      ? 
_reflns.limit_k_min                      ? 
_reflns.limit_l_max                      ? 
_reflns.limit_l_min                      ? 
_reflns.number_all                       12119 
_reflns.number_obs                       12119 
_reflns.observed_criterion               ? 
_reflns.observed_criterion_F_max         ? 
_reflns.observed_criterion_F_min         ? 
_reflns.observed_criterion_I_max         ? 
_reflns.observed_criterion_I_min         ? 
_reflns.observed_criterion_sigma_F       ? 
_reflns.observed_criterion_sigma_I       ? 
_reflns.percent_possible_obs             99.900 
_reflns.R_free_details                   ? 
_reflns.Rmerge_F_all                     ? 
_reflns.Rmerge_F_obs                     ? 
_reflns.Friedel_coverage                 ? 
_reflns.number_gt                        ? 
_reflns.threshold_expression             ? 
_reflns.pdbx_redundancy                  6.500 
_reflns.pdbx_Rmerge_I_obs                ? 
_reflns.pdbx_Rmerge_I_all                ? 
_reflns.pdbx_Rsym_value                  0.068 
_reflns.pdbx_netI_over_av_sigmaI         5.691 
_reflns.pdbx_netI_over_sigmaI            15.600 
_reflns.pdbx_res_netI_over_av_sigmaI_2   ? 
_reflns.pdbx_res_netI_over_sigmaI_2      ? 
_reflns.pdbx_chi_squared                 ? 
_reflns.pdbx_scaling_rejects             ? 
_reflns.pdbx_d_res_high_opt              ? 
_reflns.pdbx_d_res_low_opt               ? 
_reflns.pdbx_d_res_opt_method            ? 
_reflns.phase_calculation_details        ? 
_reflns.pdbx_Rrim_I_all                  0.074 
_reflns.pdbx_Rpim_I_all                  0.029 
_reflns.pdbx_d_opt                       ? 
_reflns.pdbx_number_measured_all         78585 
_reflns.pdbx_diffrn_id                   1 
_reflns.pdbx_ordinal                     1 
_reflns.pdbx_CC_half                     ? 
_reflns.pdbx_R_split                     ? 
# 
loop_
_reflns_shell.d_res_high 
_reflns_shell.d_res_low 
_reflns_shell.meanI_over_sigI_all 
_reflns_shell.meanI_over_sigI_obs 
_reflns_shell.number_measured_all 
_reflns_shell.number_measured_obs 
_reflns_shell.number_possible 
_reflns_shell.number_unique_all 
_reflns_shell.number_unique_obs 
_reflns_shell.percent_possible_all 
_reflns_shell.percent_possible_obs 
_reflns_shell.Rmerge_F_all 
_reflns_shell.Rmerge_F_obs 
_reflns_shell.Rmerge_I_all 
_reflns_shell.Rmerge_I_obs 
_reflns_shell.meanI_over_sigI_gt 
_reflns_shell.meanI_over_uI_all 
_reflns_shell.meanI_over_uI_gt 
_reflns_shell.number_measured_gt 
_reflns_shell.number_unique_gt 
_reflns_shell.percent_possible_gt 
_reflns_shell.Rmerge_F_gt 
_reflns_shell.Rmerge_I_gt 
_reflns_shell.pdbx_redundancy 
_reflns_shell.pdbx_Rsym_value 
_reflns_shell.pdbx_chi_squared 
_reflns_shell.pdbx_netI_over_sigmaI_all 
_reflns_shell.pdbx_netI_over_sigmaI_obs 
_reflns_shell.pdbx_Rrim_I_all 
_reflns_shell.pdbx_Rpim_I_all 
_reflns_shell.pdbx_rejects 
_reflns_shell.pdbx_ordinal 
_reflns_shell.pdbx_diffrn_id 
_reflns_shell.pdbx_CC_half 
_reflns_shell.pdbx_R_split 
1.700 1.790  ? 1.800  10887 ? ? 1768 ? 100.000 ? ? ? ? 0.380 ? ? ? ? ? ? ? ? 6.200 0.380 ? ? 5.300  ? 0.166 0 1  1 ? ? 
1.790 1.900  ? 2.900  11164 ? ? 1657 ? 100.000 ? ? ? ? 0.238 ? ? ? ? ? ? ? ? 6.700 0.238 ? ? 7.600  ? 0.099 0 2  1 ? ? 
1.900 2.030  ? 4.000  10309 ? ? 1554 ? 100.000 ? ? ? ? 0.166 ? ? ? ? ? ? ? ? 6.600 0.166 ? ? 10.100 ? 0.070 0 3  1 ? ? 
2.030 2.190  ? 6.100  9120  ? ? 1453 ? 99.800  ? ? ? ? 0.110 ? ? ? ? ? ? ? ? 6.300 0.110 ? ? 13.500 ? 0.047 0 4  1 ? ? 
2.190 2.400  ? 7.800  9098  ? ? 1353 ? 100.000 ? ? ? ? 0.085 ? ? ? ? ? ? ? ? 6.700 0.085 ? ? 17.000 ? 0.036 0 5  1 ? ? 
2.400 2.690  ? 9.100  8308  ? ? 1223 ? 100.000 ? ? ? ? 0.069 ? ? ? ? ? ? ? ? 6.800 0.069 ? ? 20.000 ? 0.029 0 6  1 ? ? 
2.690 3.100  ? 9.600  6772  ? ? 1087 ? 99.700  ? ? ? ? 0.064 ? ? ? ? ? ? ? ? 6.200 0.064 ? ? 22.100 ? 0.027 0 7  1 ? ? 
3.100 3.800  ? 10.500 5860  ? ? 899  ? 99.900  ? ? ? ? 0.054 ? ? ? ? ? ? ? ? 6.500 0.054 ? ? 28.600 ? 0.022 0 8  1 ? ? 
3.800 5.380  ? 11.200 4578  ? ? 715  ? 99.400  ? ? ? ? 0.052 ? ? ? ? ? ? ? ? 6.400 0.052 ? ? 31.800 ? 0.022 0 9  1 ? ? 
5.380 42.935 ? 9.100  2489  ? ? 410  ? 99.700  ? ? ? ? 0.049 ? ? ? ? ? ? ? ? 6.100 0.049 ? ? 29.900 ? 0.021 0 10 1 ? ? 
# 
_refine.aniso_B[1][1]                            ? 
_refine.aniso_B[1][2]                            ? 
_refine.aniso_B[1][3]                            ? 
_refine.aniso_B[2][2]                            ? 
_refine.aniso_B[2][3]                            ? 
_refine.aniso_B[3][3]                            ? 
_refine.B_iso_max                                55.310 
_refine.B_iso_mean                               23.2610 
_refine.B_iso_min                                11.730 
_refine.correlation_coeff_Fo_to_Fc               ? 
_refine.correlation_coeff_Fo_to_Fc_free          ? 
_refine.details                                  ? 
_refine.diff_density_max                         ? 
_refine.diff_density_max_esd                     ? 
_refine.diff_density_min                         ? 
_refine.diff_density_min_esd                     ? 
_refine.diff_density_rms                         ? 
_refine.diff_density_rms_esd                     ? 
_refine.entry_id                                 4TQN 
_refine.pdbx_refine_id                           'X-RAY DIFFRACTION' 
_refine.ls_abs_structure_details                 ? 
_refine.ls_abs_structure_Flack                   ? 
_refine.ls_abs_structure_Flack_esd               ? 
_refine.ls_abs_structure_Rogers                  ? 
_refine.ls_abs_structure_Rogers_esd              ? 
_refine.ls_d_res_high                            1.7000 
_refine.ls_d_res_low                             32.9960 
_refine.ls_extinction_coef                       ? 
_refine.ls_extinction_coef_esd                   ? 
_refine.ls_extinction_expression                 ? 
_refine.ls_extinction_method                     ? 
_refine.ls_goodness_of_fit_all                   ? 
_refine.ls_goodness_of_fit_all_esd               ? 
_refine.ls_goodness_of_fit_obs                   ? 
_refine.ls_goodness_of_fit_obs_esd               ? 
_refine.ls_hydrogen_treatment                    ? 
_refine.ls_matrix_type                           ? 
_refine.ls_number_constraints                    ? 
_refine.ls_number_parameters                     ? 
_refine.ls_number_reflns_all                     ? 
_refine.ls_number_reflns_obs                     12091 
_refine.ls_number_reflns_R_free                  598 
_refine.ls_number_reflns_R_work                  11493 
_refine.ls_number_restraints                     ? 
_refine.ls_percent_reflns_obs                    99.7400 
_refine.ls_percent_reflns_R_free                 4.9500 
_refine.ls_R_factor_all                          ? 
_refine.ls_R_factor_obs                          0.1823 
_refine.ls_R_factor_R_free                       0.1990 
_refine.ls_R_factor_R_free_error                 ? 
_refine.ls_R_factor_R_free_error_details         ? 
_refine.ls_R_factor_R_work                       0.1813 
_refine.ls_R_Fsqd_factor_obs                     ? 
_refine.ls_R_I_factor_obs                        ? 
_refine.ls_redundancy_reflns_all                 ? 
_refine.ls_redundancy_reflns_obs                 ? 
_refine.ls_restrained_S_all                      ? 
_refine.ls_restrained_S_obs                      ? 
_refine.ls_shift_over_esd_max                    ? 
_refine.ls_shift_over_esd_mean                   ? 
_refine.ls_structure_factor_coef                 ? 
_refine.ls_weighting_details                     ? 
_refine.ls_weighting_scheme                      ? 
_refine.ls_wR_factor_all                         ? 
_refine.ls_wR_factor_obs                         ? 
_refine.ls_wR_factor_R_free                      ? 
_refine.ls_wR_factor_R_work                      ? 
_refine.occupancy_max                            ? 
_refine.occupancy_min                            ? 
_refine.solvent_model_details                    'FLAT BULK SOLVENT MODEL' 
_refine.solvent_model_param_bsol                 ? 
_refine.solvent_model_param_ksol                 ? 
_refine.ls_R_factor_gt                           ? 
_refine.ls_goodness_of_fit_gt                    ? 
_refine.ls_goodness_of_fit_ref                   ? 
_refine.ls_shift_over_su_max                     ? 
_refine.ls_shift_over_su_max_lt                  ? 
_refine.ls_shift_over_su_mean                    ? 
_refine.ls_shift_over_su_mean_lt                 ? 
_refine.pdbx_ls_sigma_I                          ? 
_refine.pdbx_ls_sigma_F                          1.350 
_refine.pdbx_ls_sigma_Fsqd                       ? 
_refine.pdbx_data_cutoff_high_absF               ? 
_refine.pdbx_data_cutoff_high_rms_absF           ? 
_refine.pdbx_data_cutoff_low_absF                ? 
_refine.pdbx_isotropic_thermal_model             ? 
_refine.pdbx_ls_cross_valid_method               'FREE R-VALUE' 
_refine.pdbx_method_to_determine_struct          'MOLECULAR REPLACEMENT' 
_refine.pdbx_starting_model                      4NR5 
_refine.pdbx_stereochemistry_target_values       ML 
_refine.pdbx_R_Free_selection_details            ? 
_refine.pdbx_stereochem_target_val_spec_case     ? 
_refine.pdbx_overall_ESU_R                       ? 
_refine.pdbx_overall_ESU_R_Free                  ? 
_refine.pdbx_solvent_vdw_probe_radii             1.1100 
_refine.pdbx_solvent_ion_probe_radii             ? 
_refine.pdbx_solvent_shrinkage_radii             0.9000 
_refine.pdbx_real_space_R                        ? 
_refine.pdbx_density_correlation                 ? 
_refine.pdbx_pd_number_of_powder_patterns        ? 
_refine.pdbx_pd_number_of_points                 ? 
_refine.pdbx_pd_meas_number_of_points            ? 
_refine.pdbx_pd_proc_ls_prof_R_factor            ? 
_refine.pdbx_pd_proc_ls_prof_wR_factor           ? 
_refine.pdbx_pd_Marquardt_correlation_coeff      ? 
_refine.pdbx_pd_Fsqrd_R_factor                   ? 
_refine.pdbx_pd_ls_matrix_band_width             ? 
_refine.pdbx_overall_phase_error                 21.6600 
_refine.pdbx_overall_SU_R_free_Cruickshank_DPI   ? 
_refine.pdbx_overall_SU_R_free_Blow_DPI          ? 
_refine.pdbx_overall_SU_R_Blow_DPI               ? 
_refine.pdbx_TLS_residual_ADP_flag               ? 
_refine.pdbx_diffrn_id                           1 
_refine.overall_SU_B                             ? 
_refine.overall_SU_ML                            0.1400 
_refine.overall_SU_R_Cruickshank_DPI             ? 
_refine.overall_SU_R_free                        ? 
_refine.overall_FOM_free_R_set                   ? 
_refine.overall_FOM_work_R_set                   ? 
# 
_refine_hist.cycle_id                         final 
_refine_hist.pdbx_refine_id                   'X-RAY DIFFRACTION' 
_refine_hist.d_res_high                       1.7000 
_refine_hist.d_res_low                        32.9960 
_refine_hist.pdbx_number_atoms_ligand         36 
_refine_hist.number_atoms_solvent             58 
_refine_hist.number_atoms_total               988 
_refine_hist.pdbx_number_residues_total       112 
_refine_hist.pdbx_B_iso_mean_ligand           19.14 
_refine_hist.pdbx_B_iso_mean_solvent          27.04 
_refine_hist.pdbx_number_atoms_protein        894 
_refine_hist.pdbx_number_atoms_nucleic_acid   0 
# 
loop_
_refine_ls_restr.pdbx_refine_id 
_refine_ls_restr.criterion 
_refine_ls_restr.dev_ideal 
_refine_ls_restr.dev_ideal_target 
_refine_ls_restr.number 
_refine_ls_restr.rejects 
_refine_ls_restr.type 
_refine_ls_restr.weight 
_refine_ls_restr.pdbx_restraint_function 
'X-RAY DIFFRACTION' ? 0.006  ? 966  ? f_bond_d           ? ? 
'X-RAY DIFFRACTION' ? 1.155  ? 1315 ? f_angle_d          ? ? 
'X-RAY DIFFRACTION' ? 0.044  ? 138  ? f_chiral_restr     ? ? 
'X-RAY DIFFRACTION' ? 0.007  ? 169  ? f_plane_restr      ? ? 
'X-RAY DIFFRACTION' ? 12.316 ? 355  ? f_dihedral_angle_d ? ? 
# 
loop_
_refine_ls_shell.pdbx_refine_id 
_refine_ls_shell.d_res_high 
_refine_ls_shell.d_res_low 
_refine_ls_shell.number_reflns_all 
_refine_ls_shell.number_reflns_obs 
_refine_ls_shell.number_reflns_R_free 
_refine_ls_shell.number_reflns_R_work 
_refine_ls_shell.percent_reflns_obs 
_refine_ls_shell.percent_reflns_R_free 
_refine_ls_shell.R_factor_all 
_refine_ls_shell.R_factor_obs 
_refine_ls_shell.R_factor_R_free 
_refine_ls_shell.R_factor_R_free_error 
_refine_ls_shell.R_factor_R_work 
_refine_ls_shell.redundancy_reflns_all 
_refine_ls_shell.redundancy_reflns_obs 
_refine_ls_shell.wR_factor_all 
_refine_ls_shell.wR_factor_obs 
_refine_ls_shell.wR_factor_R_free 
_refine_ls_shell.wR_factor_R_work 
_refine_ls_shell.pdbx_total_number_of_bins_used 
_refine_ls_shell.pdbx_phase_error 
'X-RAY DIFFRACTION' 1.7000 1.8711  3005 . 148 2857 100.0000 . . . 0.1671 . 0.1614 . . . . . . 4 . 
'X-RAY DIFFRACTION' 1.8711 2.1418  3000 . 135 2865 100.0000 . . . 0.1994 . 0.1697 . . . . . . 4 . 
'X-RAY DIFFRACTION' 2.1418 2.6982  3018 . 159 2859 100.0000 . . . 0.1952 . 0.1885 . . . . . . 4 . 
'X-RAY DIFFRACTION' 2.6982 33.0020 3068 . 156 2912 99.0000  . . . 0.2070 . 0.1849 . . . . . . 4 . 
# 
_struct.entry_id                     4TQN 
_struct.title                        'Crystal structure of the bromodomain of human CREBBP in complex with UL04' 
_struct.pdbx_model_details           ? 
_struct.pdbx_formula_weight          ? 
_struct.pdbx_formula_weight_method   ? 
_struct.pdbx_model_type_details      ? 
_struct.pdbx_CASP_flag               ? 
# 
_struct_keywords.entry_id        4TQN 
_struct_keywords.text            'Transcription/inhibitor, TRANSFERASE' 
_struct_keywords.pdbx_keywords   TRANSFERASE 
# 
loop_
_struct_asym.id 
_struct_asym.pdbx_blank_PDB_chainid_flag 
_struct_asym.pdbx_modified 
_struct_asym.entity_id 
_struct_asym.details 
A N N 1 ? 
B N N 2 ? 
C N N 3 ? 
D N N 3 ? 
E N N 3 ? 
F N N 4 ? 
# 
_struct_biol.details                      'biological unit is the same as asym.' 
_struct_biol.id                           1 
_struct_biol.pdbx_parent_biol_id          ? 
_struct_biol.pdbx_formula_weight          ? 
_struct_biol.pdbx_formula_weight_method   ? 
_struct_biol.pdbx_aggregation_state       ? 
_struct_biol.pdbx_assembly_method         ? 
# 
loop_
_struct_conf.conf_type_id 
_struct_conf.id 
_struct_conf.pdbx_PDB_helix_id 
_struct_conf.beg_label_comp_id 
_struct_conf.beg_label_asym_id 
_struct_conf.beg_label_seq_id 
_struct_conf.pdbx_beg_PDB_ins_code 
_struct_conf.end_label_comp_id 
_struct_conf.end_label_asym_id 
_struct_conf.end_label_seq_id 
_struct_conf.pdbx_end_PDB_ins_code 
_struct_conf.beg_auth_comp_id 
_struct_conf.beg_auth_asym_id 
_struct_conf.beg_auth_seq_id 
_struct_conf.end_auth_comp_id 
_struct_conf.end_auth_asym_id 
_struct_conf.end_auth_seq_id 
_struct_conf.pdbx_PDB_helix_class 
_struct_conf.details 
_struct_conf.pdbx_PDB_helix_length 
HELX_P HELX_P1 AA1 LYS A 8  ? GLN A 26  ? LYS A 1086 GLN A 1104 1 ? 19 
HELX_P HELX_P2 AA2 SER A 30 ? ARG A 34  ? SER A 1108 ARG A 1112 5 ? 5  
HELX_P HELX_P3 AA3 ASP A 38 ? GLY A 43  ? ASP A 1116 GLY A 1121 1 ? 6  
HELX_P HELX_P4 AA4 ASP A 46 ? VAL A 51  ? ASP A 1124 VAL A 1129 1 ? 6  
HELX_P HELX_P5 AA5 ASP A 56 ? THR A 66  ? ASP A 1134 THR A 1144 1 ? 11 
HELX_P HELX_P6 AA6 GLU A 71 ? ASN A 90  ? GLU A 1149 ASN A 1168 1 ? 20 
HELX_P HELX_P7 AA7 SER A 94 ? SER A 117 ? SER A 1172 SER A 1195 1 ? 24 
# 
_struct_conf_type.id          HELX_P 
_struct_conf_type.criteria    ? 
_struct_conf_type.reference   ? 
# 
_struct_mon_prot_cis.pdbx_id                1 
_struct_mon_prot_cis.label_comp_id          ASP 
_struct_mon_prot_cis.label_seq_id           27 
_struct_mon_prot_cis.label_asym_id          A 
_struct_mon_prot_cis.label_alt_id           . 
_struct_mon_prot_cis.pdbx_PDB_ins_code      ? 
_struct_mon_prot_cis.auth_comp_id           ASP 
_struct_mon_prot_cis.auth_seq_id            1105 
_struct_mon_prot_cis.auth_asym_id           A 
_struct_mon_prot_cis.pdbx_label_comp_id_2   PRO 
_struct_mon_prot_cis.pdbx_label_seq_id_2    28 
_struct_mon_prot_cis.pdbx_label_asym_id_2   A 
_struct_mon_prot_cis.pdbx_PDB_ins_code_2    ? 
_struct_mon_prot_cis.pdbx_auth_comp_id_2    PRO 
_struct_mon_prot_cis.pdbx_auth_seq_id_2     1106 
_struct_mon_prot_cis.pdbx_auth_asym_id_2    A 
_struct_mon_prot_cis.pdbx_PDB_model_num     1 
_struct_mon_prot_cis.pdbx_omega_angle       13.94 
# 
loop_
_struct_site.id 
_struct_site.pdbx_evidence_code 
_struct_site.pdbx_auth_asym_id 
_struct_site.pdbx_auth_comp_id 
_struct_site.pdbx_auth_seq_id 
_struct_site.pdbx_auth_ins_code 
_struct_site.pdbx_num_residues 
_struct_site.details 
AC1 Software A UL4 1201 ? 11 'binding site for residue UL4 A 1201' 
AC2 Software A EDO 1202 ? 2  'binding site for residue EDO A 1202' 
AC3 Software A EDO 1203 ? 4  'binding site for residue EDO A 1203' 
AC4 Software A EDO 1204 ? 5  'binding site for residue EDO A 1204' 
# 
loop_
_struct_site_gen.id 
_struct_site_gen.site_id 
_struct_site_gen.pdbx_num_res 
_struct_site_gen.label_comp_id 
_struct_site_gen.label_asym_id 
_struct_site_gen.label_seq_id 
_struct_site_gen.pdbx_auth_ins_code 
_struct_site_gen.auth_comp_id 
_struct_site_gen.auth_asym_id 
_struct_site_gen.auth_seq_id 
_struct_site_gen.label_atom_id 
_struct_site_gen.label_alt_id 
_struct_site_gen.symmetry 
_struct_site_gen.details 
1  AC1 11 LEU A 31 ? LEU A 1109 . ? 1_555 ? 
2  AC1 11 PRO A 32 ? PRO A 1110 . ? 1_555 ? 
3  AC1 11 VAL A 37 ? VAL A 1115 . ? 1_555 ? 
4  AC1 11 LEU A 42 ? LEU A 1120 . ? 1_555 ? 
5  AC1 11 ASN A 90 ? ASN A 1168 . ? 1_555 ? 
6  AC1 11 ARG A 95 ? ARG A 1173 . ? 1_555 ? 
7  AC1 11 VAL A 96 ? VAL A 1174 . ? 1_555 ? 
8  AC1 11 EDO C .  ? EDO A 1202 . ? 1_555 ? 
9  AC1 11 EDO D .  ? EDO A 1203 . ? 1_555 ? 
10 AC1 11 HOH F .  ? HOH A 1335 . ? 1_555 ? 
11 AC1 11 HOH F .  ? HOH A 1355 . ? 1_555 ? 
12 AC2 2  GLY A 43 ? GLY A 1121 . ? 1_555 ? 
13 AC2 2  UL4 B .  ? UL4 A 1201 . ? 1_555 ? 
14 AC3 4  LEU A 42 ? LEU A 1120 . ? 1_555 ? 
15 AC3 4  UL4 B .  ? UL4 A 1201 . ? 1_555 ? 
16 AC3 4  HOH F .  ? HOH A 1322 . ? 1_555 ? 
17 AC3 4  HOH F .  ? HOH A 1327 . ? 1_555 ? 
18 AC4 5  ILE A 50 ? ILE A 1128 . ? 1_555 ? 
19 AC4 5  VAL A 51 ? VAL A 1129 . ? 1_555 ? 
20 AC4 5  LYS A 52 ? LYS A 1130 . ? 1_555 ? 
21 AC4 5  ASN A 53 ? ASN A 1131 . ? 1_555 ? 
22 AC4 5  ASN A 85 ? ASN A 1163 . ? 1_555 ? 
# 
_atom_sites.entry_id                    4TQN 
_atom_sites.fract_transf_matrix[1][1]   -0.01190540 
_atom_sites.fract_transf_matrix[1][2]   0.03188070 
_atom_sites.fract_transf_matrix[1][3]   0.02181218 
_atom_sites.fract_transf_matrix[2][1]   0.02139060 
_atom_sites.fract_transf_matrix[2][2]   0.00180563 
_atom_sites.fract_transf_matrix[2][3]   0.00903619 
_atom_sites.fract_transf_matrix[3][1]   0.00436182 
_atom_sites.fract_transf_matrix[3][2]   0.01365991 
_atom_sites.fract_transf_matrix[3][3]   -0.01305492 
_atom_sites.fract_transf_vector[1]      -0.342456 
_atom_sites.fract_transf_vector[2]      0.113814 
_atom_sites.fract_transf_vector[3]      -0.193120 
# 
loop_
_atom_type.symbol 
C 
N 
O 
S 
# 
loop_
_atom_site.group_PDB 
_atom_site.id 
_atom_site.type_symbol 
_atom_site.label_atom_id 
_atom_site.label_alt_id 
_atom_site.label_comp_id 
_atom_site.label_asym_id 
_atom_site.label_entity_id 
_atom_site.label_seq_id 
_atom_site.pdbx_PDB_ins_code 
_atom_site.Cartn_x 
_atom_site.Cartn_y 
_atom_site.Cartn_z 
_atom_site.occupancy 
_atom_site.B_iso_or_equiv 
_atom_site.pdbx_formal_charge 
_atom_site.auth_seq_id 
_atom_site.auth_comp_id 
_atom_site.auth_asym_id 
_atom_site.auth_atom_id 
_atom_site.pdbx_PDB_model_num 
ATOM   1   N N   . ILE A 1 6   ? 10.023  0.910   21.850  1.00 50.47 ? 1084 ILE A N   1 
ATOM   2   C CA  . ILE A 1 6   ? 10.879  -0.110  21.254  1.00 42.29 ? 1084 ILE A CA  1 
ATOM   3   C C   . ILE A 1 6   ? 10.052  -1.293  20.756  1.00 44.03 ? 1084 ILE A C   1 
ATOM   4   O O   . ILE A 1 6   ? 9.253   -1.860  21.503  1.00 46.10 ? 1084 ILE A O   1 
ATOM   5   C CB  . ILE A 1 6   ? 11.933  -0.618  22.254  1.00 43.87 ? 1084 ILE A CB  1 
ATOM   6   N N   . PHE A 1 7   ? 10.242  -1.652  19.490  1.00 40.20 ? 1085 PHE A N   1 
ATOM   7   C CA  . PHE A 1 7   ? 9.536   -2.787  18.896  1.00 40.57 ? 1085 PHE A CA  1 
ATOM   8   C C   . PHE A 1 7   ? 10.508  -3.795  18.312  1.00 40.85 ? 1085 PHE A C   1 
ATOM   9   O O   . PHE A 1 7   ? 11.433  -3.428  17.587  1.00 44.23 ? 1085 PHE A O   1 
ATOM   10  C CB  . PHE A 1 7   ? 8.577   -2.327  17.796  1.00 39.51 ? 1085 PHE A CB  1 
ATOM   11  C CG  . PHE A 1 7   ? 7.504   -1.406  18.273  1.00 38.61 ? 1085 PHE A CG  1 
ATOM   12  C CD1 . PHE A 1 7   ? 6.281   -1.904  18.676  1.00 39.85 ? 1085 PHE A CD1 1 
ATOM   13  C CD2 . PHE A 1 7   ? 7.716   -0.041  18.317  1.00 40.43 ? 1085 PHE A CD2 1 
ATOM   14  C CE1 . PHE A 1 7   ? 5.288   -1.055  19.118  1.00 43.20 ? 1085 PHE A CE1 1 
ATOM   15  C CE2 . PHE A 1 7   ? 6.727   0.814   18.756  1.00 41.18 ? 1085 PHE A CE2 1 
ATOM   16  C CZ  . PHE A 1 7   ? 5.512   0.308   19.157  1.00 40.65 ? 1085 PHE A CZ  1 
ATOM   17  N N   . LYS A 1 8   ? 10.288  -5.067  18.621  1.00 37.69 ? 1086 LYS A N   1 
ATOM   18  C CA  . LYS A 1 8   ? 11.040  -6.134  17.982  1.00 34.83 ? 1086 LYS A CA  1 
ATOM   19  C C   . LYS A 1 8   ? 10.396  -6.412  16.632  1.00 37.84 ? 1086 LYS A C   1 
ATOM   20  O O   . LYS A 1 8   ? 9.192   -6.656  16.563  1.00 36.07 ? 1086 LYS A O   1 
ATOM   21  C CB  . LYS A 1 8   ? 11.058  -7.391  18.851  1.00 37.07 ? 1086 LYS A CB  1 
ATOM   22  N N   . PRO A 1 9   ? 11.195  -6.367  15.558  1.00 37.41 ? 1087 PRO A N   1 
ATOM   23  C CA  . PRO A 1 9   ? 10.740  -6.454  14.163  1.00 38.68 ? 1087 PRO A CA  1 
ATOM   24  C C   . PRO A 1 9   ? 9.778   -7.608  13.880  1.00 37.45 ? 1087 PRO A C   1 
ATOM   25  O O   . PRO A 1 9   ? 8.811   -7.431  13.140  1.00 35.85 ? 1087 PRO A O   1 
ATOM   26  C CB  . PRO A 1 9   ? 12.046  -6.646  13.377  1.00 41.59 ? 1087 PRO A CB  1 
ATOM   27  C CG  . PRO A 1 9   ? 13.089  -6.989  14.403  1.00 40.67 ? 1087 PRO A CG  1 
ATOM   28  C CD  . PRO A 1 9   ? 12.660  -6.286  15.642  1.00 41.12 ? 1087 PRO A CD  1 
ATOM   29  N N   . GLU A 1 10  ? 10.037  -8.779  14.447  1.00 36.48 ? 1088 GLU A N   1 
ATOM   30  C CA  . GLU A 1 10  ? 9.196   -9.923  14.146  1.00 34.73 ? 1088 GLU A CA  1 
ATOM   31  C C   . GLU A 1 10  ? 7.866   -9.810  14.880  1.00 33.67 ? 1088 GLU A C   1 
ATOM   32  O O   . GLU A 1 10  ? 6.836   -10.256 14.375  1.00 32.95 ? 1088 GLU A O   1 
ATOM   33  C CB  . GLU A 1 10  ? 9.900   -11.235 14.499  1.00 37.01 ? 1088 GLU A CB  1 
ATOM   34  C CG  . GLU A 1 10  ? 9.074   -12.453 14.131  1.00 41.61 ? 1088 GLU A CG  1 
ATOM   35  C CD  . GLU A 1 10  ? 8.886   -12.624 12.634  1.00 44.23 ? 1088 GLU A CD  1 
ATOM   36  O OE1 . GLU A 1 10  ? 9.660   -12.026 11.855  1.00 41.04 ? 1088 GLU A OE1 1 
ATOM   37  O OE2 . GLU A 1 10  ? 7.928   -13.327 12.241  1.00 48.04 ? 1088 GLU A OE2 1 
ATOM   38  N N   . GLU A 1 11  ? 7.886   -9.207  16.065  1.00 34.12 ? 1089 GLU A N   1 
ATOM   39  C CA  . GLU A 1 11  ? 6.651   -8.962  16.803  1.00 34.37 ? 1089 GLU A CA  1 
ATOM   40  C C   . GLU A 1 11  ? 5.774   -7.952  16.058  1.00 33.73 ? 1089 GLU A C   1 
ATOM   41  O O   . GLU A 1 11  ? 4.555   -8.120  15.966  1.00 33.75 ? 1089 GLU A O   1 
ATOM   42  C CB  . GLU A 1 11  ? 6.951   -8.463  18.219  1.00 36.80 ? 1089 GLU A CB  1 
ATOM   43  N N   . LEU A 1 12  ? 6.400   -6.908  15.523  1.00 35.48 ? 1090 LEU A N   1 
ATOM   44  C CA  . LEU A 1 12  ? 5.670   -5.894  14.767  1.00 34.35 ? 1090 LEU A CA  1 
ATOM   45  C C   . LEU A 1 12  ? 5.080   -6.508  13.506  1.00 33.18 ? 1090 LEU A C   1 
ATOM   46  O O   . LEU A 1 12  ? 3.943   -6.225  13.136  1.00 34.09 ? 1090 LEU A O   1 
ATOM   47  C CB  . LEU A 1 12  ? 6.578   -4.715  14.406  1.00 42.11 ? 1090 LEU A CB  1 
ATOM   48  N N   . ARG A 1 13  ? 5.869   -7.356  12.859  1.00 34.23 ? 1091 ARG A N   1 
ATOM   49  C CA  . ARG A 1 13  ? 5.462   -8.013  11.630  1.00 30.04 ? 1091 ARG A CA  1 
ATOM   50  C C   . ARG A 1 13  ? 4.213   -8.857  11.837  1.00 32.78 ? 1091 ARG A C   1 
ATOM   51  O O   . ARG A 1 13  ? 3.282   -8.820  11.033  1.00 31.88 ? 1091 ARG A O   1 
ATOM   52  C CB  . ARG A 1 13  ? 6.602   -8.879  11.098  1.00 33.97 ? 1091 ARG A CB  1 
ATOM   53  C CG  . ARG A 1 13  ? 6.216   -9.688  9.887   1.00 33.88 ? 1091 ARG A CG  1 
ATOM   54  C CD  . ARG A 1 13  ? 7.415   -10.323 9.226   1.00 35.85 ? 1091 ARG A CD  1 
ATOM   55  N NE  . ARG A 1 13  ? 7.002   -11.132 8.086   1.00 38.28 ? 1091 ARG A NE  1 
ATOM   56  C CZ  . ARG A 1 13  ? 6.770   -12.440 8.137   1.00 42.88 ? 1091 ARG A CZ  1 
ATOM   57  N NH1 . ARG A 1 13  ? 6.391   -13.088 7.043   1.00 43.80 ? 1091 ARG A NH1 1 
ATOM   58  N NH2 . ARG A 1 13  ? 6.924   -13.100 9.277   1.00 45.58 ? 1091 ARG A NH2 1 
ATOM   59  N N   . GLN A 1 14  ? 4.196   -9.618  12.925  1.00 31.01 ? 1092 GLN A N   1 
ATOM   60  C CA  . GLN A 1 14  ? 3.046   -10.449 13.244  1.00 30.09 ? 1092 GLN A CA  1 
ATOM   61  C C   . GLN A 1 14  ? 1.809   -9.595  13.515  1.00 30.06 ? 1092 GLN A C   1 
ATOM   62  O O   . GLN A 1 14  ? 0.694   -9.966  13.142  1.00 33.32 ? 1092 GLN A O   1 
ATOM   63  C CB  . GLN A 1 14  ? 3.355   -11.344 14.447  1.00 33.83 ? 1092 GLN A CB  1 
ATOM   64  C CG  . GLN A 1 14  ? 4.465   -12.355 14.197  1.00 37.71 ? 1092 GLN A CG  1 
ATOM   65  N N   . ALA A 1 15  ? 2.010   -8.446  14.153  1.00 27.39 ? 1093 ALA A N   1 
ATOM   66  C CA  . ALA A 1 15  ? 0.907   -7.545  14.463  1.00 28.30 ? 1093 ALA A CA  1 
ATOM   67  C C   . ALA A 1 15  ? 0.361   -6.885  13.203  1.00 24.85 ? 1093 ALA A C   1 
ATOM   68  O O   . ALA A 1 15  ? -0.848  -6.703  13.067  1.00 30.46 ? 1093 ALA A O   1 
ATOM   69  C CB  . ALA A 1 15  ? 1.350   -6.485  15.455  1.00 26.25 ? 1093 ALA A CB  1 
ATOM   70  N N   . LEU A 1 16  ? 1.261   -6.542  12.284  1.00 25.09 ? 1094 LEU A N   1 
ATOM   71  C CA  . LEU A 1 16  ? 0.890   -5.744  11.117  1.00 26.23 ? 1094 LEU A CA  1 
ATOM   72  C C   . LEU A 1 16  ? 0.455   -6.582  9.918   1.00 27.47 ? 1094 LEU A C   1 
ATOM   73  O O   . LEU A 1 16  ? -0.386  -6.146  9.130   1.00 25.97 ? 1094 LEU A O   1 
ATOM   74  C CB  . LEU A 1 16  ? 2.058   -4.840  10.709  1.00 24.73 ? 1094 LEU A CB  1 
ATOM   75  C CG  . LEU A 1 16  ? 2.446   -3.783  11.740  1.00 25.41 ? 1094 LEU A CG  1 
ATOM   76  C CD1 . LEU A 1 16  ? 3.675   -2.996  11.284  1.00 26.95 ? 1094 LEU A CD1 1 
ATOM   77  C CD2 . LEU A 1 16  ? 1.264   -2.857  12.019  1.00 23.44 ? 1094 LEU A CD2 1 
ATOM   78  N N   . MET A 1 17  ? 1.020   -7.778  9.777   1.00 28.59 ? 1095 MET A N   1 
ATOM   79  C CA  . MET A 1 17  ? 0.716   -8.626  8.617   1.00 28.86 ? 1095 MET A CA  1 
ATOM   80  C C   . MET A 1 17  ? -0.783  -8.824  8.314   1.00 28.61 ? 1095 MET A C   1 
ATOM   81  O O   . MET A 1 17  ? -1.162  -8.844  7.137   1.00 28.58 ? 1095 MET A O   1 
ATOM   82  C CB  . MET A 1 17  ? 1.378   -9.995  8.779   1.00 34.29 ? 1095 MET A CB  1 
ATOM   83  C CG  . MET A 1 17  ? 1.485   -10.783 7.474   1.00 31.67 ? 1095 MET A CG  1 
ATOM   84  S SD  . MET A 1 17  ? 2.331   -9.888  6.143   1.00 40.95 ? 1095 MET A SD  1 
ATOM   85  C CE  . MET A 1 17  ? 3.837   -10.844 5.959   1.00 43.48 ? 1095 MET A CE  1 
ATOM   86  N N   . PRO A 1 18  ? -1.645  -8.975  9.348   1.00 28.48 ? 1096 PRO A N   1 
ATOM   87  C CA  . PRO A 1 18  ? -3.068  -9.115  9.003   1.00 28.19 ? 1096 PRO A CA  1 
ATOM   88  C C   . PRO A 1 18  ? -3.655  -7.910  8.264   1.00 25.21 ? 1096 PRO A C   1 
ATOM   89  O O   . PRO A 1 18  ? -4.639  -8.062  7.538   1.00 26.20 ? 1096 PRO A O   1 
ATOM   90  C CB  . PRO A 1 18  ? -3.748  -9.268  10.365  1.00 31.79 ? 1096 PRO A CB  1 
ATOM   91  C CG  . PRO A 1 18  ? -2.699  -9.809  11.255  1.00 32.06 ? 1096 PRO A CG  1 
ATOM   92  C CD  . PRO A 1 18  ? -1.412  -9.214  10.786  1.00 27.39 ? 1096 PRO A CD  1 
ATOM   93  N N   . THR A 1 19  ? -3.076  -6.730  8.459   1.00 24.52 ? 1097 THR A N   1 
ATOM   94  C CA  . THR A 1 19  ? -3.585  -5.544  7.786   1.00 26.33 ? 1097 THR A CA  1 
ATOM   95  C C   . THR A 1 19  ? -3.157  -5.574  6.322   1.00 23.09 ? 1097 THR A C   1 
ATOM   96  O O   . THR A 1 19  ? -3.917  -5.177  5.440   1.00 24.21 ? 1097 THR A O   1 
ATOM   97  C CB  . THR A 1 19  ? -3.106  -4.230  8.460   1.00 23.51 ? 1097 THR A CB  1 
ATOM   98  O OG1 . THR A 1 19  ? -1.690  -4.086  8.317   1.00 25.75 ? 1097 THR A OG1 1 
ATOM   99  C CG2 . THR A 1 19  ? -3.458  -4.230  9.938   1.00 28.24 ? 1097 THR A CG2 1 
ATOM   100 N N   . LEU A 1 20  ? -1.943  -6.050  6.067   1.00 22.32 ? 1098 LEU A N   1 
ATOM   101 C CA  . LEU A 1 20  ? -1.460  -6.179  4.699   1.00 23.95 ? 1098 LEU A CA  1 
ATOM   102 C C   . LEU A 1 20  ? -2.236  -7.272  3.982   1.00 22.63 ? 1098 LEU A C   1 
ATOM   103 O O   . LEU A 1 20  ? -2.617  -7.121  2.825   1.00 23.06 ? 1098 LEU A O   1 
ATOM   104 C CB  . LEU A 1 20  ? 0.033   -6.485  4.671   1.00 21.44 ? 1098 LEU A CB  1 
ATOM   105 C CG  . LEU A 1 20  ? 0.660   -6.548  3.284   1.00 27.17 ? 1098 LEU A CG  1 
ATOM   106 C CD1 . LEU A 1 20  ? 0.566   -5.195  2.624   1.00 26.99 ? 1098 LEU A CD1 1 
ATOM   107 C CD2 . LEU A 1 20  ? 2.104   -6.995  3.379   1.00 30.10 ? 1098 LEU A CD2 1 
ATOM   108 N N   . GLU A 1 21  ? -2.481  -8.372  4.686   1.00 23.17 ? 1099 GLU A N   1 
ATOM   109 C CA  . GLU A 1 21  ? -3.328  -9.436  4.153   1.00 23.03 ? 1099 GLU A CA  1 
ATOM   110 C C   . GLU A 1 21  ? -4.708  -8.916  3.764   1.00 23.24 ? 1099 GLU A C   1 
ATOM   111 O O   . GLU A 1 21  ? -5.267  -9.333  2.749   1.00 22.87 ? 1099 GLU A O   1 
ATOM   112 C CB  . GLU A 1 21  ? -3.466  -10.575 5.171   1.00 27.82 ? 1099 GLU A CB  1 
ATOM   113 N N   . ALA A 1 22  ? -5.241  -7.997  4.563   1.00 21.92 ? 1100 ALA A N   1 
ATOM   114 C CA  . ALA A 1 22  ? -6.560  -7.437  4.326   1.00 21.86 ? 1100 ALA A CA  1 
ATOM   115 C C   . ALA A 1 22  ? -6.578  -6.695  3.007   1.00 20.23 ? 1100 ALA A C   1 
ATOM   116 O O   . ALA A 1 22  ? -7.552  -6.777  2.261   1.00 22.74 ? 1100 ALA A O   1 
ATOM   117 C CB  . ALA A 1 22  ? -6.960  -6.521  5.453   1.00 21.45 ? 1100 ALA A CB  1 
ATOM   118 N N   . LEU A 1 23  ? -5.501  -5.965  2.723   1.00 20.28 ? 1101 LEU A N   1 
ATOM   119 C CA  . LEU A 1 23  ? -5.406  -5.264  1.447   1.00 19.41 ? 1101 LEU A CA  1 
ATOM   120 C C   . LEU A 1 23  ? -5.339  -6.259  0.288   1.00 19.57 ? 1101 LEU A C   1 
ATOM   121 O O   . LEU A 1 23  ? -6.097  -6.147  -0.676  1.00 20.58 ? 1101 LEU A O   1 
ATOM   122 C CB  . LEU A 1 23  ? -4.190  -4.329  1.422   1.00 18.49 ? 1101 LEU A CB  1 
ATOM   123 C CG  . LEU A 1 23  ? -4.260  -3.220  2.476   1.00 20.75 ? 1101 LEU A CG  1 
ATOM   124 C CD1 . LEU A 1 23  ? -3.110  -2.243  2.337   1.00 24.27 ? 1101 LEU A CD1 1 
ATOM   125 C CD2 . LEU A 1 23  ? -5.597  -2.489  2.394   1.00 22.64 ? 1101 LEU A CD2 1 
ATOM   126 N N   . TYR A 1 24  ? -4.447  -7.240  0.394   1.00 19.47 ? 1102 TYR A N   1 
ATOM   127 C CA  . TYR A 1 24  ? -4.278  -8.257  -0.639  1.00 17.73 ? 1102 TYR A CA  1 
ATOM   128 C C   . TYR A 1 24  ? -5.562  -9.008  -0.934  1.00 21.12 ? 1102 TYR A C   1 
ATOM   129 O O   . TYR A 1 24  ? -5.802  -9.409  -2.066  1.00 22.45 ? 1102 TYR A O   1 
ATOM   130 C CB  . TYR A 1 24  ? -3.216  -9.277  -0.229  1.00 20.36 ? 1102 TYR A CB  1 
ATOM   131 C CG  . TYR A 1 24  ? -1.823  -8.945  -0.669  1.00 25.57 ? 1102 TYR A CG  1 
ATOM   132 C CD1 . TYR A 1 24  ? -1.402  -9.222  -1.964  1.00 23.01 ? 1102 TYR A CD1 1 
ATOM   133 C CD2 . TYR A 1 24  ? -0.916  -8.368  0.212   1.00 24.53 ? 1102 TYR A CD2 1 
ATOM   134 C CE1 . TYR A 1 24  ? -0.111  -8.925  -2.370  1.00 26.08 ? 1102 TYR A CE1 1 
ATOM   135 C CE2 . TYR A 1 24  ? 0.377   -8.066  -0.181  1.00 25.93 ? 1102 TYR A CE2 1 
ATOM   136 C CZ  . TYR A 1 24  ? 0.768   -8.347  -1.477  1.00 25.25 ? 1102 TYR A CZ  1 
ATOM   137 O OH  . TYR A 1 24  ? 2.052   -8.063  -1.876  1.00 26.33 ? 1102 TYR A OH  1 
ATOM   138 N N   . ARG A 1 25  ? -6.365  -9.217  0.105   1.00 22.26 ? 1103 ARG A N   1 
ATOM   139 C CA  . ARG A 1 25  ? -7.602  -9.988  0.013   1.00 20.98 ? 1103 ARG A CA  1 
ATOM   140 C C   . ARG A 1 25  ? -8.613  -9.335  -0.917  1.00 23.19 ? 1103 ARG A C   1 
ATOM   141 O O   . ARG A 1 25  ? -9.443  -10.007 -1.518  1.00 26.93 ? 1103 ARG A O   1 
ATOM   142 C CB  . ARG A 1 25  ? -8.220  -10.147 1.406   1.00 23.37 ? 1103 ARG A CB  1 
ATOM   143 C CG  . ARG A 1 25  ? -9.454  -11.013 1.469   1.00 30.86 ? 1103 ARG A CG  1 
ATOM   144 C CD  . ARG A 1 25  ? -10.102 -10.846 2.823   1.00 37.74 ? 1103 ARG A CD  1 
ATOM   145 N NE  . ARG A 1 25  ? -9.112  -10.968 3.883   1.00 42.04 ? 1103 ARG A NE  1 
ATOM   146 C CZ  . ARG A 1 25  ? -9.004  -10.129 4.909   1.00 36.14 ? 1103 ARG A CZ  1 
ATOM   147 N NH1 . ARG A 1 25  ? -9.833  -9.098  5.030   1.00 35.20 ? 1103 ARG A NH1 1 
ATOM   148 N NH2 . ARG A 1 25  ? -8.067  -10.332 5.822   1.00 34.06 ? 1103 ARG A NH2 1 
ATOM   149 N N   . GLN A 1 26  ? -8.537  -8.014  -1.024  1.00 23.73 ? 1104 GLN A N   1 
ATOM   150 C CA  . GLN A 1 26  ? -9.505  -7.271  -1.811  1.00 24.10 ? 1104 GLN A CA  1 
ATOM   151 C C   . GLN A 1 26  ? -9.284  -7.543  -3.292  1.00 21.84 ? 1104 GLN A C   1 
ATOM   152 O O   . GLN A 1 26  ? -8.233  -7.222  -3.859  1.00 22.75 ? 1104 GLN A O   1 
ATOM   153 C CB  . GLN A 1 26  ? -9.409  -5.772  -1.522  1.00 21.47 ? 1104 GLN A CB  1 
ATOM   154 C CG  . GLN A 1 26  ? -9.514  -5.404  -0.052  1.00 23.39 ? 1104 GLN A CG  1 
ATOM   155 C CD  . GLN A 1 26  ? -10.742 -5.964  0.628   1.00 24.15 ? 1104 GLN A CD  1 
ATOM   156 O OE1 . GLN A 1 26  ? -11.868 -5.794  0.156   1.00 24.37 ? 1104 GLN A OE1 1 
ATOM   157 N NE2 . GLN A 1 26  ? -10.532 -6.635  1.749   1.00 24.46 ? 1104 GLN A NE2 1 
ATOM   158 N N   . ASP A 1 27  ? -10.283 -8.151  -3.907  1.00 22.81 ? 1105 ASP A N   1 
ATOM   159 C CA  . ASP A 1 27  ? -10.227 -8.523  -5.306  1.00 23.52 ? 1105 ASP A CA  1 
ATOM   160 C C   . ASP A 1 27  ? -11.518 -8.035  -5.929  1.00 25.35 ? 1105 ASP A C   1 
ATOM   161 O O   . ASP A 1 27  ? -12.599 -8.476  -5.535  1.00 26.04 ? 1105 ASP A O   1 
ATOM   162 C CB  . ASP A 1 27  ? -10.060 -10.039 -5.443  1.00 26.53 ? 1105 ASP A CB  1 
ATOM   163 C CG  . ASP A 1 27  ? -9.678  -10.464 -6.837  1.00 31.20 ? 1105 ASP A CG  1 
ATOM   164 O OD1 . ASP A 1 27  ? -10.120 -9.819  -7.805  1.00 25.46 ? 1105 ASP A OD1 1 
ATOM   165 O OD2 . ASP A 1 27  ? -8.946  -11.470 -6.974  1.00 42.09 ? 1105 ASP A OD2 1 
ATOM   166 N N   . PRO A 1 28  ? -11.427 -7.136  -6.922  1.00 22.57 ? 1106 PRO A N   1 
ATOM   167 C CA  . PRO A 1 28  ? -10.256 -6.731  -7.706  1.00 21.39 ? 1106 PRO A CA  1 
ATOM   168 C C   . PRO A 1 28  ? -9.473  -5.540  -7.167  1.00 18.80 ? 1106 PRO A C   1 
ATOM   169 O O   . PRO A 1 28  ? -8.491  -5.146  -7.800  1.00 16.73 ? 1106 PRO A O   1 
ATOM   170 C CB  . PRO A 1 28  ? -10.886 -6.349  -9.044  1.00 20.79 ? 1106 PRO A CB  1 
ATOM   171 C CG  . PRO A 1 28  ? -12.144 -5.669  -8.609  1.00 21.02 ? 1106 PRO A CG  1 
ATOM   172 C CD  . PRO A 1 28  ? -12.656 -6.515  -7.452  1.00 22.68 ? 1106 PRO A CD  1 
ATOM   173 N N   . GLU A 1 29  ? -9.906  -4.952  -6.056  1.00 17.59 ? 1107 GLU A N   1 
ATOM   174 C CA  . GLU A 1 29  ? -9.388  -3.646  -5.689  1.00 17.15 ? 1107 GLU A CA  1 
ATOM   175 C C   . GLU A 1 29  ? -7.883  -3.620  -5.428  1.00 17.17 ? 1107 GLU A C   1 
ATOM   176 O O   . GLU A 1 29  ? -7.250  -2.596  -5.639  1.00 16.13 ? 1107 GLU A O   1 
ATOM   177 C CB  . GLU A 1 29  ? -10.130 -3.102  -4.470  1.00 18.24 ? 1107 GLU A CB  1 
ATOM   178 C CG  . GLU A 1 29  ? -11.581 -2.741  -4.745  1.00 20.68 ? 1107 GLU A CG  1 
ATOM   179 C CD  . GLU A 1 29  ? -12.540 -3.892  -4.532  1.00 26.00 ? 1107 GLU A CD  1 
ATOM   180 O OE1 . GLU A 1 29  ? -12.080 -5.036  -4.362  1.00 23.87 ? 1107 GLU A OE1 1 
ATOM   181 O OE2 . GLU A 1 29  ? -13.765 -3.647  -4.548  1.00 29.12 ? 1107 GLU A OE2 1 
ATOM   182 N N   . SER A 1 30  ? -7.297  -4.727  -4.982  1.00 16.91 ? 1108 SER A N   1 
ATOM   183 C CA  . SER A 1 30  ? -5.851  -4.714  -4.735  1.00 17.43 ? 1108 SER A CA  1 
ATOM   184 C C   . SER A 1 30  ? -5.023  -4.970  -5.995  1.00 17.11 ? 1108 SER A C   1 
ATOM   185 O O   . SER A 1 30  ? -3.815  -4.727  -6.000  1.00 15.73 ? 1108 SER A O   1 
ATOM   186 C CB  . SER A 1 30  ? -5.482  -5.748  -3.673  1.00 18.12 ? 1108 SER A CB  1 
ATOM   187 O OG  . SER A 1 30  ? -5.526  -7.057  -4.218  1.00 20.16 ? 1108 SER A OG  1 
ATOM   188 N N   . LEU A 1 31  ? -5.657  -5.437  -7.074  1.00 18.12 ? 1109 LEU A N   1 
ATOM   189 C CA  . LEU A 1 31  ? -4.885  -5.868  -8.245  1.00 15.06 ? 1109 LEU A CA  1 
ATOM   190 C C   . LEU A 1 31  ? -3.940  -4.793  -8.808  1.00 16.54 ? 1109 LEU A C   1 
ATOM   191 O O   . LEU A 1 31  ? -2.800  -5.121  -9.169  1.00 17.48 ? 1109 LEU A O   1 
ATOM   192 C CB  . LEU A 1 31  ? -5.813  -6.375  -9.349  1.00 17.10 ? 1109 LEU A CB  1 
ATOM   193 C CG  . LEU A 1 31  ? -6.631  -7.570  -8.861  1.00 20.07 ? 1109 LEU A CG  1 
ATOM   194 C CD1 . LEU A 1 31  ? -7.445  -8.134  -9.999  1.00 21.80 ? 1109 LEU A CD1 1 
ATOM   195 C CD2 . LEU A 1 31  ? -5.710  -8.622  -8.259  1.00 22.02 ? 1109 LEU A CD2 1 
ATOM   196 N N   . PRO A 1 32  ? -4.378  -3.516  -8.871  1.00 15.37 ? 1110 PRO A N   1 
ATOM   197 C CA  . PRO A 1 32  ? -3.416  -2.526  -9.374  1.00 14.60 ? 1110 PRO A CA  1 
ATOM   198 C C   . PRO A 1 32  ? -2.267  -2.236  -8.436  1.00 13.98 ? 1110 PRO A C   1 
ATOM   199 O O   . PRO A 1 32  ? -1.380  -1.481  -8.808  1.00 15.65 ? 1110 PRO A O   1 
ATOM   200 C CB  . PRO A 1 32  ? -4.262  -1.251  -9.523  1.00 13.50 ? 1110 PRO A CB  1 
ATOM   201 C CG  . PRO A 1 32  ? -5.660  -1.749  -9.670  1.00 16.32 ? 1110 PRO A CG  1 
ATOM   202 C CD  . PRO A 1 32  ? -5.731  -2.936  -8.755  1.00 15.02 ? 1110 PRO A CD  1 
ATOM   203 N N   . PHE A 1 33  ? -2.295  -2.813  -7.243  1.00 15.83 ? 1111 PHE A N   1 
ATOM   204 C CA  . PHE A 1 33  ? -1.357  -2.422  -6.196  1.00 14.11 ? 1111 PHE A CA  1 
ATOM   205 C C   . PHE A 1 33  ? -0.441  -3.557  -5.786  1.00 14.28 ? 1111 PHE A C   1 
ATOM   206 O O   . PHE A 1 33  ? 0.427   -3.376  -4.945  1.00 16.16 ? 1111 PHE A O   1 
ATOM   207 C CB  . PHE A 1 33  ? -2.118  -1.911  -4.981  1.00 15.19 ? 1111 PHE A CB  1 
ATOM   208 C CG  . PHE A 1 33  ? -2.962  -0.717  -5.281  1.00 15.36 ? 1111 PHE A CG  1 
ATOM   209 C CD1 . PHE A 1 33  ? -2.430  0.546   -5.165  1.00 16.83 ? 1111 PHE A CD1 1 
ATOM   210 C CD2 . PHE A 1 33  ? -4.271  -0.859  -5.719  1.00 16.52 ? 1111 PHE A CD2 1 
ATOM   211 C CE1 . PHE A 1 33  ? -3.201  1.665   -5.447  1.00 19.02 ? 1111 PHE A CE1 1 
ATOM   212 C CE2 . PHE A 1 33  ? -5.048  0.258   -6.005  1.00 16.37 ? 1111 PHE A CE2 1 
ATOM   213 C CZ  . PHE A 1 33  ? -4.507  1.517   -5.877  1.00 18.43 ? 1111 PHE A CZ  1 
ATOM   214 N N   . ARG A 1 34  ? -0.620  -4.719  -6.392  1.00 16.96 ? 1112 ARG A N   1 
ATOM   215 C CA  . ARG A 1 34  ? 0.106   -5.891  -5.943  1.00 19.21 ? 1112 ARG A CA  1 
ATOM   216 C C   . ARG A 1 34  ? 1.561   -5.917  -6.401  1.00 17.76 ? 1112 ARG A C   1 
ATOM   217 O O   . ARG A 1 34  ? 2.403   -6.519  -5.747  1.00 21.71 ? 1112 ARG A O   1 
ATOM   218 C CB  . ARG A 1 34  ? -0.601  -7.143  -6.416  1.00 17.27 ? 1112 ARG A CB  1 
ATOM   219 C CG  . ARG A 1 34  ? -1.847  -7.428  -5.643  1.00 16.86 ? 1112 ARG A CG  1 
ATOM   220 C CD  . ARG A 1 34  ? -2.513  -8.643  -6.173  1.00 18.86 ? 1112 ARG A CD  1 
ATOM   221 N NE  . ARG A 1 34  ? -3.664  -8.987  -5.355  1.00 19.65 ? 1112 ARG A NE  1 
ATOM   222 C CZ  . ARG A 1 34  ? -4.300  -10.143 -5.436  1.00 21.06 ? 1112 ARG A CZ  1 
ATOM   223 N NH1 . ARG A 1 34  ? -3.894  -11.063 -6.306  1.00 23.12 ? 1112 ARG A NH1 1 
ATOM   224 N NH2 . ARG A 1 34  ? -5.341  -10.375 -4.651  1.00 23.56 ? 1112 ARG A NH2 1 
ATOM   225 N N   . GLN A 1 35  ? 1.827   -5.302  -7.542  1.00 18.61 ? 1113 GLN A N   1 
ATOM   226 C CA  A GLN A 1 35  ? 3.177   -5.225  -8.085  0.46 18.87 ? 1113 GLN A CA  1 
ATOM   227 C CA  B GLN A 1 35  ? 3.175   -5.226  -8.097  0.54 18.86 ? 1113 GLN A CA  1 
ATOM   228 C C   . GLN A 1 35  ? 3.520   -3.768  -8.359  1.00 17.86 ? 1113 GLN A C   1 
ATOM   229 O O   . GLN A 1 35  ? 2.625   -2.926  -8.451  1.00 17.66 ? 1113 GLN A O   1 
ATOM   230 C CB  A GLN A 1 35  ? 3.295   -6.057  -9.366  0.46 22.06 ? 1113 GLN A CB  1 
ATOM   231 C CB  B GLN A 1 35  ? 3.285   -6.037  -9.392  0.54 22.06 ? 1113 GLN A CB  1 
ATOM   232 C CG  A GLN A 1 35  ? 2.939   -7.528  -9.192  0.46 23.10 ? 1113 GLN A CG  1 
ATOM   233 C CG  B GLN A 1 35  ? 3.164   -7.543  -9.212  0.54 23.05 ? 1113 GLN A CG  1 
ATOM   234 C CD  A GLN A 1 35  ? 3.854   -8.251  -8.220  0.46 23.39 ? 1113 GLN A CD  1 
ATOM   235 C CD  B GLN A 1 35  ? 1.725   -8.023  -9.196  0.54 23.70 ? 1113 GLN A CD  1 
ATOM   236 O OE1 A GLN A 1 35  ? 5.034   -7.926  -8.098  0.46 25.28 ? 1113 GLN A OE1 1 
ATOM   237 O OE1 B GLN A 1 35  ? 0.890   -7.548  -9.971  0.54 26.72 ? 1113 GLN A OE1 1 
ATOM   238 N NE2 A GLN A 1 35  ? 3.309   -9.243  -7.524  0.46 25.39 ? 1113 GLN A NE2 1 
ATOM   239 N NE2 B GLN A 1 35  ? 1.428   -8.971  -8.316  0.54 25.83 ? 1113 GLN A NE2 1 
ATOM   240 N N   . PRO A 1 36  ? 4.816   -3.458  -8.475  1.00 19.59 ? 1114 PRO A N   1 
ATOM   241 C CA  . PRO A 1 36  ? 5.181   -2.071  -8.766  1.00 15.94 ? 1114 PRO A CA  1 
ATOM   242 C C   . PRO A 1 36  ? 4.622   -1.615  -10.102 1.00 17.79 ? 1114 PRO A C   1 
ATOM   243 O O   . PRO A 1 36  ? 4.590   -2.390  -11.062 1.00 20.18 ? 1114 PRO A O   1 
ATOM   244 C CB  . PRO A 1 36  ? 6.704   -2.112  -8.820  1.00 18.13 ? 1114 PRO A CB  1 
ATOM   245 C CG  . PRO A 1 36  ? 7.072   -3.245  -7.960  1.00 18.49 ? 1114 PRO A CG  1 
ATOM   246 C CD  . PRO A 1 36  ? 6.004   -4.278  -8.187  1.00 17.31 ? 1114 PRO A CD  1 
ATOM   247 N N   . VAL A 1 37  ? 4.195   -0.363  -10.156 1.00 20.07 ? 1115 VAL A N   1 
ATOM   248 C CA  . VAL A 1 37  ? 3.729   0.219   -11.404 1.00 17.70 ? 1115 VAL A CA  1 
ATOM   249 C C   . VAL A 1 37  ? 4.838   0.132   -12.446 1.00 20.49 ? 1115 VAL A C   1 
ATOM   250 O O   . VAL A 1 37  ? 5.958   0.570   -12.185 1.00 19.32 ? 1115 VAL A O   1 
ATOM   251 C CB  . VAL A 1 37  ? 3.316   1.690   -11.209 1.00 19.93 ? 1115 VAL A CB  1 
ATOM   252 C CG1 . VAL A 1 37  ? 3.243   2.407   -12.546 1.00 21.57 ? 1115 VAL A CG1 1 
ATOM   253 C CG2 . VAL A 1 37  ? 1.991   1.775   -10.476 1.00 20.91 ? 1115 VAL A CG2 1 
ATOM   254 N N   . ASP A 1 38  ? 4.537   -0.454  -13.605 1.00 22.21 ? 1116 ASP A N   1 
ATOM   255 C CA  . ASP A 1 38  ? 5.441   -0.428  -14.753 1.00 17.58 ? 1116 ASP A CA  1 
ATOM   256 C C   . ASP A 1 38  ? 4.864   0.490   -15.817 1.00 22.27 ? 1116 ASP A C   1 
ATOM   257 O O   . ASP A 1 38  ? 3.896   0.130   -16.509 1.00 20.33 ? 1116 ASP A O   1 
ATOM   258 C CB  . ASP A 1 38  ? 5.651   -1.836  -15.327 1.00 20.76 ? 1116 ASP A CB  1 
ATOM   259 C CG  . ASP A 1 38  ? 6.703   -1.879  -16.432 1.00 25.63 ? 1116 ASP A CG  1 
ATOM   260 O OD1 . ASP A 1 38  ? 6.691   -1.024  -17.352 1.00 24.65 ? 1116 ASP A OD1 1 
ATOM   261 O OD2 . ASP A 1 38  ? 7.552   -2.788  -16.384 1.00 30.18 ? 1116 ASP A OD2 1 
ATOM   262 N N   . PRO A 1 39  ? 5.447   1.682   -15.968 1.00 17.05 ? 1117 PRO A N   1 
ATOM   263 C CA  . PRO A 1 39  ? 4.754   2.670   -16.804 1.00 15.37 ? 1117 PRO A CA  1 
ATOM   264 C C   . PRO A 1 39  ? 4.593   2.244   -18.256 1.00 20.77 ? 1117 PRO A C   1 
ATOM   265 O O   . PRO A 1 39  ? 3.558   2.553   -18.852 1.00 20.82 ? 1117 PRO A O   1 
ATOM   266 C CB  . PRO A 1 39  ? 5.655   3.901   -16.688 1.00 18.12 ? 1117 PRO A CB  1 
ATOM   267 C CG  . PRO A 1 39  ? 6.242   3.775   -15.324 1.00 17.23 ? 1117 PRO A CG  1 
ATOM   268 C CD  . PRO A 1 39  ? 6.527   2.300   -15.175 1.00 21.98 ? 1117 PRO A CD  1 
ATOM   269 N N   . GLN A 1 40  ? 5.573   1.533   -18.806 1.00 20.32 ? 1118 GLN A N   1 
ATOM   270 C CA  . GLN A 1 40  ? 5.491   1.109   -20.199 1.00 18.76 ? 1118 GLN A CA  1 
ATOM   271 C C   . GLN A 1 40  ? 4.377   0.080   -20.391 1.00 21.36 ? 1118 GLN A C   1 
ATOM   272 O O   . GLN A 1 40  ? 3.628   0.149   -21.360 1.00 22.09 ? 1118 GLN A O   1 
ATOM   273 C CB  . GLN A 1 40  ? 6.835   0.543   -20.670 1.00 20.92 ? 1118 GLN A CB  1 
ATOM   274 N N   . LEU A 1 41  ? 4.265   -0.868  -19.465 1.00 19.41 ? 1119 LEU A N   1 
ATOM   275 C CA  . LEU A 1 41  ? 3.247   -1.919  -19.570 1.00 19.15 ? 1119 LEU A CA  1 
ATOM   276 C C   . LEU A 1 41  ? 1.848   -1.372  -19.407 1.00 21.38 ? 1119 LEU A C   1 
ATOM   277 O O   . LEU A 1 41  ? 0.884   -1.905  -19.948 1.00 22.78 ? 1119 LEU A O   1 
ATOM   278 C CB  . LEU A 1 41  ? 3.471   -3.002  -18.512 1.00 18.48 ? 1119 LEU A CB  1 
ATOM   279 C CG  . LEU A 1 41  ? 4.709   -3.868  -18.715 1.00 20.67 ? 1119 LEU A CG  1 
ATOM   280 C CD1 . LEU A 1 41  ? 4.625   -5.116  -17.864 1.00 22.28 ? 1119 LEU A CD1 1 
ATOM   281 C CD2 . LEU A 1 41  ? 4.812   -4.216  -20.157 1.00 22.42 ? 1119 LEU A CD2 1 
ATOM   282 N N   . LEU A 1 42  ? 1.751   -0.299  -18.643 1.00 15.79 ? 1120 LEU A N   1 
ATOM   283 C CA  . LEU A 1 42  ? 0.455   0.206   -18.218 1.00 16.27 ? 1120 LEU A CA  1 
ATOM   284 C C   . LEU A 1 42  ? -0.002  1.385   -19.047 1.00 19.66 ? 1120 LEU A C   1 
ATOM   285 O O   . LEU A 1 42  ? -1.108  1.888   -18.850 1.00 21.11 ? 1120 LEU A O   1 
ATOM   286 C CB  . LEU A 1 42  ? 0.503   0.589   -16.748 1.00 18.85 ? 1120 LEU A CB  1 
ATOM   287 C CG  . LEU A 1 42  ? 0.674   -0.617  -15.832 1.00 17.76 ? 1120 LEU A CG  1 
ATOM   288 C CD1 . LEU A 1 42  ? 0.825   -0.188  -14.402 1.00 17.61 ? 1120 LEU A CD1 1 
ATOM   289 C CD2 . LEU A 1 42  ? -0.505  -1.566  -15.985 1.00 20.00 ? 1120 LEU A CD2 1 
ATOM   290 N N   . GLY A 1 43  ? 0.851   1.828   -19.962 1.00 19.62 ? 1121 GLY A N   1 
ATOM   291 C CA  . GLY A 1 43  ? 0.495   2.913   -20.855 1.00 19.93 ? 1121 GLY A CA  1 
ATOM   292 C C   . GLY A 1 43  ? 0.408   4.240   -20.141 1.00 23.00 ? 1121 GLY A C   1 
ATOM   293 O O   . GLY A 1 43  ? -0.424  5.094   -20.479 1.00 21.69 ? 1121 GLY A O   1 
ATOM   294 N N   . ILE A 1 44  ? 1.277   4.412   -19.144 1.00 19.90 ? 1122 ILE A N   1 
ATOM   295 C CA  . ILE A 1 44  ? 1.328   5.648   -18.367 1.00 18.11 ? 1122 ILE A CA  1 
ATOM   296 C C   . ILE A 1 44  ? 2.755   6.161   -18.281 1.00 18.71 ? 1122 ILE A C   1 
ATOM   297 O O   . ILE A 1 44  ? 3.352   6.212   -17.198 1.00 16.55 ? 1122 ILE A O   1 
ATOM   298 C CB  . ILE A 1 44  ? 0.730   5.447   -16.965 1.00 18.19 ? 1122 ILE A CB  1 
ATOM   299 C CG1 . ILE A 1 44  ? 1.263   4.174   -16.313 1.00 18.04 ? 1122 ILE A CG1 1 
ATOM   300 C CG2 . ILE A 1 44  ? -0.790  5.360   -17.071 1.00 16.07 ? 1122 ILE A CG2 1 
ATOM   301 C CD1 . ILE A 1 44  ? 0.688   3.897   -14.956 1.00 19.09 ? 1122 ILE A CD1 1 
ATOM   302 N N   . PRO A 1 45  ? 3.300   6.572   -19.434 1.00 17.84 ? 1123 PRO A N   1 
ATOM   303 C CA  . PRO A 1 45  ? 4.726   6.864   -19.607 1.00 18.75 ? 1123 PRO A CA  1 
ATOM   304 C C   . PRO A 1 45  ? 5.261   7.993   -18.743 1.00 19.28 ? 1123 PRO A C   1 
ATOM   305 O O   . PRO A 1 45  ? 6.474   8.046   -18.544 1.00 21.05 ? 1123 PRO A O   1 
ATOM   306 C CB  . PRO A 1 45  ? 4.831   7.247   -21.091 1.00 23.43 ? 1123 PRO A CB  1 
ATOM   307 C CG  . PRO A 1 45  ? 3.465   7.672   -21.481 1.00 23.32 ? 1123 PRO A CG  1 
ATOM   308 C CD  . PRO A 1 45  ? 2.550   6.783   -20.689 1.00 21.56 ? 1123 PRO A CD  1 
ATOM   309 N N   . ASP A 1 46  ? 4.399   8.894   -18.282 1.00 18.13 ? 1124 ASP A N   1 
ATOM   310 C CA  . ASP A 1 46  ? 4.831   10.003  -17.435 1.00 18.52 ? 1124 ASP A CA  1 
ATOM   311 C C   . ASP A 1 46  ? 4.808   9.655   -15.953 1.00 18.78 ? 1124 ASP A C   1 
ATOM   312 O O   . ASP A 1 46  ? 5.013   10.526  -15.111 1.00 21.54 ? 1124 ASP A O   1 
ATOM   313 C CB  . ASP A 1 46  ? 3.941   11.225  -17.683 1.00 20.22 ? 1124 ASP A CB  1 
ATOM   314 C CG  . ASP A 1 46  ? 2.478   10.950  -17.389 1.00 24.02 ? 1124 ASP A CG  1 
ATOM   315 O OD1 . ASP A 1 46  ? 2.071   9.769   -17.369 1.00 24.63 ? 1124 ASP A OD1 1 
ATOM   316 O OD2 . ASP A 1 46  ? 1.725   11.926  -17.191 1.00 29.54 ? 1124 ASP A OD2 1 
ATOM   317 N N   . TYR A 1 47  ? 4.548   8.392   -15.631 1.00 16.95 ? 1125 TYR A N   1 
ATOM   318 C CA  . TYR A 1 47  ? 4.291   8.032   -14.244 1.00 15.64 ? 1125 TYR A CA  1 
ATOM   319 C C   . TYR A 1 47  ? 5.465   8.395   -13.337 1.00 13.36 ? 1125 TYR A C   1 
ATOM   320 O O   . TYR A 1 47  ? 5.266   8.977   -12.273 1.00 14.67 ? 1125 TYR A O   1 
ATOM   321 C CB  . TYR A 1 47  ? 3.965   6.542   -14.131 1.00 14.95 ? 1125 TYR A CB  1 
ATOM   322 C CG  . TYR A 1 47  ? 3.651   6.112   -12.723 1.00 14.29 ? 1125 TYR A CG  1 
ATOM   323 C CD1 . TYR A 1 47  ? 2.372   6.266   -12.200 1.00 17.07 ? 1125 TYR A CD1 1 
ATOM   324 C CD2 . TYR A 1 47  ? 4.631   5.547   -11.915 1.00 15.55 ? 1125 TYR A CD2 1 
ATOM   325 C CE1 . TYR A 1 47  ? 2.081   5.867   -10.912 1.00 17.07 ? 1125 TYR A CE1 1 
ATOM   326 C CE2 . TYR A 1 47  ? 4.353   5.157   -10.631 1.00 17.05 ? 1125 TYR A CE2 1 
ATOM   327 C CZ  . TYR A 1 47  ? 3.075   5.313   -10.137 1.00 16.69 ? 1125 TYR A CZ  1 
ATOM   328 O OH  . TYR A 1 47  ? 2.791   4.929   -8.855  1.00 16.90 ? 1125 TYR A OH  1 
ATOM   329 N N   . PHE A 1 48  ? 6.678   8.078   -13.778 1.00 15.82 ? 1126 PHE A N   1 
ATOM   330 C CA  . PHE A 1 48  ? 7.849   8.283   -12.938 1.00 18.37 ? 1126 PHE A CA  1 
ATOM   331 C C   . PHE A 1 48  ? 8.239   9.759   -12.853 1.00 16.43 ? 1126 PHE A C   1 
ATOM   332 O O   . PHE A 1 48  ? 9.036   10.138  -11.999 1.00 18.05 ? 1126 PHE A O   1 
ATOM   333 C CB  . PHE A 1 48  ? 9.030   7.451   -13.452 1.00 15.82 ? 1126 PHE A CB  1 
ATOM   334 C CG  . PHE A 1 48  ? 8.944   5.986   -13.102 1.00 15.63 ? 1126 PHE A CG  1 
ATOM   335 C CD1 . PHE A 1 48  ? 8.268   5.564   -11.963 1.00 17.00 ? 1126 PHE A CD1 1 
ATOM   336 C CD2 . PHE A 1 48  ? 9.574   5.042   -13.902 1.00 15.87 ? 1126 PHE A CD2 1 
ATOM   337 C CE1 . PHE A 1 48  ? 8.198   4.206   -11.647 1.00 16.40 ? 1126 PHE A CE1 1 
ATOM   338 C CE2 . PHE A 1 48  ? 9.515   3.688   -13.592 1.00 17.26 ? 1126 PHE A CE2 1 
ATOM   339 C CZ  . PHE A 1 48  ? 8.822   3.278   -12.463 1.00 17.57 ? 1126 PHE A CZ  1 
ATOM   340 N N   . ASP A 1 49  ? 7.682   10.592  -13.734 1.00 17.69 ? 1127 ASP A N   1 
ATOM   341 C CA  . ASP A 1 49  ? 7.830   12.046  -13.587 1.00 19.80 ? 1127 ASP A CA  1 
ATOM   342 C C   . ASP A 1 49  ? 7.022   12.558  -12.395 1.00 19.06 ? 1127 ASP A C   1 
ATOM   343 O O   . ASP A 1 49  ? 7.465   13.416  -11.625 1.00 20.81 ? 1127 ASP A O   1 
ATOM   344 C CB  . ASP A 1 49  ? 7.363   12.798  -14.841 1.00 17.77 ? 1127 ASP A CB  1 
ATOM   345 C CG  . ASP A 1 49  ? 8.187   12.485  -16.074 1.00 26.74 ? 1127 ASP A CG  1 
ATOM   346 O OD1 . ASP A 1 49  ? 9.300   11.952  -15.947 1.00 29.41 ? 1127 ASP A OD1 1 
ATOM   347 O OD2 . ASP A 1 49  ? 7.710   12.798  -17.187 1.00 32.69 ? 1127 ASP A OD2 1 
ATOM   348 N N   . ILE A 1 50  ? 5.816   12.018  -12.268 1.00 17.34 ? 1128 ILE A N   1 
ATOM   349 C CA  . ILE A 1 50  ? 4.849   12.468  -11.292 1.00 18.05 ? 1128 ILE A CA  1 
ATOM   350 C C   . ILE A 1 50  ? 5.077   11.828  -9.941  1.00 18.05 ? 1128 ILE A C   1 
ATOM   351 O O   . ILE A 1 50  ? 5.030   12.486  -8.917  1.00 18.63 ? 1128 ILE A O   1 
ATOM   352 C CB  . ILE A 1 50  ? 3.422   12.141  -11.760 1.00 18.74 ? 1128 ILE A CB  1 
ATOM   353 C CG1 . ILE A 1 50  ? 3.150   12.796  -13.117 1.00 21.83 ? 1128 ILE A CG1 1 
ATOM   354 C CG2 . ILE A 1 50  ? 2.405   12.553  -10.722 1.00 18.09 ? 1128 ILE A CG2 1 
ATOM   355 C CD1 . ILE A 1 50  ? 3.460   14.258  -13.149 1.00 25.94 ? 1128 ILE A CD1 1 
ATOM   356 N N   . VAL A 1 51  ? 5.315   10.523  -9.968  1.00 15.24 ? 1129 VAL A N   1 
ATOM   357 C CA  . VAL A 1 51  ? 5.472   9.750   -8.753  1.00 14.14 ? 1129 VAL A CA  1 
ATOM   358 C C   . VAL A 1 51  ? 6.954   9.492   -8.518  1.00 16.29 ? 1129 VAL A C   1 
ATOM   359 O O   . VAL A 1 51  ? 7.566   8.663   -9.183  1.00 16.24 ? 1129 VAL A O   1 
ATOM   360 C CB  . VAL A 1 51  ? 4.695   8.444   -8.842  1.00 13.78 ? 1129 VAL A CB  1 
ATOM   361 C CG1 . VAL A 1 51  ? 4.893   7.627   -7.574  1.00 15.56 ? 1129 VAL A CG1 1 
ATOM   362 C CG2 . VAL A 1 51  ? 3.200   8.748   -9.034  1.00 14.04 ? 1129 VAL A CG2 1 
ATOM   363 N N   . LYS A 1 52  ? 7.516   10.226  -7.569  1.00 14.96 ? 1130 LYS A N   1 
ATOM   364 C CA  . LYS A 1 52  ? 8.948   10.197  -7.312  1.00 14.60 ? 1130 LYS A CA  1 
ATOM   365 C C   . LYS A 1 52  ? 9.301   9.096   -6.339  1.00 16.39 ? 1130 LYS A C   1 
ATOM   366 O O   . LYS A 1 52  ? 10.453  8.667   -6.249  1.00 19.49 ? 1130 LYS A O   1 
ATOM   367 C CB  . LYS A 1 52  ? 9.409   11.546  -6.759  1.00 17.92 ? 1130 LYS A CB  1 
ATOM   368 C CG  . LYS A 1 52  ? 9.432   12.666  -7.787  1.00 18.42 ? 1130 LYS A CG  1 
ATOM   369 C CD  . LYS A 1 52  ? 9.687   13.984  -7.058  1.00 20.42 ? 1130 LYS A CD  1 
ATOM   370 C CE  . LYS A 1 52  ? 9.946   15.138  -8.014  1.00 20.48 ? 1130 LYS A CE  1 
ATOM   371 N NZ  . LYS A 1 52  ? 11.138  14.906  -8.870  1.00 22.22 ? 1130 LYS A NZ  1 
ATOM   372 N N   . ASN A 1 53  ? 8.289   8.632   -5.623  1.00 13.72 ? 1131 ASN A N   1 
ATOM   373 C CA  . ASN A 1 53  ? 8.478   7.709   -4.517  1.00 16.15 ? 1131 ASN A CA  1 
ATOM   374 C C   . ASN A 1 53  ? 7.467   6.565   -4.630  1.00 13.77 ? 1131 ASN A C   1 
ATOM   375 O O   . ASN A 1 53  ? 6.583   6.428   -3.790  1.00 14.34 ? 1131 ASN A O   1 
ATOM   376 C CB  . ASN A 1 53  ? 8.306   8.477   -3.205  1.00 16.42 ? 1131 ASN A CB  1 
ATOM   377 C CG  . ASN A 1 53  ? 8.848   7.758   -2.002  1.00 18.11 ? 1131 ASN A CG  1 
ATOM   378 O OD1 . ASN A 1 53  ? 9.385   6.644   -2.078  1.00 21.80 ? 1131 ASN A OD1 1 
ATOM   379 N ND2 . ASN A 1 53  ? 8.694   8.399   -0.857  1.00 17.72 ? 1131 ASN A ND2 1 
ATOM   380 N N   . PRO A 1 54  ? 7.609   5.723   -5.666  1.00 14.91 ? 1132 PRO A N   1 
ATOM   381 C CA  . PRO A 1 54  ? 6.594   4.689   -5.892  1.00 15.74 ? 1132 PRO A CA  1 
ATOM   382 C C   . PRO A 1 54  ? 6.568   3.688   -4.747  1.00 16.34 ? 1132 PRO A C   1 
ATOM   383 O O   . PRO A 1 54  ? 7.570   3.478   -4.066  1.00 15.95 ? 1132 PRO A O   1 
ATOM   384 C CB  . PRO A 1 54  ? 7.034   4.022   -7.205  1.00 16.82 ? 1132 PRO A CB  1 
ATOM   385 C CG  . PRO A 1 54  ? 8.079   4.919   -7.786  1.00 22.30 ? 1132 PRO A CG  1 
ATOM   386 C CD  . PRO A 1 54  ? 8.672   5.712   -6.684  1.00 18.56 ? 1132 PRO A CD  1 
ATOM   387 N N   . MET A 1 55  ? 5.404   3.097   -4.531  1.00 14.14 ? 1133 MET A N   1 
ATOM   388 C CA  . MET A 1 55  ? 5.227   2.137   -3.468  1.00 15.39 ? 1133 MET A CA  1 
ATOM   389 C C   . MET A 1 55  ? 4.093   1.214   -3.856  1.00 15.33 ? 1133 MET A C   1 
ATOM   390 O O   . MET A 1 55  ? 3.121   1.653   -4.465  1.00 19.11 ? 1133 MET A O   1 
ATOM   391 C CB  . MET A 1 55  ? 4.934   2.848   -2.141  1.00 18.29 ? 1133 MET A CB  1 
ATOM   392 C CG  . MET A 1 55  ? 4.884   1.925   -0.924  1.00 17.58 ? 1133 MET A CG  1 
ATOM   393 S SD  . MET A 1 55  ? 6.415   0.985   -0.630  1.00 18.49 ? 1133 MET A SD  1 
ATOM   394 C CE  . MET A 1 55  ? 7.660   2.275   -0.572  1.00 21.14 ? 1133 MET A CE  1 
ATOM   395 N N   . ASP A 1 56  ? 4.238   -0.067  -3.536  1.00 15.49 ? 1134 ASP A N   1 
ATOM   396 C CA  . ASP A 1 56  ? 3.202   -1.044  -3.823  1.00 13.82 ? 1134 ASP A CA  1 
ATOM   397 C C   . ASP A 1 56  ? 3.198   -2.106  -2.747  1.00 14.66 ? 1134 ASP A C   1 
ATOM   398 O O   . ASP A 1 56  ? 4.084   -2.125  -1.894  1.00 16.43 ? 1134 ASP A O   1 
ATOM   399 C CB  . ASP A 1 56  ? 3.420   -1.673  -5.192  1.00 16.88 ? 1134 ASP A CB  1 
ATOM   400 C CG  . ASP A 1 56  ? 4.621   -2.575  -5.214  1.00 20.93 ? 1134 ASP A CG  1 
ATOM   401 O OD1 . ASP A 1 56  ? 5.754   -2.062  -5.091  1.00 21.27 ? 1134 ASP A OD1 1 
ATOM   402 O OD2 . ASP A 1 56  ? 4.418   -3.797  -5.340  1.00 24.05 ? 1134 ASP A OD2 1 
ATOM   403 N N   . LEU A 1 57  ? 2.217   -2.999  -2.803  1.00 15.46 ? 1135 LEU A N   1 
ATOM   404 C CA  . LEU A 1 57  ? 2.043   -3.995  -1.763  1.00 16.16 ? 1135 LEU A CA  1 
ATOM   405 C C   . LEU A 1 57  ? 3.243   -4.931  -1.683  1.00 18.23 ? 1135 LEU A C   1 
ATOM   406 O O   . LEU A 1 57  ? 3.663   -5.295  -0.583  1.00 17.60 ? 1135 LEU A O   1 
ATOM   407 C CB  . LEU A 1 57  ? 0.775   -4.800  -1.999  1.00 17.26 ? 1135 LEU A CB  1 
ATOM   408 C CG  . LEU A 1 57  ? -0.538  -4.044  -1.846  1.00 15.67 ? 1135 LEU A CG  1 
ATOM   409 C CD1 . LEU A 1 57  ? -1.664  -4.950  -2.329  1.00 19.47 ? 1135 LEU A CD1 1 
ATOM   410 C CD2 . LEU A 1 57  ? -0.752  -3.631  -0.414  1.00 18.56 ? 1135 LEU A CD2 1 
ATOM   411 N N   . SER A 1 58  ? 3.791   -5.313  -2.840  1.00 19.30 ? 1136 SER A N   1 
ATOM   412 C CA  . SER A 1 58  ? 4.919   -6.252  -2.863  1.00 18.33 ? 1136 SER A CA  1 
ATOM   413 C C   . SER A 1 58  ? 6.131   -5.650  -2.173  1.00 18.72 ? 1136 SER A C   1 
ATOM   414 O O   . SER A 1 58  ? 6.857   -6.350  -1.465  1.00 18.42 ? 1136 SER A O   1 
ATOM   415 C CB  . SER A 1 58  ? 5.284   -6.672  -4.292  1.00 19.98 ? 1136 SER A CB  1 
ATOM   416 O OG  . SER A 1 58  ? 6.001   -5.655  -4.977  1.00 23.03 ? 1136 SER A OG  1 
ATOM   417 N N   . THR A 1 59  ? 6.342   -4.352  -2.377  1.00 15.91 ? 1137 THR A N   1 
ATOM   418 C CA  . THR A 1 59  ? 7.438   -3.660  -1.720  1.00 16.31 ? 1137 THR A CA  1 
ATOM   419 C C   . THR A 1 59  ? 7.217   -3.580  -0.212  1.00 17.72 ? 1137 THR A C   1 
ATOM   420 O O   . THR A 1 59  ? 8.126   -3.832  0.581   1.00 17.73 ? 1137 THR A O   1 
ATOM   421 C CB  . THR A 1 59  ? 7.616   -2.245  -2.288  1.00 19.23 ? 1137 THR A CB  1 
ATOM   422 O OG1 . THR A 1 59  ? 7.942   -2.342  -3.678  1.00 19.49 ? 1137 THR A OG1 1 
ATOM   423 C CG2 . THR A 1 59  ? 8.736   -1.543  -1.557  1.00 18.95 ? 1137 THR A CG2 1 
ATOM   424 N N   . ILE A 1 60  ? 5.990   -3.266  0.187   1.00 14.71 ? 1138 ILE A N   1 
ATOM   425 C CA  . ILE A 1 60  ? 5.673   -3.172  1.601   1.00 14.88 ? 1138 ILE A CA  1 
ATOM   426 C C   . ILE A 1 60  ? 5.840   -4.533  2.261   1.00 19.96 ? 1138 ILE A C   1 
ATOM   427 O O   . ILE A 1 60  ? 6.400   -4.631  3.358   1.00 20.46 ? 1138 ILE A O   1 
ATOM   428 C CB  . ILE A 1 60  ? 4.257   -2.640  1.816   1.00 16.94 ? 1138 ILE A CB  1 
ATOM   429 C CG1 . ILE A 1 60  ? 4.204   -1.205  1.300   1.00 12.97 ? 1138 ILE A CG1 1 
ATOM   430 C CG2 . ILE A 1 60  ? 3.901   -2.683  3.292   1.00 19.12 ? 1138 ILE A CG2 1 
ATOM   431 C CD1 . ILE A 1 60  ? 2.818   -0.610  1.288   1.00 16.85 ? 1138 ILE A CD1 1 
ATOM   432 N N   . LYS A 1 61  ? 5.403   -5.585  1.575   1.00 17.75 ? 1139 LYS A N   1 
ATOM   433 C CA  . LYS A 1 61  ? 5.550   -6.936  2.116   1.00 19.49 ? 1139 LYS A CA  1 
ATOM   434 C C   . LYS A 1 61  ? 7.015   -7.295  2.312   1.00 18.28 ? 1139 LYS A C   1 
ATOM   435 O O   . LYS A 1 61  ? 7.390   -7.859  3.338   1.00 23.15 ? 1139 LYS A O   1 
ATOM   436 C CB  . LYS A 1 61  ? 4.891   -7.970  1.202   1.00 21.01 ? 1139 LYS A CB  1 
ATOM   437 C CG  . LYS A 1 61  ? 4.919   -9.376  1.789   1.00 24.01 ? 1139 LYS A CG  1 
ATOM   438 C CD  . LYS A 1 61  ? 4.135   -10.350 0.928   1.00 32.22 ? 1139 LYS A CD  1 
ATOM   439 C CE  . LYS A 1 61  ? 3.621   -11.525 1.756   1.00 39.19 ? 1139 LYS A CE  1 
ATOM   440 N NZ  . LYS A 1 61  ? 4.554   -11.884 2.860   1.00 40.96 ? 1139 LYS A NZ  1 
ATOM   441 N N   . ARG A 1 62  ? 7.843   -6.952  1.329   1.00 18.60 ? 1140 ARG A N   1 
ATOM   442 C CA  . ARG A 1 62  ? 9.251   -7.305  1.380   1.00 18.85 ? 1140 ARG A CA  1 
ATOM   443 C C   . ARG A 1 62  ? 9.947   -6.525  2.480   1.00 19.84 ? 1140 ARG A C   1 
ATOM   444 O O   . ARG A 1 62  ? 10.829  -7.048  3.151   1.00 23.14 ? 1140 ARG A O   1 
ATOM   445 C CB  . ARG A 1 62  ? 9.907   -7.073  0.026   1.00 19.75 ? 1140 ARG A CB  1 
ATOM   446 C CG  . ARG A 1 62  ? 9.368   -8.086  -1.006  1.00 21.83 ? 1140 ARG A CG  1 
ATOM   447 C CD  . ARG A 1 62  ? 9.714   -7.775  -2.453  1.00 30.41 ? 1140 ARG A CD  1 
ATOM   448 N NE  . ARG A 1 62  ? 11.048  -8.243  -2.815  1.00 33.53 ? 1140 ARG A NE  1 
ATOM   449 C CZ  . ARG A 1 62  ? 11.438  -8.484  -4.064  1.00 29.43 ? 1140 ARG A CZ  1 
ATOM   450 N NH1 . ARG A 1 62  ? 10.586  -8.327  -5.067  1.00 29.92 ? 1140 ARG A NH1 1 
ATOM   451 N NH2 . ARG A 1 62  ? 12.672  -8.903  -4.307  1.00 33.86 ? 1140 ARG A NH2 1 
ATOM   452 N N   . LYS A 1 63  ? 9.522   -5.282  2.691   1.00 16.44 ? 1141 LYS A N   1 
ATOM   453 C CA  . LYS A 1 63  ? 10.080  -4.497  3.794   1.00 18.99 ? 1141 LYS A CA  1 
ATOM   454 C C   . LYS A 1 63  ? 9.664   -5.060  5.144   1.00 20.33 ? 1141 LYS A C   1 
ATOM   455 O O   . LYS A 1 63  ? 10.473  -5.135  6.062   1.00 22.82 ? 1141 LYS A O   1 
ATOM   456 C CB  . LYS A 1 63  ? 9.669   -3.027  3.682   1.00 18.80 ? 1141 LYS A CB  1 
ATOM   457 C CG  . LYS A 1 63  ? 10.347  -2.340  2.530   1.00 16.91 ? 1141 LYS A CG  1 
ATOM   458 C CD  . LYS A 1 63  ? 9.953   -0.881  2.377   1.00 18.65 ? 1141 LYS A CD  1 
ATOM   459 C CE  . LYS A 1 63  ? 10.508  -0.006  3.492   1.00 21.62 ? 1141 LYS A CE  1 
ATOM   460 N NZ  . LYS A 1 63  ? 10.241  1.447   3.200   1.00 20.77 ? 1141 LYS A NZ  1 
ATOM   461 N N   . LEU A 1 64  ? 8.409   -5.469  5.251   1.00 21.55 ? 1142 LEU A N   1 
ATOM   462 C CA  . LEU A 1 64  ? 7.888   -6.046  6.476   1.00 23.67 ? 1142 LEU A CA  1 
ATOM   463 C C   . LEU A 1 64  ? 8.593   -7.357  6.782   1.00 26.67 ? 1142 LEU A C   1 
ATOM   464 O O   . LEU A 1 64  ? 8.966   -7.615  7.923   1.00 26.10 ? 1142 LEU A O   1 
ATOM   465 C CB  . LEU A 1 64  ? 6.382   -6.265  6.352   1.00 25.49 ? 1142 LEU A CB  1 
ATOM   466 C CG  . LEU A 1 64  ? 5.563   -6.471  7.622   1.00 27.18 ? 1142 LEU A CG  1 
ATOM   467 C CD1 . LEU A 1 64  ? 5.704   -5.279  8.540   1.00 26.91 ? 1142 LEU A CD1 1 
ATOM   468 C CD2 . LEU A 1 64  ? 4.106   -6.701  7.254   1.00 33.06 ? 1142 LEU A CD2 1 
ATOM   469 N N   . ASP A 1 65  ? 8.787   -8.175  5.752   1.00 23.80 ? 1143 ASP A N   1 
ATOM   470 C CA  . ASP A 1 65  ? 9.412   -9.488  5.918   1.00 26.82 ? 1143 ASP A CA  1 
ATOM   471 C C   . ASP A 1 65  ? 10.906  -9.406  6.237   1.00 29.39 ? 1143 ASP A C   1 
ATOM   472 O O   . ASP A 1 65  ? 11.452  -10.307 6.873   1.00 34.46 ? 1143 ASP A O   1 
ATOM   473 C CB  . ASP A 1 65  ? 9.197   -10.342 4.664   1.00 27.59 ? 1143 ASP A CB  1 
ATOM   474 C CG  . ASP A 1 65  ? 7.766   -10.840 4.532   1.00 30.25 ? 1143 ASP A CG  1 
ATOM   475 O OD1 . ASP A 1 65  ? 6.988   -10.683 5.497   1.00 33.24 ? 1143 ASP A OD1 1 
ATOM   476 O OD2 . ASP A 1 65  ? 7.417   -11.398 3.465   1.00 36.42 ? 1143 ASP A OD2 1 
ATOM   477 N N   . THR A 1 66  ? 11.567  -8.339  5.801   1.00 23.33 ? 1144 THR A N   1 
ATOM   478 C CA  . THR A 1 66  ? 13.000  -8.189  6.047   1.00 27.34 ? 1144 THR A CA  1 
ATOM   479 C C   . THR A 1 66  ? 13.268  -7.236  7.210   1.00 28.36 ? 1144 THR A C   1 
ATOM   480 O O   . THR A 1 66  ? 14.371  -6.704  7.350   1.00 33.16 ? 1144 THR A O   1 
ATOM   481 C CB  . THR A 1 66  ? 13.738  -7.690  4.797   1.00 29.93 ? 1144 THR A CB  1 
ATOM   482 O OG1 . THR A 1 66  ? 13.109  -6.503  4.309   1.00 27.07 ? 1144 THR A OG1 1 
ATOM   483 C CG2 . THR A 1 66  ? 13.691  -8.735  3.703   1.00 31.07 ? 1144 THR A CG2 1 
ATOM   484 N N   . GLY A 1 67  ? 12.249  -7.025  8.035   1.00 27.75 ? 1145 GLY A N   1 
ATOM   485 C CA  . GLY A 1 67  ? 12.372  -6.225  9.244   1.00 29.90 ? 1145 GLY A CA  1 
ATOM   486 C C   . GLY A 1 67  ? 12.856  -4.796  9.074   1.00 33.37 ? 1145 GLY A C   1 
ATOM   487 O O   . GLY A 1 67  ? 13.607  -4.290  9.906   1.00 32.74 ? 1145 GLY A O   1 
ATOM   488 N N   . GLN A 1 68  ? 12.421  -4.124  8.013   1.00 24.51 ? 1146 GLN A N   1 
ATOM   489 C CA  . GLN A 1 68  ? 12.878  -2.764  7.773   1.00 27.46 ? 1146 GLN A CA  1 
ATOM   490 C C   . GLN A 1 68  ? 12.006  -1.728  8.465   1.00 27.81 ? 1146 GLN A C   1 
ATOM   491 O O   . GLN A 1 68  ? 12.335  -0.545  8.466   1.00 33.40 ? 1146 GLN A O   1 
ATOM   492 C CB  . GLN A 1 68  ? 12.930  -2.476  6.281   1.00 25.96 ? 1146 GLN A CB  1 
ATOM   493 C CG  . GLN A 1 68  ? 13.862  -3.369  5.528   1.00 26.20 ? 1146 GLN A CG  1 
ATOM   494 C CD  . GLN A 1 68  ? 14.027  -2.918  4.104   1.00 31.00 ? 1146 GLN A CD  1 
ATOM   495 O OE1 . GLN A 1 68  ? 13.908  -1.732  3.805   1.00 32.06 ? 1146 GLN A OE1 1 
ATOM   496 N NE2 . GLN A 1 68  ? 14.280  -3.862  3.204   1.00 35.66 ? 1146 GLN A NE2 1 
ATOM   497 N N   . TYR A 1 69  ? 10.882  -2.164  9.024   1.00 27.02 ? 1147 TYR A N   1 
ATOM   498 C CA  . TYR A 1 69  ? 10.050  -1.268  9.821   1.00 29.50 ? 1147 TYR A CA  1 
ATOM   499 C C   . TYR A 1 69  ? 10.361  -1.454  11.301  1.00 33.80 ? 1147 TYR A C   1 
ATOM   500 O O   . TYR A 1 69  ? 10.014  -2.479  11.890  1.00 41.06 ? 1147 TYR A O   1 
ATOM   501 C CB  . TYR A 1 69  ? 8.569   -1.517  9.568   1.00 30.57 ? 1147 TYR A CB  1 
ATOM   502 C CG  . TYR A 1 69  ? 8.130   -1.291  8.143   1.00 25.03 ? 1147 TYR A CG  1 
ATOM   503 C CD1 . TYR A 1 69  ? 8.239   -0.045  7.550   1.00 23.20 ? 1147 TYR A CD1 1 
ATOM   504 C CD2 . TYR A 1 69  ? 7.587   -2.327  7.398   1.00 26.16 ? 1147 TYR A CD2 1 
ATOM   505 C CE1 . TYR A 1 69  ? 7.822   0.161   6.242   1.00 19.44 ? 1147 TYR A CE1 1 
ATOM   506 C CE2 . TYR A 1 69  ? 7.171   -2.133  6.103   1.00 24.45 ? 1147 TYR A CE2 1 
ATOM   507 C CZ  . TYR A 1 69  ? 7.295   -0.883  5.527   1.00 19.87 ? 1147 TYR A CZ  1 
ATOM   508 O OH  . TYR A 1 69  ? 6.870   -0.702  4.228   1.00 21.50 ? 1147 TYR A OH  1 
ATOM   509 N N   . GLN A 1 70  ? 11.007  -0.461  11.896  1.00 35.26 ? 1148 GLN A N   1 
ATOM   510 C CA  . GLN A 1 70  ? 11.389  -0.527  13.302  1.00 37.15 ? 1148 GLN A CA  1 
ATOM   511 C C   . GLN A 1 70  ? 10.243  -0.091  14.203  1.00 36.66 ? 1148 GLN A C   1 
ATOM   512 O O   . GLN A 1 70  ? 10.286  -0.274  15.419  1.00 34.73 ? 1148 GLN A O   1 
ATOM   513 C CB  . GLN A 1 70  ? 12.620  0.347   13.558  1.00 40.60 ? 1148 GLN A CB  1 
ATOM   514 N N   . GLU A 1 71  ? 9.199   0.456   13.589  1.00 28.80 ? 1149 GLU A N   1 
ATOM   515 C CA  . GLU A 1 71  ? 8.156   1.159   14.308  1.00 31.07 ? 1149 GLU A CA  1 
ATOM   516 C C   . GLU A 1 71  ? 6.906   1.155   13.426  1.00 30.49 ? 1149 GLU A C   1 
ATOM   517 O O   . GLU A 1 71  ? 7.027   1.325   12.216  1.00 29.12 ? 1149 GLU A O   1 
ATOM   518 C CB  . GLU A 1 71  ? 8.649   2.573   14.642  1.00 34.00 ? 1149 GLU A CB  1 
ATOM   519 C CG  . GLU A 1 71  ? 7.743   3.409   15.483  1.00 40.25 ? 1149 GLU A CG  1 
ATOM   520 C CD  . GLU A 1 71  ? 6.741   4.157   14.650  1.00 36.29 ? 1149 GLU A CD  1 
ATOM   521 O OE1 . GLU A 1 71  ? 7.166   4.997   13.822  1.00 38.40 ? 1149 GLU A OE1 1 
ATOM   522 O OE2 . GLU A 1 71  ? 5.533   3.898   14.825  1.00 39.24 ? 1149 GLU A OE2 1 
ATOM   523 N N   . PRO A 1 72  ? 5.717   0.928   14.016  1.00 29.12 ? 1150 PRO A N   1 
ATOM   524 C CA  . PRO A 1 72  ? 4.489   0.702   13.232  1.00 28.93 ? 1150 PRO A CA  1 
ATOM   525 C C   . PRO A 1 72  ? 4.061   1.874   12.344  1.00 28.80 ? 1150 PRO A C   1 
ATOM   526 O O   . PRO A 1 72  ? 3.414   1.643   11.328  1.00 25.13 ? 1150 PRO A O   1 
ATOM   527 C CB  . PRO A 1 72  ? 3.425   0.436   14.305  1.00 33.25 ? 1150 PRO A CB  1 
ATOM   528 C CG  . PRO A 1 72  ? 4.011   0.940   15.574  1.00 34.32 ? 1150 PRO A CG  1 
ATOM   529 C CD  . PRO A 1 72  ? 5.478   0.749   15.457  1.00 32.78 ? 1150 PRO A CD  1 
ATOM   530 N N   . TRP A 1 73  ? 4.400   3.104   12.712  1.00 29.22 ? 1151 TRP A N   1 
ATOM   531 C CA  . TRP A 1 73  ? 4.003   4.240   11.881  1.00 26.95 ? 1151 TRP A CA  1 
ATOM   532 C C   . TRP A 1 73  ? 4.805   4.303   10.586  1.00 25.12 ? 1151 TRP A C   1 
ATOM   533 O O   . TRP A 1 73  ? 4.349   4.892   9.601   1.00 22.87 ? 1151 TRP A O   1 
ATOM   534 C CB  . TRP A 1 73  ? 4.132   5.551   12.653  1.00 29.97 ? 1151 TRP A CB  1 
ATOM   535 C CG  . TRP A 1 73  ? 3.057   5.701   13.686  1.00 35.10 ? 1151 TRP A CG  1 
ATOM   536 C CD1 . TRP A 1 73  ? 3.173   5.501   15.033  1.00 35.85 ? 1151 TRP A CD1 1 
ATOM   537 C CD2 . TRP A 1 73  ? 1.690   6.058   13.450  1.00 32.57 ? 1151 TRP A CD2 1 
ATOM   538 N NE1 . TRP A 1 73  ? 1.965   5.719   15.648  1.00 31.62 ? 1151 TRP A NE1 1 
ATOM   539 C CE2 . TRP A 1 73  ? 1.038   6.066   14.701  1.00 39.23 ? 1151 TRP A CE2 1 
ATOM   540 C CE3 . TRP A 1 73  ? 0.953   6.380   12.303  1.00 34.82 ? 1151 TRP A CE3 1 
ATOM   541 C CZ2 . TRP A 1 73  ? -0.313  6.382   14.837  1.00 38.20 ? 1151 TRP A CZ2 1 
ATOM   542 C CZ3 . TRP A 1 73  ? -0.385  6.694   12.442  1.00 36.59 ? 1151 TRP A CZ3 1 
ATOM   543 C CH2 . TRP A 1 73  ? -1.006  6.691   13.698  1.00 36.16 ? 1151 TRP A CH2 1 
ATOM   544 N N   . GLN A 1 74  ? 5.986   3.695   10.569  1.00 21.64 ? 1152 GLN A N   1 
ATOM   545 C CA  . GLN A 1 74  ? 6.763   3.612   9.334   1.00 22.56 ? 1152 GLN A CA  1 
ATOM   546 C C   . GLN A 1 74  ? 6.044   2.762   8.283   1.00 17.53 ? 1152 GLN A C   1 
ATOM   547 O O   . GLN A 1 74  ? 6.098   3.050   7.095   1.00 19.77 ? 1152 GLN A O   1 
ATOM   548 C CB  . GLN A 1 74  ? 8.143   3.024   9.597   1.00 24.55 ? 1152 GLN A CB  1 
ATOM   549 C CG  . GLN A 1 74  ? 8.985   3.816   10.575  1.00 28.24 ? 1152 GLN A CG  1 
ATOM   550 C CD  . GLN A 1 74  ? 10.334  3.183   10.775  1.00 32.39 ? 1152 GLN A CD  1 
ATOM   551 O OE1 . GLN A 1 74  ? 10.442  1.961   10.869  1.00 31.82 ? 1152 GLN A OE1 1 
ATOM   552 N NE2 . GLN A 1 74  ? 11.377  4.006   10.835  1.00 37.02 ? 1152 GLN A NE2 1 
ATOM   553 N N   . TYR A 1 75  ? 5.397   1.700   8.741   1.00 18.86 ? 1153 TYR A N   1 
ATOM   554 C CA  . TYR A 1 75  ? 4.583   0.839   7.891   1.00 21.02 ? 1153 TYR A CA  1 
ATOM   555 C C   . TYR A 1 75  ? 3.349   1.584   7.414   1.00 19.55 ? 1153 TYR A C   1 
ATOM   556 O O   . TYR A 1 75  ? 3.009   1.576   6.227   1.00 19.60 ? 1153 TYR A O   1 
ATOM   557 C CB  . TYR A 1 75  ? 4.182   -0.419  8.657   1.00 22.84 ? 1153 TYR A CB  1 
ATOM   558 C CG  . TYR A 1 75  ? 3.057   -1.222  8.040   1.00 20.18 ? 1153 TYR A CG  1 
ATOM   559 C CD1 . TYR A 1 75  ? 3.296   -2.086  6.983   1.00 21.16 ? 1153 TYR A CD1 1 
ATOM   560 C CD2 . TYR A 1 75  ? 1.767   -1.144  8.538   1.00 17.44 ? 1153 TYR A CD2 1 
ATOM   561 C CE1 . TYR A 1 75  ? 2.278   -2.836  6.429   1.00 22.01 ? 1153 TYR A CE1 1 
ATOM   562 C CE2 . TYR A 1 75  ? 0.742   -1.887  7.991   1.00 20.06 ? 1153 TYR A CE2 1 
ATOM   563 C CZ  . TYR A 1 75  ? 1.000   -2.732  6.936   1.00 19.80 ? 1153 TYR A CZ  1 
ATOM   564 O OH  . TYR A 1 75  ? -0.006  -3.487  6.383   1.00 21.44 ? 1153 TYR A OH  1 
ATOM   565 N N   . VAL A 1 76  ? 2.686   2.247   8.352   1.00 21.33 ? 1154 VAL A N   1 
ATOM   566 C CA  . VAL A 1 76  ? 1.494   3.007   8.019   1.00 19.01 ? 1154 VAL A CA  1 
ATOM   567 C C   . VAL A 1 76  ? 1.854   4.087   7.005   1.00 16.94 ? 1154 VAL A C   1 
ATOM   568 O O   . VAL A 1 76  ? 1.122   4.320   6.047   1.00 18.17 ? 1154 VAL A O   1 
ATOM   569 C CB  . VAL A 1 76  ? 0.866   3.635   9.264   1.00 22.47 ? 1154 VAL A CB  1 
ATOM   570 C CG1 . VAL A 1 76  ? -0.331  4.467   8.866   1.00 23.86 ? 1154 VAL A CG1 1 
ATOM   571 C CG2 . VAL A 1 76  ? 0.425   2.539   10.217  1.00 24.63 ? 1154 VAL A CG2 1 
ATOM   572 N N   . ASP A 1 77  ? 3.008   4.718   7.187   1.00 18.82 ? 1155 ASP A N   1 
ATOM   573 C CA  . ASP A 1 77  ? 3.411   5.768   6.259   1.00 16.68 ? 1155 ASP A CA  1 
ATOM   574 C C   . ASP A 1 77  ? 3.635   5.238   4.839   1.00 19.53 ? 1155 ASP A C   1 
ATOM   575 O O   . ASP A 1 77  ? 3.315   5.917   3.862   1.00 18.28 ? 1155 ASP A O   1 
ATOM   576 C CB  . ASP A 1 77  ? 4.659   6.471   6.778   1.00 21.86 ? 1155 ASP A CB  1 
ATOM   577 C CG  . ASP A 1 77  ? 4.351   7.408   7.937   1.00 28.94 ? 1155 ASP A CG  1 
ATOM   578 O OD1 . ASP A 1 77  ? 3.153   7.701   8.162   1.00 34.22 ? 1155 ASP A OD1 1 
ATOM   579 O OD2 . ASP A 1 77  ? 5.300   7.846   8.623   1.00 31.09 ? 1155 ASP A OD2 1 
ATOM   580 N N   . ASP A 1 78  ? 4.165   4.025   4.711   1.00 17.20 ? 1156 ASP A N   1 
ATOM   581 C CA  . ASP A 1 78  ? 4.332   3.441   3.380   1.00 15.37 ? 1156 ASP A CA  1 
ATOM   582 C C   . ASP A 1 78  ? 3.017   3.037   2.735   1.00 16.33 ? 1156 ASP A C   1 
ATOM   583 O O   . ASP A 1 78  ? 2.869   3.127   1.515   1.00 16.10 ? 1156 ASP A O   1 
ATOM   584 C CB  . ASP A 1 78  ? 5.236   2.214   3.444   1.00 18.57 ? 1156 ASP A CB  1 
ATOM   585 C CG  . ASP A 1 78  ? 6.700   2.557   3.322   1.00 20.64 ? 1156 ASP A CG  1 
ATOM   586 O OD1 . ASP A 1 78  ? 7.045   3.745   3.126   1.00 21.52 ? 1156 ASP A OD1 1 
ATOM   587 O OD2 . ASP A 1 78  ? 7.517   1.614   3.398   1.00 20.49 ? 1156 ASP A OD2 1 
ATOM   588 N N   . VAL A 1 79  ? 2.074   2.549   3.536   1.00 15.52 ? 1157 VAL A N   1 
ATOM   589 C CA  . VAL A 1 79  ? 0.755   2.233   2.996   1.00 16.53 ? 1157 VAL A CA  1 
ATOM   590 C C   . VAL A 1 79  ? 0.102   3.500   2.477   1.00 16.07 ? 1157 VAL A C   1 
ATOM   591 O O   . VAL A 1 79  ? -0.414  3.529   1.365   1.00 16.18 ? 1157 VAL A O   1 
ATOM   592 C CB  . VAL A 1 79  ? -0.159  1.587   4.032   1.00 16.19 ? 1157 VAL A CB  1 
ATOM   593 C CG1 . VAL A 1 79  ? -1.548  1.419   3.458   1.00 17.58 ? 1157 VAL A CG1 1 
ATOM   594 C CG2 . VAL A 1 79  ? 0.407   0.233   4.471   1.00 17.02 ? 1157 VAL A CG2 1 
ATOM   595 N N   . TRP A 1 80  ? 0.148   4.565   3.267   1.00 17.14 ? 1158 TRP A N   1 
ATOM   596 C CA  . TRP A 1 80  ? -0.484  5.785   2.815   1.00 18.33 ? 1158 TRP A CA  1 
ATOM   597 C C   . TRP A 1 80  ? 0.286   6.414   1.661   1.00 14.82 ? 1158 TRP A C   1 
ATOM   598 O O   . TRP A 1 80  ? -0.317  7.090   0.830   1.00 16.87 ? 1158 TRP A O   1 
ATOM   599 C CB  . TRP A 1 80  ? -0.667  6.762   3.986   1.00 17.65 ? 1158 TRP A CB  1 
ATOM   600 C CG  . TRP A 1 80  ? -1.889  6.391   4.773   1.00 17.45 ? 1158 TRP A CG  1 
ATOM   601 C CD1 . TRP A 1 80  ? -1.939  5.618   5.896   1.00 27.57 ? 1158 TRP A CD1 1 
ATOM   602 C CD2 . TRP A 1 80  ? -3.246  6.722   4.454   1.00 19.91 ? 1158 TRP A CD2 1 
ATOM   603 N NE1 . TRP A 1 80  ? -3.244  5.469   6.315   1.00 25.45 ? 1158 TRP A NE1 1 
ATOM   604 C CE2 . TRP A 1 80  ? -4.063  6.136   5.442   1.00 21.81 ? 1158 TRP A CE2 1 
ATOM   605 C CE3 . TRP A 1 80  ? -3.843  7.461   3.432   1.00 21.79 ? 1158 TRP A CE3 1 
ATOM   606 C CZ2 . TRP A 1 80  ? -5.450  6.274   5.439   1.00 24.04 ? 1158 TRP A CZ2 1 
ATOM   607 C CZ3 . TRP A 1 80  ? -5.225  7.601   3.434   1.00 21.68 ? 1158 TRP A CZ3 1 
ATOM   608 C CH2 . TRP A 1 80  ? -6.011  7.001   4.427   1.00 22.92 ? 1158 TRP A CH2 1 
ATOM   609 N N   . LEU A 1 81  ? 1.588   6.157   1.569   1.00 13.92 ? 1159 LEU A N   1 
ATOM   610 C CA  . LEU A 1 81  ? 2.343   6.599   0.399   1.00 13.51 ? 1159 LEU A CA  1 
ATOM   611 C C   . LEU A 1 81  ? 1.799   5.926   -0.867  1.00 15.83 ? 1159 LEU A C   1 
ATOM   612 O O   . LEU A 1 81  ? 1.586   6.560   -1.889  1.00 14.62 ? 1159 LEU A O   1 
ATOM   613 C CB  . LEU A 1 81  ? 3.832   6.291   0.576   1.00 13.54 ? 1159 LEU A CB  1 
ATOM   614 C CG  . LEU A 1 81  ? 4.739   6.532   -0.623  1.00 14.08 ? 1159 LEU A CG  1 
ATOM   615 C CD1 . LEU A 1 81  ? 4.703   7.988   -1.076  1.00 15.09 ? 1159 LEU A CD1 1 
ATOM   616 C CD2 . LEU A 1 81  ? 6.168   6.080   -0.293  1.00 15.54 ? 1159 LEU A CD2 1 
ATOM   617 N N   . MET A 1 82  ? 1.555   4.632   -0.774  1.00 16.02 ? 1160 MET A N   1 
ATOM   618 C CA  . MET A 1 82  ? 0.994   3.899   -1.895  1.00 13.94 ? 1160 MET A CA  1 
ATOM   619 C C   . MET A 1 82  ? -0.357  4.481   -2.316  1.00 15.07 ? 1160 MET A C   1 
ATOM   620 O O   . MET A 1 82  ? -0.598  4.712   -3.499  1.00 16.38 ? 1160 MET A O   1 
ATOM   621 C CB  . MET A 1 82  ? 0.856   2.425   -1.531  1.00 15.54 ? 1160 MET A CB  1 
ATOM   622 C CG  . MET A 1 82  ? 0.205   1.611   -2.617  1.00 16.25 ? 1160 MET A CG  1 
ATOM   623 S SD  . MET A 1 82  ? 0.056   -0.094  -2.059  1.00 17.08 ? 1160 MET A SD  1 
ATOM   624 C CE  . MET A 1 82  ? -1.259  0.094   -0.863  1.00 22.89 ? 1160 MET A CE  1 
ATOM   625 N N   . PHE A 1 83  ? -1.230  4.736   -1.349  1.00 14.76 ? 1161 PHE A N   1 
ATOM   626 C CA  . PHE A 1 83  ? -2.522  5.346   -1.651  1.00 14.79 ? 1161 PHE A CA  1 
ATOM   627 C C   . PHE A 1 83  ? -2.347  6.726   -2.272  1.00 14.18 ? 1161 PHE A C   1 
ATOM   628 O O   . PHE A 1 83  ? -2.925  7.036   -3.310  1.00 15.57 ? 1161 PHE A O   1 
ATOM   629 C CB  . PHE A 1 83  ? -3.371  5.474   -0.395  1.00 15.77 ? 1161 PHE A CB  1 
ATOM   630 C CG  . PHE A 1 83  ? -3.742  4.163   0.240   1.00 13.53 ? 1161 PHE A CG  1 
ATOM   631 C CD1 . PHE A 1 83  ? -3.850  3.000   -0.511  1.00 14.74 ? 1161 PHE A CD1 1 
ATOM   632 C CD2 . PHE A 1 83  ? -3.979  4.103   1.604   1.00 16.93 ? 1161 PHE A CD2 1 
ATOM   633 C CE1 . PHE A 1 83  ? -4.196  1.791   0.094   1.00 19.64 ? 1161 PHE A CE1 1 
ATOM   634 C CE2 . PHE A 1 83  ? -4.315  2.904   2.215   1.00 16.27 ? 1161 PHE A CE2 1 
ATOM   635 C CZ  . PHE A 1 83  ? -4.423  1.751   1.461   1.00 17.45 ? 1161 PHE A CZ  1 
ATOM   636 N N   . ASN A 1 84  ? -1.542  7.563   -1.633  1.00 16.66 ? 1162 ASN A N   1 
ATOM   637 C CA  . ASN A 1 84  ? -1.415  8.928   -2.106  1.00 14.40 ? 1162 ASN A CA  1 
ATOM   638 C C   . ASN A 1 84  ? -0.836  8.997   -3.511  1.00 15.69 ? 1162 ASN A C   1 
ATOM   639 O O   . ASN A 1 84  ? -1.226  9.847   -4.302  1.00 15.92 ? 1162 ASN A O   1 
ATOM   640 C CB  . ASN A 1 84  ? -0.573  9.743   -1.126  1.00 16.00 ? 1162 ASN A CB  1 
ATOM   641 C CG  . ASN A 1 84  ? -1.317  10.035  0.161   1.00 18.78 ? 1162 ASN A CG  1 
ATOM   642 O OD1 . ASN A 1 84  ? -2.551  9.948   0.220   1.00 20.06 ? 1162 ASN A OD1 1 
ATOM   643 N ND2 . ASN A 1 84  ? -0.567  10.394  1.209   1.00 22.02 ? 1162 ASN A ND2 1 
ATOM   644 N N   . ASN A 1 85  ? 0.083   8.095   -3.844  1.00 15.55 ? 1163 ASN A N   1 
ATOM   645 C CA  . ASN A 1 85  ? 0.617   8.076   -5.199  1.00 13.28 ? 1163 ASN A CA  1 
ATOM   646 C C   . ASN A 1 85  ? -0.465  7.817   -6.237  1.00 12.14 ? 1163 ASN A C   1 
ATOM   647 O O   . ASN A 1 85  ? -0.500  8.460   -7.284  1.00 14.58 ? 1163 ASN A O   1 
ATOM   648 C CB  . ASN A 1 85  ? 1.696   7.007   -5.326  1.00 15.24 ? 1163 ASN A CB  1 
ATOM   649 C CG  . ASN A 1 85  ? 2.979   7.386   -4.635  1.00 13.64 ? 1163 ASN A CG  1 
ATOM   650 O OD1 . ASN A 1 85  ? 3.232   8.569   -4.332  1.00 16.30 ? 1163 ASN A OD1 1 
ATOM   651 N ND2 . ASN A 1 85  ? 3.814   6.377   -4.358  1.00 14.21 ? 1163 ASN A ND2 1 
ATOM   652 N N   . ALA A 1 86  ? -1.338  6.865   -5.931  1.00 12.15 ? 1164 ALA A N   1 
ATOM   653 C CA  . ALA A 1 86  ? -2.408  6.479   -6.842  1.00 13.95 ? 1164 ALA A CA  1 
ATOM   654 C C   . ALA A 1 86  ? -3.450  7.586   -6.984  1.00 14.20 ? 1164 ALA A C   1 
ATOM   655 O O   . ALA A 1 86  ? -3.960  7.847   -8.088  1.00 14.38 ? 1164 ALA A O   1 
ATOM   656 C CB  . ALA A 1 86  ? -3.070  5.183   -6.349  1.00 13.19 ? 1164 ALA A CB  1 
ATOM   657 N N   . TRP A 1 87  ? -3.759  8.257   -5.880  1.00 12.79 ? 1165 TRP A N   1 
ATOM   658 C CA  . TRP A 1 87  ? -4.708  9.363   -5.947  1.00 15.14 ? 1165 TRP A CA  1 
ATOM   659 C C   . TRP A 1 87  ? -4.086  10.537  -6.698  1.00 17.52 ? 1165 TRP A C   1 
ATOM   660 O O   . TRP A 1 87  ? -4.782  11.314  -7.360  1.00 15.52 ? 1165 TRP A O   1 
ATOM   661 C CB  . TRP A 1 87  ? -5.128  9.785   -4.550  1.00 15.54 ? 1165 TRP A CB  1 
ATOM   662 C CG  . TRP A 1 87  ? -6.090  8.856   -3.876  1.00 15.65 ? 1165 TRP A CG  1 
ATOM   663 C CD1 . TRP A 1 87  ? -7.136  8.164   -4.438  1.00 15.61 ? 1165 TRP A CD1 1 
ATOM   664 C CD2 . TRP A 1 87  ? -6.097  8.536   -2.491  1.00 16.01 ? 1165 TRP A CD2 1 
ATOM   665 N NE1 . TRP A 1 87  ? -7.787  7.430   -3.476  1.00 14.10 ? 1165 TRP A NE1 1 
ATOM   666 C CE2 . TRP A 1 87  ? -7.173  7.649   -2.267  1.00 15.24 ? 1165 TRP A CE2 1 
ATOM   667 C CE3 . TRP A 1 87  ? -5.303  8.932   -1.408  1.00 13.19 ? 1165 TRP A CE3 1 
ATOM   668 C CZ2 . TRP A 1 87  ? -7.463  7.136   -1.002  1.00 19.13 ? 1165 TRP A CZ2 1 
ATOM   669 C CZ3 . TRP A 1 87  ? -5.582  8.431   -0.166  1.00 15.72 ? 1165 TRP A CZ3 1 
ATOM   670 C CH2 . TRP A 1 87  ? -6.653  7.541   0.038   1.00 16.66 ? 1165 TRP A CH2 1 
ATOM   671 N N   . LEU A 1 88  ? -2.771  10.678  -6.588  1.00 14.29 ? 1166 LEU A N   1 
ATOM   672 C CA  . LEU A 1 88  ? -2.090  11.781  -7.254  1.00 14.78 ? 1166 LEU A CA  1 
ATOM   673 C C   . LEU A 1 88  ? -2.033  11.561  -8.742  1.00 14.42 ? 1166 LEU A C   1 
ATOM   674 O O   . LEU A 1 88  ? -2.315  12.467  -9.530  1.00 18.55 ? 1166 LEU A O   1 
ATOM   675 C CB  . LEU A 1 88  ? -0.672  11.954  -6.705  1.00 17.59 ? 1166 LEU A CB  1 
ATOM   676 C CG  . LEU A 1 88  ? 0.209   12.960  -7.440  1.00 19.10 ? 1166 LEU A CG  1 
ATOM   677 C CD1 . LEU A 1 88  ? -0.274  14.369  -7.163  1.00 19.96 ? 1166 LEU A CD1 1 
ATOM   678 C CD2 . LEU A 1 88  ? 1.653   12.811  -7.027  1.00 17.85 ? 1166 LEU A CD2 1 
ATOM   679 N N   . TYR A 1 89  ? -1.639  10.358  -9.148  1.00 14.19 ? 1167 TYR A N   1 
ATOM   680 C CA  . TYR A 1 89  ? -1.440  10.120  -10.567 1.00 13.27 ? 1167 TYR A CA  1 
ATOM   681 C C   . TYR A 1 89  ? -2.737  9.972   -11.347 1.00 15.62 ? 1167 TYR A C   1 
ATOM   682 O O   . TYR A 1 89  ? -2.878  10.493  -12.465 1.00 15.82 ? 1167 TYR A O   1 
ATOM   683 C CB  . TYR A 1 89  ? -0.567  8.873   -10.802 1.00 13.46 ? 1167 TYR A CB  1 
ATOM   684 C CG  . TYR A 1 89  ? -0.327  8.736   -12.270 1.00 15.79 ? 1167 TYR A CG  1 
ATOM   685 C CD1 . TYR A 1 89  ? 0.596   9.559   -12.911 1.00 17.29 ? 1167 TYR A CD1 1 
ATOM   686 C CD2 . TYR A 1 89  ? -1.088  7.865   -13.046 1.00 14.15 ? 1167 TYR A CD2 1 
ATOM   687 C CE1 . TYR A 1 89  ? 0.773   9.492   -14.289 1.00 21.78 ? 1167 TYR A CE1 1 
ATOM   688 C CE2 . TYR A 1 89  ? -0.918  7.799   -14.414 1.00 18.99 ? 1167 TYR A CE2 1 
ATOM   689 C CZ  . TYR A 1 89  ? 0.012   8.611   -15.027 1.00 19.93 ? 1167 TYR A CZ  1 
ATOM   690 O OH  . TYR A 1 89  ? 0.167   8.556   -16.386 1.00 21.65 ? 1167 TYR A OH  1 
ATOM   691 N N   . ASN A 1 90  ? -3.684  9.257   -10.768 1.00 14.98 ? 1168 ASN A N   1 
ATOM   692 C CA  . ASN A 1 90  ? -4.879  8.891   -11.492 1.00 13.69 ? 1168 ASN A CA  1 
ATOM   693 C C   . ASN A 1 90  ? -6.017  9.876   -11.326 1.00 13.92 ? 1168 ASN A C   1 
ATOM   694 O O   . ASN A 1 90  ? -6.105  10.555  -10.302 1.00 19.89 ? 1168 ASN A O   1 
ATOM   695 C CB  . ASN A 1 90  ? -5.320  7.513   -11.036 1.00 14.00 ? 1168 ASN A CB  1 
ATOM   696 C CG  . ASN A 1 90  ? -4.276  6.476   -11.312 1.00 15.69 ? 1168 ASN A CG  1 
ATOM   697 O OD1 . ASN A 1 90  ? -4.140  6.007   -12.441 1.00 17.68 ? 1168 ASN A OD1 1 
ATOM   698 N ND2 . ASN A 1 90  ? -3.531  6.104   -10.287 1.00 15.93 ? 1168 ASN A ND2 1 
ATOM   699 N N   . ARG A 1 91  ? -6.873  9.961   -12.345 1.00 14.58 ? 1169 ARG A N   1 
ATOM   700 C CA  . ARG A 1 91  ? -8.047  10.826  -12.274 1.00 17.81 ? 1169 ARG A CA  1 
ATOM   701 C C   . ARG A 1 91  ? -9.077  10.223  -11.336 1.00 14.75 ? 1169 ARG A C   1 
ATOM   702 O O   . ARG A 1 91  ? -9.117  9.013   -11.151 1.00 18.34 ? 1169 ARG A O   1 
ATOM   703 C CB  . ARG A 1 91  ? -8.661  11.040  -13.662 1.00 22.07 ? 1169 ARG A CB  1 
ATOM   704 C CG  . ARG A 1 91  ? -7.697  11.587  -14.710 1.00 26.02 ? 1169 ARG A CG  1 
ATOM   705 C CD  . ARG A 1 91  ? -7.114  12.919  -14.277 1.00 28.24 ? 1169 ARG A CD  1 
ATOM   706 N N   . LYS A 1 92  ? -9.919  11.065  -10.749 1.00 14.60 ? 1170 LYS A N   1 
ATOM   707 C CA  . LYS A 1 92  ? -10.945 10.581  -9.839  1.00 14.27 ? 1170 LYS A CA  1 
ATOM   708 C C   . LYS A 1 92  ? -11.864 9.584   -10.522 1.00 16.06 ? 1170 LYS A C   1 
ATOM   709 O O   . LYS A 1 92  ? -12.458 8.739   -9.858  1.00 18.38 ? 1170 LYS A O   1 
ATOM   710 C CB  . LYS A 1 92  ? -11.761 11.750  -9.293  1.00 16.48 ? 1170 LYS A CB  1 
ATOM   711 C CG  . LYS A 1 92  ? -10.938 12.669  -8.435  1.00 16.01 ? 1170 LYS A CG  1 
ATOM   712 C CD  . LYS A 1 92  ? -11.686 13.927  -8.046  1.00 15.77 ? 1170 LYS A CD  1 
ATOM   713 C CE  . LYS A 1 92  ? -10.708 14.898  -7.388  1.00 19.51 ? 1170 LYS A CE  1 
ATOM   714 N NZ  . LYS A 1 92  ? -11.313 16.218  -7.071  1.00 21.98 ? 1170 LYS A NZ  1 
ATOM   715 N N   . THR A 1 93  ? -11.968 9.681   -11.848 1.00 15.39 ? 1171 THR A N   1 
ATOM   716 C CA  . THR A 1 93  ? -12.780 8.768   -12.651 1.00 15.61 ? 1171 THR A CA  1 
ATOM   717 C C   . THR A 1 93  ? -12.150 7.417   -12.940 1.00 17.14 ? 1171 THR A C   1 
ATOM   718 O O   . THR A 1 93  ? -12.796 6.540   -13.513 1.00 21.88 ? 1171 THR A O   1 
ATOM   719 C CB  . THR A 1 93  ? -13.092 9.409   -13.992 1.00 20.96 ? 1171 THR A CB  1 
ATOM   720 O OG1 . THR A 1 93  ? -11.853 9.771   -14.615 1.00 19.84 ? 1171 THR A OG1 1 
ATOM   721 C CG2 . THR A 1 93  ? -13.939 10.653  -13.780 1.00 21.21 ? 1171 THR A CG2 1 
ATOM   722 N N   . SER A 1 94  ? -10.891 7.248   -12.557 1.00 18.39 ? 1172 SER A N   1 
ATOM   723 C CA  A SER A 1 94  ? -10.205 6.022   -12.922 0.37 17.94 ? 1172 SER A CA  1 
ATOM   724 C CA  B SER A 1 94  ? -10.115 6.041   -12.846 0.63 17.93 ? 1172 SER A CA  1 
ATOM   725 C C   . SER A 1 94  ? -10.536 4.853   -12.001 1.00 16.92 ? 1172 SER A C   1 
ATOM   726 O O   . SER A 1 94  ? -10.825 5.008   -10.814 1.00 15.88 ? 1172 SER A O   1 
ATOM   727 C CB  A SER A 1 94  ? -8.701  6.247   -12.952 0.37 18.34 ? 1172 SER A CB  1 
ATOM   728 C CB  B SER A 1 94  ? -8.621  6.304   -12.621 0.63 18.29 ? 1172 SER A CB  1 
ATOM   729 O OG  A SER A 1 94  ? -8.271  6.844   -11.753 0.37 16.30 ? 1172 SER A OG  1 
ATOM   730 O OG  B SER A 1 94  ? -7.889  5.099   -12.435 0.63 18.46 ? 1172 SER A OG  1 
ATOM   731 N N   . ARG A 1 95  ? -10.521 3.672   -12.604 1.00 14.20 ? 1173 ARG A N   1 
ATOM   732 C CA  . ARG A 1 95  ? -10.664 2.423   -11.884 1.00 11.73 ? 1173 ARG A CA  1 
ATOM   733 C C   . ARG A 1 95  ? -9.671  2.356   -10.726 1.00 14.99 ? 1173 ARG A C   1 
ATOM   734 O O   . ARG A 1 95  ? -9.991  1.939   -9.615  1.00 15.52 ? 1173 ARG A O   1 
ATOM   735 C CB  . ARG A 1 95  ? -10.428 1.272   -12.861 1.00 12.84 ? 1173 ARG A CB  1 
ATOM   736 C CG  . ARG A 1 95  ? -10.511 -0.120  -12.287 1.00 14.11 ? 1173 ARG A CG  1 
ATOM   737 C CD  . ARG A 1 95  ? -10.358 -1.066  -13.442 1.00 16.08 ? 1173 ARG A CD  1 
ATOM   738 N NE  . ARG A 1 95  ? -10.518 -2.461  -13.054 1.00 15.04 ? 1173 ARG A NE  1 
ATOM   739 C CZ  . ARG A 1 95  ? -9.517  -3.255  -12.694 1.00 15.37 ? 1173 ARG A CZ  1 
ATOM   740 N NH1 . ARG A 1 95  ? -8.267  -2.788  -12.649 1.00 16.47 ? 1173 ARG A NH1 1 
ATOM   741 N NH2 . ARG A 1 95  ? -9.776  -4.518  -12.372 1.00 16.96 ? 1173 ARG A NH2 1 
ATOM   742 N N   . VAL A 1 96  ? -8.442  2.767   -10.999 1.00 13.68 ? 1174 VAL A N   1 
ATOM   743 C CA  . VAL A 1 96  ? -7.397  2.655   -9.995  1.00 13.23 ? 1174 VAL A CA  1 
ATOM   744 C C   . VAL A 1 96  ? -7.660  3.609   -8.848  1.00 14.59 ? 1174 VAL A C   1 
ATOM   745 O O   . VAL A 1 96  ? -7.482  3.248   -7.691  1.00 13.63 ? 1174 VAL A O   1 
ATOM   746 C CB  . VAL A 1 96  ? -6.016  2.919   -10.601 1.00 14.54 ? 1174 VAL A CB  1 
ATOM   747 C CG1 . VAL A 1 96  ? -4.926  2.864   -9.520  1.00 14.77 ? 1174 VAL A CG1 1 
ATOM   748 C CG2 . VAL A 1 96  ? -5.746  1.875   -11.673 1.00 14.18 ? 1174 VAL A CG2 1 
ATOM   749 N N   . TYR A 1 97  ? -8.097  4.824   -9.160  1.00 13.32 ? 1175 TYR A N   1 
ATOM   750 C CA  . TYR A 1 97  ? -8.422  5.795   -8.115  1.00 15.25 ? 1175 TYR A CA  1 
ATOM   751 C C   . TYR A 1 97  ? -9.525  5.271   -7.215  1.00 13.39 ? 1175 TYR A C   1 
ATOM   752 O O   . TYR A 1 97  ? -9.440  5.364   -5.994  1.00 15.47 ? 1175 TYR A O   1 
ATOM   753 C CB  . TYR A 1 97  ? -8.841  7.118   -8.740  1.00 15.70 ? 1175 TYR A CB  1 
ATOM   754 C CG  . TYR A 1 97  ? -8.983  8.302   -7.799  1.00 12.66 ? 1175 TYR A CG  1 
ATOM   755 C CD1 . TYR A 1 97  ? -10.106 8.452   -6.997  1.00 17.09 ? 1175 TYR A CD1 1 
ATOM   756 C CD2 . TYR A 1 97  ? -8.026  9.305   -7.780  1.00 13.25 ? 1175 TYR A CD2 1 
ATOM   757 C CE1 . TYR A 1 97  ? -10.245 9.557   -6.159  1.00 16.87 ? 1175 TYR A CE1 1 
ATOM   758 C CE2 . TYR A 1 97  ? -8.160  10.405  -6.952  1.00 16.41 ? 1175 TYR A CE2 1 
ATOM   759 C CZ  . TYR A 1 97  ? -9.270  10.522  -6.148  1.00 17.92 ? 1175 TYR A CZ  1 
ATOM   760 O OH  . TYR A 1 97  ? -9.402  11.630  -5.327  1.00 19.02 ? 1175 TYR A OH  1 
ATOM   761 N N   . LYS A 1 98  ? -10.568 4.713   -7.822  1.00 14.21 ? 1176 LYS A N   1 
ATOM   762 C CA  . LYS A 1 98  ? -11.686 4.234   -7.040  1.00 14.57 ? 1176 LYS A CA  1 
ATOM   763 C C   . LYS A 1 98  ? -11.319 3.009   -6.220  1.00 16.25 ? 1176 LYS A C   1 
ATOM   764 O O   . LYS A 1 98  ? -11.777 2.876   -5.084  1.00 17.75 ? 1176 LYS A O   1 
ATOM   765 C CB  . LYS A 1 98  ? -12.868 3.953   -7.958  1.00 17.13 ? 1176 LYS A CB  1 
ATOM   766 C CG  . LYS A 1 98  ? -13.389 5.250   -8.572  1.00 17.25 ? 1176 LYS A CG  1 
ATOM   767 C CD  . LYS A 1 98  ? -14.540 5.029   -9.542  1.00 19.39 ? 1176 LYS A CD  1 
ATOM   768 C CE  . LYS A 1 98  ? -15.023 6.345   -10.128 1.00 25.12 ? 1176 LYS A CE  1 
ATOM   769 N NZ  . LYS A 1 98  ? -15.487 7.304   -9.085  1.00 26.62 ? 1176 LYS A NZ  1 
ATOM   770 N N   . PHE A 1 99  ? -10.495 2.132   -6.795  1.00 16.29 ? 1177 PHE A N   1 
ATOM   771 C CA  . PHE A 1 99  ? -9.997  0.962   -6.081  1.00 16.00 ? 1177 PHE A CA  1 
ATOM   772 C C   . PHE A 1 99  ? -9.174  1.417   -4.883  1.00 16.10 ? 1177 PHE A C   1 
ATOM   773 O O   . PHE A 1 99  ? -9.240  0.831   -3.809  1.00 18.20 ? 1177 PHE A O   1 
ATOM   774 C CB  . PHE A 1 99  ? -9.135  0.076   -6.983  1.00 14.72 ? 1177 PHE A CB  1 
ATOM   775 C CG  . PHE A 1 99  ? -9.916  -0.791  -7.922  1.00 15.26 ? 1177 PHE A CG  1 
ATOM   776 C CD1 . PHE A 1 99  ? -11.291 -0.645  -8.076  1.00 17.55 ? 1177 PHE A CD1 1 
ATOM   777 C CD2 . PHE A 1 99  ? -9.270  -1.768  -8.659  1.00 14.80 ? 1177 PHE A CD2 1 
ATOM   778 C CE1 . PHE A 1 99  ? -11.991 -1.448  -8.963  1.00 16.52 ? 1177 PHE A CE1 1 
ATOM   779 C CE2 . PHE A 1 99  ? -9.964  -2.577  -9.544  1.00 15.59 ? 1177 PHE A CE2 1 
ATOM   780 C CZ  . PHE A 1 99  ? -11.332 -2.424  -9.690  1.00 20.01 ? 1177 PHE A CZ  1 
ATOM   781 N N   . CYS A 1 100 ? -8.370  2.454   -5.099  1.00 15.79 ? 1178 CYS A N   1 
ATOM   782 C CA  . CYS A 1 100 ? -7.503  2.959   -4.051  1.00 15.04 ? 1178 CYS A CA  1 
ATOM   783 C C   . CYS A 1 100 ? -8.341  3.434   -2.864  1.00 16.35 ? 1178 CYS A C   1 
ATOM   784 O O   . CYS A 1 100 ? -8.050  3.142   -1.705  1.00 17.08 ? 1178 CYS A O   1 
ATOM   785 C CB  . CYS A 1 100 ? -6.645  4.095   -4.585  1.00 13.02 ? 1178 CYS A CB  1 
ATOM   786 S SG  . CYS A 1 100 ? -5.499  4.700   -3.355  1.00 17.85 ? 1178 CYS A SG  1 
ATOM   787 N N   . SER A 1 101 ? -9.413  4.146   -3.175  1.00 15.70 ? 1179 SER A N   1 
ATOM   788 C CA  . SER A 1 101 ? -10.305 4.649   -2.152  1.00 16.67 ? 1179 SER A CA  1 
ATOM   789 C C   . SER A 1 101 ? -10.900 3.513   -1.324  1.00 18.82 ? 1179 SER A C   1 
ATOM   790 O O   . SER A 1 101 ? -11.026 3.627   -0.113  1.00 18.36 ? 1179 SER A O   1 
ATOM   791 C CB  . SER A 1 101 ? -11.398 5.484   -2.804  1.00 15.32 ? 1179 SER A CB  1 
ATOM   792 O OG  . SER A 1 101 ? -10.836 6.694   -3.290  1.00 15.86 ? 1179 SER A OG  1 
ATOM   793 N N   . LYS A 1 102 ? -11.236 2.409   -1.979  1.00 17.19 ? 1180 LYS A N   1 
ATOM   794 C CA  . LYS A 1 102 ? -11.754 1.247   -1.276  1.00 17.63 ? 1180 LYS A CA  1 
ATOM   795 C C   . LYS A 1 102 ? -10.700 0.655   -0.359  1.00 19.33 ? 1180 LYS A C   1 
ATOM   796 O O   . LYS A 1 102 ? -10.987 0.316   0.785   1.00 19.76 ? 1180 LYS A O   1 
ATOM   797 C CB  . LYS A 1 102 ? -12.226 0.182   -2.257  1.00 20.65 ? 1180 LYS A CB  1 
ATOM   798 C CG  . LYS A 1 102 ? -12.545 -1.157  -1.600  1.00 25.27 ? 1180 LYS A CG  1 
ATOM   799 C CD  . LYS A 1 102 ? -13.635 -1.024  -0.547  1.00 26.65 ? 1180 LYS A CD  1 
ATOM   800 C CE  . LYS A 1 102 ? -14.101 -2.396  -0.079  1.00 32.31 ? 1180 LYS A CE  1 
ATOM   801 N NZ  . LYS A 1 102 ? -15.237 -2.305  0.874   1.00 39.51 ? 1180 LYS A NZ  1 
ATOM   802 N N   . LEU A 1 103 ? -9.482  0.521   -0.875  1.00 18.52 ? 1181 LEU A N   1 
ATOM   803 C CA  . LEU A 1 103 ? -8.383  -0.003  -0.076  1.00 18.79 ? 1181 LEU A CA  1 
ATOM   804 C C   . LEU A 1 103 ? -8.118  0.857   1.155   1.00 18.29 ? 1181 LEU A C   1 
ATOM   805 O O   . LEU A 1 103 ? -7.790  0.334   2.218   1.00 19.42 ? 1181 LEU A O   1 
ATOM   806 C CB  . LEU A 1 103 ? -7.108  -0.103  -0.911  1.00 20.38 ? 1181 LEU A CB  1 
ATOM   807 C CG  . LEU A 1 103 ? -7.096  -1.184  -1.983  1.00 21.32 ? 1181 LEU A CG  1 
ATOM   808 C CD1 . LEU A 1 103 ? -5.731  -1.223  -2.610  1.00 20.60 ? 1181 LEU A CD1 1 
ATOM   809 C CD2 . LEU A 1 103 ? -7.432  -2.542  -1.371  1.00 19.82 ? 1181 LEU A CD2 1 
ATOM   810 N N   . ALA A 1 104 ? -8.247  2.171   1.010   1.00 18.81 ? 1182 ALA A N   1 
ATOM   811 C CA  . ALA A 1 104 ? -7.963  3.068   2.129   1.00 19.25 ? 1182 ALA A CA  1 
ATOM   812 C C   . ALA A 1 104 ? -9.001  2.860   3.229   1.00 19.03 ? 1182 ALA A C   1 
ATOM   813 O O   . ALA A 1 104 ? -8.681  2.884   4.420   1.00 21.66 ? 1182 ALA A O   1 
ATOM   814 C CB  . ALA A 1 104 ? -7.941  4.522   1.672   1.00 18.05 ? 1182 ALA A CB  1 
ATOM   815 N N   . GLU A 1 105 ? -10.243 2.624   2.823   1.00 16.65 ? 1183 GLU A N   1 
ATOM   816 C CA  . GLU A 1 105 ? -11.310 2.339   3.772   1.00 17.21 ? 1183 GLU A CA  1 
ATOM   817 C C   . GLU A 1 105 ? -11.039 1.046   4.517   1.00 21.92 ? 1183 GLU A C   1 
ATOM   818 O O   . GLU A 1 105 ? -11.151 0.990   5.742   1.00 24.57 ? 1183 GLU A O   1 
ATOM   819 C CB  . GLU A 1 105 ? -12.663 2.245   3.058   1.00 23.96 ? 1183 GLU A CB  1 
ATOM   820 C CG  . GLU A 1 105 ? -13.174 3.556   2.524   1.00 23.26 ? 1183 GLU A CG  1 
ATOM   821 N N   . VAL A 1 106 ? -10.671 0.013   3.770   1.00 22.67 ? 1184 VAL A N   1 
ATOM   822 C CA  . VAL A 1 106 ? -10.351 -1.284  4.351   1.00 22.26 ? 1184 VAL A CA  1 
ATOM   823 C C   . VAL A 1 106 ? -9.182  -1.144  5.313   1.00 22.03 ? 1184 VAL A C   1 
ATOM   824 O O   . VAL A 1 106 ? -9.225  -1.648  6.431   1.00 22.88 ? 1184 VAL A O   1 
ATOM   825 C CB  . VAL A 1 106 ? -9.999  -2.329  3.267   1.00 21.67 ? 1184 VAL A CB  1 
ATOM   826 C CG1 . VAL A 1 106 ? -9.478  -3.618  3.906   1.00 25.56 ? 1184 VAL A CG1 1 
ATOM   827 C CG2 . VAL A 1 106 ? -11.190 -2.624  2.388   1.00 23.92 ? 1184 VAL A CG2 1 
ATOM   828 N N   . PHE A 1 107 ? -8.140  -0.436  4.889   1.00 19.69 ? 1185 PHE A N   1 
ATOM   829 C CA  . PHE A 1 107 ? -6.963  -0.292  5.728   1.00 22.67 ? 1185 PHE A CA  1 
ATOM   830 C C   . PHE A 1 107 ? -7.293  0.400   7.042   1.00 22.48 ? 1185 PHE A C   1 
ATOM   831 O O   . PHE A 1 107 ? -6.917  -0.088  8.105   1.00 25.73 ? 1185 PHE A O   1 
ATOM   832 C CB  . PHE A 1 107 ? -5.873  0.478   5.004   1.00 18.76 ? 1185 PHE A CB  1 
ATOM   833 C CG  . PHE A 1 107 ? -4.591  0.549   5.769   1.00 19.31 ? 1185 PHE A CG  1 
ATOM   834 C CD1 . PHE A 1 107 ? -3.822  -0.592  5.950   1.00 19.60 ? 1185 PHE A CD1 1 
ATOM   835 C CD2 . PHE A 1 107 ? -4.138  1.751   6.282   1.00 22.40 ? 1185 PHE A CD2 1 
ATOM   836 C CE1 . PHE A 1 107 ? -2.633  -0.526  6.656   1.00 18.83 ? 1185 PHE A CE1 1 
ATOM   837 C CE2 . PHE A 1 107 ? -2.953  1.816   6.984   1.00 22.34 ? 1185 PHE A CE2 1 
ATOM   838 C CZ  . PHE A 1 107 ? -2.204  0.673   7.169   1.00 22.80 ? 1185 PHE A CZ  1 
ATOM   839 N N   . GLU A 1 108 ? -8.004  1.525   6.964   1.00 21.69 ? 1186 GLU A N   1 
ATOM   840 C CA  . GLU A 1 108 ? -8.369  2.266   8.161   1.00 23.16 ? 1186 GLU A CA  1 
ATOM   841 C C   . GLU A 1 108 ? -9.140  1.381   9.130   1.00 24.76 ? 1186 GLU A C   1 
ATOM   842 O O   . GLU A 1 108 ? -8.897  1.421   10.337  1.00 27.94 ? 1186 GLU A O   1 
ATOM   843 C CB  . GLU A 1 108 ? -9.181  3.512   7.800   1.00 25.23 ? 1186 GLU A CB  1 
ATOM   844 N N   . GLN A 1 109 ? -10.041 0.563   8.597   1.00 23.37 ? 1187 GLN A N   1 
ATOM   845 C CA  . GLN A 1 109 ? -10.833 -0.348  9.414   1.00 22.96 ? 1187 GLN A CA  1 
ATOM   846 C C   . GLN A 1 109 ? -9.973  -1.431  10.072  1.00 29.93 ? 1187 GLN A C   1 
ATOM   847 O O   . GLN A 1 109 ? -10.298 -1.906  11.164  1.00 31.85 ? 1187 GLN A O   1 
ATOM   848 C CB  . GLN A 1 109 ? -11.935 -0.994  8.570   1.00 27.78 ? 1187 GLN A CB  1 
ATOM   849 N N   . GLU A 1 110 ? -8.883  -1.815  9.412   1.00 27.85 ? 1188 GLU A N   1 
ATOM   850 C CA  . GLU A 1 110 ? -8.030  -2.900  9.907   1.00 28.78 ? 1188 GLU A CA  1 
ATOM   851 C C   . GLU A 1 110 ? -6.891  -2.411  10.787  1.00 30.79 ? 1188 GLU A C   1 
ATOM   852 O O   . GLU A 1 110 ? -6.468  -3.116  11.706  1.00 29.37 ? 1188 GLU A O   1 
ATOM   853 C CB  . GLU A 1 110 ? -7.444  -3.711  8.739   1.00 26.00 ? 1188 GLU A CB  1 
ATOM   854 C CG  . GLU A 1 110 ? -8.479  -4.327  7.814   1.00 29.26 ? 1188 GLU A CG  1 
ATOM   855 C CD  . GLU A 1 110 ? -9.212  -5.501  8.432   1.00 39.50 ? 1188 GLU A CD  1 
ATOM   856 O OE1 . GLU A 1 110 ? -8.727  -6.039  9.449   1.00 40.58 ? 1188 GLU A OE1 1 
ATOM   857 O OE2 . GLU A 1 110 ? -10.270 -5.890  7.894   1.00 41.65 ? 1188 GLU A OE2 1 
ATOM   858 N N   . ILE A 1 111 ? -6.379  -1.217  10.515  1.00 23.75 ? 1189 ILE A N   1 
ATOM   859 C CA  . ILE A 1 111 ? -5.200  -0.771  11.236  1.00 24.66 ? 1189 ILE A CA  1 
ATOM   860 C C   . ILE A 1 111 ? -5.598  -0.259  12.618  1.00 29.52 ? 1189 ILE A C   1 
ATOM   861 O O   . ILE A 1 111 ? -4.803  -0.316  13.546  1.00 32.90 ? 1189 ILE A O   1 
ATOM   862 C CB  . ILE A 1 111 ? -4.426  0.320   10.458  1.00 27.38 ? 1189 ILE A CB  1 
ATOM   863 C CG1 . ILE A 1 111 ? -3.031  0.530   11.054  1.00 25.11 ? 1189 ILE A CG1 1 
ATOM   864 C CG2 . ILE A 1 111 ? -5.207  1.623   10.422  1.00 26.56 ? 1189 ILE A CG2 1 
ATOM   865 C CD1 . ILE A 1 111 ? -2.103  -0.659  10.934  1.00 24.63 ? 1189 ILE A CD1 1 
ATOM   866 N N   . ASP A 1 112 ? -6.837  0.211   12.754  1.00 30.74 ? 1190 ASP A N   1 
ATOM   867 C CA  . ASP A 1 112 ? -7.300  0.780   14.023  1.00 33.03 ? 1190 ASP A CA  1 
ATOM   868 C C   . ASP A 1 112 ? -7.232  -0.244  15.170  1.00 34.76 ? 1190 ASP A C   1 
ATOM   869 O O   . ASP A 1 112 ? -6.567  0.011   16.171  1.00 38.18 ? 1190 ASP A O   1 
ATOM   870 C CB  . ASP A 1 112 ? -8.718  1.349   13.874  1.00 31.69 ? 1190 ASP A CB  1 
ATOM   871 N N   . PRO A 1 113 ? -7.881  -1.419  15.023  1.00 32.78 ? 1191 PRO A N   1 
ATOM   872 C CA  . PRO A 1 113 ? -7.813  -2.334  16.170  1.00 34.39 ? 1191 PRO A CA  1 
ATOM   873 C C   . PRO A 1 113 ? -6.410  -2.890  16.421  1.00 36.26 ? 1191 PRO A C   1 
ATOM   874 O O   . PRO A 1 113 ? -6.110  -3.309  17.541  1.00 38.38 ? 1191 PRO A O   1 
ATOM   875 C CB  . PRO A 1 113 ? -8.785  -3.451  15.782  1.00 37.97 ? 1191 PRO A CB  1 
ATOM   876 C CG  . PRO A 1 113 ? -8.829  -3.415  14.313  1.00 37.61 ? 1191 PRO A CG  1 
ATOM   877 C CD  . PRO A 1 113 ? -8.697  -1.978  13.931  1.00 34.60 ? 1191 PRO A CD  1 
ATOM   878 N N   . VAL A 1 114 ? -5.560  -2.877  15.397  1.00 35.32 ? 1192 VAL A N   1 
ATOM   879 C CA  . VAL A 1 114 ? -4.175  -3.328  15.542  1.00 34.10 ? 1192 VAL A CA  1 
ATOM   880 C C   . VAL A 1 114 ? -3.340  -2.336  16.348  1.00 36.75 ? 1192 VAL A C   1 
ATOM   881 O O   . VAL A 1 114 ? -2.621  -2.726  17.267  1.00 39.68 ? 1192 VAL A O   1 
ATOM   882 C CB  . VAL A 1 114 ? -3.509  -3.552  14.171  1.00 28.10 ? 1192 VAL A CB  1 
ATOM   883 C CG1 . VAL A 1 114 ? -1.995  -3.701  14.326  1.00 32.54 ? 1192 VAL A CG1 1 
ATOM   884 C CG2 . VAL A 1 114 ? -4.115  -4.763  13.487  1.00 31.42 ? 1192 VAL A CG2 1 
ATOM   885 N N   . MET A 1 115 ? -3.437  -1.053  16.007  1.00 36.35 ? 1193 MET A N   1 
ATOM   886 C CA  . MET A 1 115 ? -2.699  -0.024  16.733  1.00 39.58 ? 1193 MET A CA  1 
ATOM   887 C C   . MET A 1 115 ? -3.101  0.020   18.204  1.00 45.39 ? 1193 MET A C   1 
ATOM   888 O O   . MET A 1 115 ? -2.262  0.249   19.072  1.00 48.44 ? 1193 MET A O   1 
ATOM   889 C CB  . MET A 1 115 ? -2.908  1.355   16.098  1.00 38.18 ? 1193 MET A CB  1 
ATOM   890 C CG  . MET A 1 115 ? -2.378  1.478   14.681  1.00 38.17 ? 1193 MET A CG  1 
ATOM   891 S SD  . MET A 1 115 ? -0.628  1.072   14.534  1.00 50.33 ? 1193 MET A SD  1 
ATOM   892 C CE  . MET A 1 115 ? 0.108   2.697   14.394  1.00 40.27 ? 1193 MET A CE  1 
ATOM   893 N N   . GLN A 1 116 ? -4.383  -0.201  18.479  1.00 42.47 ? 1194 GLN A N   1 
ATOM   894 C CA  . GLN A 1 116 ? -4.867  -0.234  19.854  1.00 44.03 ? 1194 GLN A CA  1 
ATOM   895 C C   . GLN A 1 116 ? -4.149  -1.329  20.635  1.00 50.31 ? 1194 GLN A C   1 
ATOM   896 O O   . GLN A 1 116 ? -3.773  -1.137  21.790  1.00 55.31 ? 1194 GLN A O   1 
ATOM   897 C CB  . GLN A 1 116 ? -6.381  -0.456  19.893  1.00 44.42 ? 1194 GLN A CB  1 
ATOM   898 N N   . SER A 1 117 ? -3.942  -2.470  19.982  1.00 49.81 ? 1195 SER A N   1 
ATOM   899 C CA  . SER A 1 117 ? -3.300  -3.619  20.611  1.00 46.46 ? 1195 SER A CA  1 
ATOM   900 C C   . SER A 1 117 ? -1.778  -3.503  20.626  1.00 48.11 ? 1195 SER A C   1 
ATOM   901 O O   . SER A 1 117 ? -1.211  -2.484  20.230  1.00 48.87 ? 1195 SER A O   1 
ATOM   902 C CB  . SER A 1 117 ? -3.713  -4.907  19.896  1.00 46.09 ? 1195 SER A CB  1 
ATOM   903 O OG  . SER A 1 117 ? -3.121  -4.988  18.611  1.00 47.04 ? 1195 SER A OG  1 
HETATM 904 O O4  . UL4 B 2 .   ? -7.020  -5.351  -12.482 1.00 18.86 ? 1201 UL4 A O4  1 
HETATM 905 C C16 . UL4 B 2 .   ? -6.019  -5.950  -12.837 1.00 18.81 ? 1201 UL4 A C16 1 
HETATM 906 O O3  . UL4 B 2 .   ? -6.083  -7.254  -13.080 1.00 19.95 ? 1201 UL4 A O3  1 
HETATM 907 C C15 . UL4 B 2 .   ? -4.714  -5.230  -12.983 1.00 17.27 ? 1201 UL4 A C15 1 
HETATM 908 C C14 . UL4 B 2 .   ? -3.545  -5.949  -13.211 1.00 18.73 ? 1201 UL4 A C14 1 
HETATM 909 C C13 . UL4 B 2 .   ? -2.344  -5.263  -13.344 1.00 20.24 ? 1201 UL4 A C13 1 
HETATM 910 C C12 . UL4 B 2 .   ? -2.297  -3.876  -13.246 1.00 17.83 ? 1201 UL4 A C12 1 
HETATM 911 C C17 . UL4 B 2 .   ? -4.679  -3.844  -12.878 1.00 18.17 ? 1201 UL4 A C17 1 
HETATM 912 C C11 . UL4 B 2 .   ? -3.471  -3.173  -13.014 1.00 13.44 ? 1201 UL4 A C11 1 
HETATM 913 C C10 . UL4 B 2 .   ? -3.477  -1.680  -12.906 1.00 16.58 ? 1201 UL4 A C10 1 
HETATM 914 O O2  . UL4 B 2 .   ? -4.555  -1.132  -12.979 1.00 16.88 ? 1201 UL4 A O2  1 
HETATM 915 N N   . UL4 B 2 .   ? -2.325  -1.023  -12.725 1.00 15.64 ? 1201 UL4 A N   1 
HETATM 916 C C9  . UL4 B 2 .   ? -2.272  0.330   -12.593 1.00 14.12 ? 1201 UL4 A C9  1 
HETATM 917 C C8  . UL4 B 2 .   ? -1.856  0.921   -11.408 1.00 14.99 ? 1201 UL4 A C8  1 
HETATM 918 C C5  . UL4 B 2 .   ? -1.795  2.311   -11.308 1.00 14.92 ? 1201 UL4 A C5  1 
HETATM 919 C C6  . UL4 B 2 .   ? -1.374  2.938   -10.032 1.00 14.46 ? 1201 UL4 A C6  1 
HETATM 920 O O1  . UL4 B 2 .   ? -1.292  4.156   -9.983  1.00 15.80 ? 1201 UL4 A O1  1 
HETATM 921 C C7  . UL4 B 2 .   ? -1.116  2.057   -8.850  1.00 15.30 ? 1201 UL4 A C7  1 
HETATM 922 C C4  . UL4 B 2 .   ? -2.132  3.126   -12.380 1.00 14.76 ? 1201 UL4 A C4  1 
HETATM 923 C C3  . UL4 B 2 .   ? -2.537  2.524   -13.569 1.00 14.10 ? 1201 UL4 A C3  1 
HETATM 924 C C2  . UL4 B 2 .   ? -2.592  1.143   -13.664 1.00 15.59 ? 1201 UL4 A C2  1 
HETATM 925 O O   . UL4 B 2 .   ? -2.993  0.551   -14.821 1.00 17.71 ? 1201 UL4 A O   1 
HETATM 926 C C1  . UL4 B 2 .   ? -3.589  1.322   -15.861 1.00 13.95 ? 1201 UL4 A C1  1 
HETATM 927 C C   . UL4 B 2 .   ? -3.970  0.344   -16.945 1.00 18.06 ? 1201 UL4 A C   1 
HETATM 928 C C1  . EDO C 3 .   ? -3.953  5.429   -19.290 1.00 25.71 ? 1202 EDO A C1  1 
HETATM 929 O O1  . EDO C 3 .   ? -3.259  4.822   -20.387 1.00 26.24 ? 1202 EDO A O1  1 
HETATM 930 C C2  . EDO C 3 .   ? -4.265  4.379   -18.231 1.00 27.49 ? 1202 EDO A C2  1 
HETATM 931 O O2  . EDO C 3 .   ? -4.959  3.282   -18.829 1.00 23.80 ? 1202 EDO A O2  1 
HETATM 932 C C1  . EDO D 3 .   ? -3.510  -3.240  -17.101 1.00 25.36 ? 1203 EDO A C1  1 
HETATM 933 O O1  . EDO D 3 .   ? -2.533  -4.115  -17.669 1.00 28.49 ? 1203 EDO A O1  1 
HETATM 934 C C2  . EDO D 3 .   ? -4.671  -4.040  -16.529 1.00 24.48 ? 1203 EDO A C2  1 
HETATM 935 O O2  . EDO D 3 .   ? -5.355  -4.711  -17.593 1.00 29.66 ? 1203 EDO A O2  1 
HETATM 936 C C1  . EDO E 3 .   ? 4.988   11.975  -5.234  1.00 21.67 ? 1204 EDO A C1  1 
HETATM 937 O O1  . EDO E 3 .   ? 5.914   12.308  -6.265  1.00 23.16 ? 1204 EDO A O1  1 
HETATM 938 C C2  . EDO E 3 .   ? 5.597   10.974  -4.257  1.00 20.75 ? 1204 EDO A C2  1 
HETATM 939 O O2  . EDO E 3 .   ? 5.675   9.686   -4.876  1.00 16.05 ? 1204 EDO A O2  1 
HETATM 940 O O   . HOH F 4 .   ? -15.444 -5.378  -4.918  1.00 35.32 ? 1301 HOH A O   1 
HETATM 941 O O   . HOH F 4 .   ? 13.727  -0.749  1.535   1.00 32.11 ? 1302 HOH A O   1 
HETATM 942 O O   . HOH F 4 .   ? -15.352 6.083   -13.427 1.00 25.21 ? 1303 HOH A O   1 
HETATM 943 O O   . HOH F 4 .   ? -15.173 -8.233  -5.144  1.00 30.10 ? 1304 HOH A O   1 
HETATM 944 O O   . HOH F 4 .   ? -3.935  10.991  2.181   1.00 27.48 ? 1305 HOH A O   1 
HETATM 945 O O   . HOH F 4 .   ? 11.752  17.404  -9.533  1.00 33.39 ? 1306 HOH A O   1 
HETATM 946 O O   . HOH F 4 .   ? 6.348   -4.092  -12.101 1.00 29.63 ? 1307 HOH A O   1 
HETATM 947 O O   . HOH F 4 .   ? 9.980   4.603   -3.884  1.00 17.81 ? 1308 HOH A O   1 
HETATM 948 O O   . HOH F 4 .   ? 0.853   -4.293  -21.142 1.00 29.64 ? 1309 HOH A O   1 
HETATM 949 O O   . HOH F 4 .   ? 2.383   10.799  -3.054  1.00 24.81 ? 1310 HOH A O   1 
HETATM 950 O O   . HOH F 4 .   ? 12.564  7.080   -6.855  1.00 17.55 ? 1311 HOH A O   1 
HETATM 951 O O   . HOH F 4 .   ? 10.241  13.561  -11.083 1.00 22.51 ? 1312 HOH A O   1 
HETATM 952 O O   . HOH F 4 .   ? -10.965 -9.764  -10.447 1.00 27.65 ? 1313 HOH A O   1 
HETATM 953 O O   . HOH F 4 .   ? 9.708   4.390   2.668   1.00 23.22 ? 1314 HOH A O   1 
HETATM 954 O O   . HOH F 4 .   ? -10.039 8.092   -15.886 1.00 26.49 ? 1315 HOH A O   1 
HETATM 955 O O   . HOH F 4 .   ? 6.691   1.829   -9.813  1.00 20.63 ? 1316 HOH A O   1 
HETATM 956 O O   . HOH F 4 .   ? 6.928   6.519   3.382   1.00 25.80 ? 1317 HOH A O   1 
HETATM 957 O O   . HOH F 4 .   ? 8.255   -3.177  -13.710 1.00 28.06 ? 1318 HOH A O   1 
HETATM 958 O O   . HOH F 4 .   ? 8.195   4.750   6.217   1.00 34.29 ? 1319 HOH A O   1 
HETATM 959 O O   . HOH F 4 .   ? 2.562   1.900   -23.344 1.00 31.24 ? 1320 HOH A O   1 
HETATM 960 O O   . HOH F 4 .   ? 11.071  2.881   5.552   1.00 29.97 ? 1321 HOH A O   1 
HETATM 961 O O   . HOH F 4 .   ? -2.047  -2.023  -19.819 1.00 30.17 ? 1322 HOH A O   1 
HETATM 962 O O   . HOH F 4 .   ? -9.497  13.950  -11.328 1.00 29.88 ? 1323 HOH A O   1 
HETATM 963 O O   . HOH F 4 .   ? -11.774 4.429   -15.355 1.00 25.01 ? 1324 HOH A O   1 
HETATM 964 O O   . HOH F 4 .   ? -2.419  -11.053 -8.934  1.00 32.51 ? 1325 HOH A O   1 
HETATM 965 O O   . HOH F 4 .   ? -1.757  10.710  3.980   1.00 26.50 ? 1326 HOH A O   1 
HETATM 966 O O   . HOH F 4 .   ? -4.545  -5.168  -20.520 1.00 31.64 ? 1327 HOH A O   1 
HETATM 967 O O   . HOH F 4 .   ? -3.461  1.246   -20.721 1.00 24.36 ? 1328 HOH A O   1 
HETATM 968 O O   . HOH F 4 .   ? 13.249  -8.994  -0.742  1.00 40.98 ? 1329 HOH A O   1 
HETATM 969 O O   . HOH F 4 .   ? 13.378  3.087   6.969   1.00 31.40 ? 1330 HOH A O   1 
HETATM 970 O O   . HOH F 4 .   ? 8.945   0.448   -6.527  1.00 28.82 ? 1331 HOH A O   1 
HETATM 971 O O   . HOH F 4 .   ? 11.967  4.584   -5.963  1.00 19.88 ? 1332 HOH A O   1 
HETATM 972 O O   . HOH F 4 .   ? -6.585  12.686  1.189   1.00 31.45 ? 1333 HOH A O   1 
HETATM 973 O O   . HOH F 4 .   ? 7.581   7.020   -16.285 1.00 20.20 ? 1334 HOH A O   1 
HETATM 974 O O   . HOH F 4 .   ? 0.042   -2.205  -11.306 1.00 20.74 ? 1335 HOH A O   1 
HETATM 975 O O   . HOH F 4 .   ? 1.087   0.987   -5.934  1.00 17.54 ? 1336 HOH A O   1 
HETATM 976 O O   . HOH F 4 .   ? 3.356   3.958   -6.439  1.00 16.85 ? 1337 HOH A O   1 
HETATM 977 O O   . HOH F 4 .   ? -12.900 7.245   -5.034  1.00 21.34 ? 1338 HOH A O   1 
HETATM 978 O O   . HOH F 4 .   ? 1.184   -0.674  -8.206  1.00 19.69 ? 1339 HOH A O   1 
HETATM 979 O O   . HOH F 4 .   ? -0.223  -4.435  -9.707  1.00 21.70 ? 1340 HOH A O   1 
HETATM 980 O O   . HOH F 4 .   ? 6.428   0.294   -6.039  1.00 24.39 ? 1341 HOH A O   1 
HETATM 981 O O   . HOH F 4 .   ? 0.433   3.562   -5.792  1.00 15.82 ? 1342 HOH A O   1 
HETATM 982 O O   . HOH F 4 .   ? -13.518 8.755   -7.340  1.00 20.06 ? 1343 HOH A O   1 
HETATM 983 O O   . HOH F 4 .   ? -2.226  -7.865  -9.793  1.00 25.15 ? 1344 HOH A O   1 
HETATM 984 O O   . HOH F 4 .   ? 4.610   1.289   -7.765  1.00 21.97 ? 1345 HOH A O   1 
HETATM 985 O O   . HOH F 4 .   ? 2.739   -2.595  -13.186 1.00 28.41 ? 1346 HOH A O   1 
HETATM 986 O O   . HOH F 4 .   ? 4.525   15.122  -8.594  1.00 30.58 ? 1347 HOH A O   1 
HETATM 987 O O   . HOH F 4 .   ? 2.480   -8.725  -4.283  1.00 28.92 ? 1348 HOH A O   1 
HETATM 988 O O   . HOH F 4 .   ? -5.196  12.839  -9.321  1.00 25.44 ? 1349 HOH A O   1 
HETATM 989 O O   . HOH F 4 .   ? -12.687 -8.947  -2.452  1.00 30.63 ? 1350 HOH A O   1 
HETATM 990 O O   . HOH F 4 .   ? -13.533 -6.627  -2.472  1.00 34.57 ? 1351 HOH A O   1 
HETATM 991 O O   . HOH F 4 .   ? -14.309 3.322   -4.042  1.00 33.35 ? 1352 HOH A O   1 
HETATM 992 O O   . HOH F 4 .   ? -7.204  -12.828 -4.699  1.00 39.49 ? 1353 HOH A O   1 
HETATM 993 O O   . HOH F 4 .   ? 5.197   14.757  -17.127 1.00 40.70 ? 1354 HOH A O   1 
HETATM 994 O O   . HOH F 4 .   ? 0.384   5.146   -7.965  1.00 14.76 ? 1355 HOH A O   1 
HETATM 995 O O   . HOH F 4 .   ? -6.278  4.805   -14.484 1.00 30.03 ? 1356 HOH A O   1 
HETATM 996 O O   . HOH F 4 .   ? 9.605   -4.769  9.669   1.00 34.88 ? 1357 HOH A O   1 
HETATM 997 O O   . HOH F 4 .   ? -6.153  8.331   -14.709 1.00 25.39 ? 1358 HOH A O   1 
# 
loop_
_pdbx_poly_seq_scheme.asym_id 
_pdbx_poly_seq_scheme.entity_id 
_pdbx_poly_seq_scheme.seq_id 
_pdbx_poly_seq_scheme.mon_id 
_pdbx_poly_seq_scheme.ndb_seq_num 
_pdbx_poly_seq_scheme.pdb_seq_num 
_pdbx_poly_seq_scheme.auth_seq_num 
_pdbx_poly_seq_scheme.pdb_mon_id 
_pdbx_poly_seq_scheme.auth_mon_id 
_pdbx_poly_seq_scheme.pdb_strand_id 
_pdbx_poly_seq_scheme.pdb_ins_code 
_pdbx_poly_seq_scheme.hetero 
A 1 1   SER 1   1079 ?    ?   ?   A . n 
A 1 2   MET 2   1080 ?    ?   ?   A . n 
A 1 3   ARG 3   1081 ?    ?   ?   A . n 
A 1 4   LYS 4   1082 ?    ?   ?   A . n 
A 1 5   LYS 5   1083 ?    ?   ?   A . n 
A 1 6   ILE 6   1084 1084 ILE ILE A . n 
A 1 7   PHE 7   1085 1085 PHE PHE A . n 
A 1 8   LYS 8   1086 1086 LYS LYS A . n 
A 1 9   PRO 9   1087 1087 PRO PRO A . n 
A 1 10  GLU 10  1088 1088 GLU GLU A . n 
A 1 11  GLU 11  1089 1089 GLU GLU A . n 
A 1 12  LEU 12  1090 1090 LEU LEU A . n 
A 1 13  ARG 13  1091 1091 ARG ARG A . n 
A 1 14  GLN 14  1092 1092 GLN GLN A . n 
A 1 15  ALA 15  1093 1093 ALA ALA A . n 
A 1 16  LEU 16  1094 1094 LEU LEU A . n 
A 1 17  MET 17  1095 1095 MET MET A . n 
A 1 18  PRO 18  1096 1096 PRO PRO A . n 
A 1 19  THR 19  1097 1097 THR THR A . n 
A 1 20  LEU 20  1098 1098 LEU LEU A . n 
A 1 21  GLU 21  1099 1099 GLU GLU A . n 
A 1 22  ALA 22  1100 1100 ALA ALA A . n 
A 1 23  LEU 23  1101 1101 LEU LEU A . n 
A 1 24  TYR 24  1102 1102 TYR TYR A . n 
A 1 25  ARG 25  1103 1103 ARG ARG A . n 
A 1 26  GLN 26  1104 1104 GLN GLN A . n 
A 1 27  ASP 27  1105 1105 ASP ASP A . n 
A 1 28  PRO 28  1106 1106 PRO PRO A . n 
A 1 29  GLU 29  1107 1107 GLU GLU A . n 
A 1 30  SER 30  1108 1108 SER SER A . n 
A 1 31  LEU 31  1109 1109 LEU LEU A . n 
A 1 32  PRO 32  1110 1110 PRO PRO A . n 
A 1 33  PHE 33  1111 1111 PHE PHE A . n 
A 1 34  ARG 34  1112 1112 ARG ARG A . n 
A 1 35  GLN 35  1113 1113 GLN GLN A . n 
A 1 36  PRO 36  1114 1114 PRO PRO A . n 
A 1 37  VAL 37  1115 1115 VAL VAL A . n 
A 1 38  ASP 38  1116 1116 ASP ASP A . n 
A 1 39  PRO 39  1117 1117 PRO PRO A . n 
A 1 40  GLN 40  1118 1118 GLN GLN A . n 
A 1 41  LEU 41  1119 1119 LEU LEU A . n 
A 1 42  LEU 42  1120 1120 LEU LEU A . n 
A 1 43  GLY 43  1121 1121 GLY GLY A . n 
A 1 44  ILE 44  1122 1122 ILE ILE A . n 
A 1 45  PRO 45  1123 1123 PRO PRO A . n 
A 1 46  ASP 46  1124 1124 ASP ASP A . n 
A 1 47  TYR 47  1125 1125 TYR TYR A . n 
A 1 48  PHE 48  1126 1126 PHE PHE A . n 
A 1 49  ASP 49  1127 1127 ASP ASP A . n 
A 1 50  ILE 50  1128 1128 ILE ILE A . n 
A 1 51  VAL 51  1129 1129 VAL VAL A . n 
A 1 52  LYS 52  1130 1130 LYS LYS A . n 
A 1 53  ASN 53  1131 1131 ASN ASN A . n 
A 1 54  PRO 54  1132 1132 PRO PRO A . n 
A 1 55  MET 55  1133 1133 MET MET A . n 
A 1 56  ASP 56  1134 1134 ASP ASP A . n 
A 1 57  LEU 57  1135 1135 LEU LEU A . n 
A 1 58  SER 58  1136 1136 SER SER A . n 
A 1 59  THR 59  1137 1137 THR THR A . n 
A 1 60  ILE 60  1138 1138 ILE ILE A . n 
A 1 61  LYS 61  1139 1139 LYS LYS A . n 
A 1 62  ARG 62  1140 1140 ARG ARG A . n 
A 1 63  LYS 63  1141 1141 LYS LYS A . n 
A 1 64  LEU 64  1142 1142 LEU LEU A . n 
A 1 65  ASP 65  1143 1143 ASP ASP A . n 
A 1 66  THR 66  1144 1144 THR THR A . n 
A 1 67  GLY 67  1145 1145 GLY GLY A . n 
A 1 68  GLN 68  1146 1146 GLN GLN A . n 
A 1 69  TYR 69  1147 1147 TYR TYR A . n 
A 1 70  GLN 70  1148 1148 GLN GLN A . n 
A 1 71  GLU 71  1149 1149 GLU GLU A . n 
A 1 72  PRO 72  1150 1150 PRO PRO A . n 
A 1 73  TRP 73  1151 1151 TRP TRP A . n 
A 1 74  GLN 74  1152 1152 GLN GLN A . n 
A 1 75  TYR 75  1153 1153 TYR TYR A . n 
A 1 76  VAL 76  1154 1154 VAL VAL A . n 
A 1 77  ASP 77  1155 1155 ASP ASP A . n 
A 1 78  ASP 78  1156 1156 ASP ASP A . n 
A 1 79  VAL 79  1157 1157 VAL VAL A . n 
A 1 80  TRP 80  1158 1158 TRP TRP A . n 
A 1 81  LEU 81  1159 1159 LEU LEU A . n 
A 1 82  MET 82  1160 1160 MET MET A . n 
A 1 83  PHE 83  1161 1161 PHE PHE A . n 
A 1 84  ASN 84  1162 1162 ASN ASN A . n 
A 1 85  ASN 85  1163 1163 ASN ASN A . n 
A 1 86  ALA 86  1164 1164 ALA ALA A . n 
A 1 87  TRP 87  1165 1165 TRP TRP A . n 
A 1 88  LEU 88  1166 1166 LEU LEU A . n 
A 1 89  TYR 89  1167 1167 TYR TYR A . n 
A 1 90  ASN 90  1168 1168 ASN ASN A . n 
A 1 91  ARG 91  1169 1169 ARG ARG A . n 
A 1 92  LYS 92  1170 1170 LYS LYS A . n 
A 1 93  THR 93  1171 1171 THR THR A . n 
A 1 94  SER 94  1172 1172 SER SER A . n 
A 1 95  ARG 95  1173 1173 ARG ARG A . n 
A 1 96  VAL 96  1174 1174 VAL VAL A . n 
A 1 97  TYR 97  1175 1175 TYR TYR A . n 
A 1 98  LYS 98  1176 1176 LYS LYS A . n 
A 1 99  PHE 99  1177 1177 PHE PHE A . n 
A 1 100 CYS 100 1178 1178 CYS CYS A . n 
A 1 101 SER 101 1179 1179 SER SER A . n 
A 1 102 LYS 102 1180 1180 LYS LYS A . n 
A 1 103 LEU 103 1181 1181 LEU LEU A . n 
A 1 104 ALA 104 1182 1182 ALA ALA A . n 
A 1 105 GLU 105 1183 1183 GLU GLU A . n 
A 1 106 VAL 106 1184 1184 VAL VAL A . n 
A 1 107 PHE 107 1185 1185 PHE PHE A . n 
A 1 108 GLU 108 1186 1186 GLU GLU A . n 
A 1 109 GLN 109 1187 1187 GLN GLN A . n 
A 1 110 GLU 110 1188 1188 GLU GLU A . n 
A 1 111 ILE 111 1189 1189 ILE ILE A . n 
A 1 112 ASP 112 1190 1190 ASP ASP A . n 
A 1 113 PRO 113 1191 1191 PRO PRO A . n 
A 1 114 VAL 114 1192 1192 VAL VAL A . n 
A 1 115 MET 115 1193 1193 MET MET A . n 
A 1 116 GLN 116 1194 1194 GLN GLN A . n 
A 1 117 SER 117 1195 1195 SER SER A . n 
A 1 118 LEU 118 1196 ?    ?   ?   A . n 
A 1 119 GLY 119 1197 ?    ?   ?   A . n 
# 
loop_
_pdbx_nonpoly_scheme.asym_id 
_pdbx_nonpoly_scheme.entity_id 
_pdbx_nonpoly_scheme.mon_id 
_pdbx_nonpoly_scheme.ndb_seq_num 
_pdbx_nonpoly_scheme.pdb_seq_num 
_pdbx_nonpoly_scheme.auth_seq_num 
_pdbx_nonpoly_scheme.pdb_mon_id 
_pdbx_nonpoly_scheme.auth_mon_id 
_pdbx_nonpoly_scheme.pdb_strand_id 
_pdbx_nonpoly_scheme.pdb_ins_code 
B 2 UL4 1  1201 1   UL4 ul4 A . 
C 3 EDO 1  1202 2   EDO EDO A . 
D 3 EDO 1  1203 3   EDO EDO A . 
E 3 EDO 1  1204 4   EDO EDO A . 
F 4 HOH 1  1301 59  HOH HOH A . 
F 4 HOH 2  1302 58  HOH HOH A . 
F 4 HOH 3  1303 25  HOH HOH A . 
F 4 HOH 4  1304 24  HOH HOH A . 
F 4 HOH 5  1305 44  HOH HOH A . 
F 4 HOH 6  1306 36  HOH HOH A . 
F 4 HOH 7  1307 33  HOH HOH A . 
F 4 HOH 8  1308 15  HOH HOH A . 
F 4 HOH 9  1309 56  HOH HOH A . 
F 4 HOH 10 1310 105 HOH HOH A . 
F 4 HOH 11 1311 9   HOH HOH A . 
F 4 HOH 12 1312 16  HOH HOH A . 
F 4 HOH 13 1313 20  HOH HOH A . 
F 4 HOH 14 1314 17  HOH HOH A . 
F 4 HOH 15 1315 14  HOH HOH A . 
F 4 HOH 16 1316 3   HOH HOH A . 
F 4 HOH 17 1317 52  HOH HOH A . 
F 4 HOH 18 1318 40  HOH HOH A . 
F 4 HOH 19 1319 31  HOH HOH A . 
F 4 HOH 20 1320 71  HOH HOH A . 
F 4 HOH 21 1321 47  HOH HOH A . 
F 4 HOH 22 1322 55  HOH HOH A . 
F 4 HOH 23 1323 26  HOH HOH A . 
F 4 HOH 24 1324 104 HOH HOH A . 
F 4 HOH 25 1325 79  HOH HOH A . 
F 4 HOH 26 1326 46  HOH HOH A . 
F 4 HOH 27 1327 38  HOH HOH A . 
F 4 HOH 28 1328 37  HOH HOH A . 
F 4 HOH 29 1329 53  HOH HOH A . 
F 4 HOH 30 1330 64  HOH HOH A . 
F 4 HOH 31 1331 21  HOH HOH A . 
F 4 HOH 32 1332 35  HOH HOH A . 
F 4 HOH 33 1333 49  HOH HOH A . 
F 4 HOH 34 1334 1   HOH HOH A . 
F 4 HOH 35 1335 2   HOH HOH A . 
F 4 HOH 36 1336 4   HOH HOH A . 
F 4 HOH 37 1337 5   HOH HOH A . 
F 4 HOH 38 1338 6   HOH HOH A . 
F 4 HOH 39 1339 7   HOH HOH A . 
F 4 HOH 40 1340 8   HOH HOH A . 
F 4 HOH 41 1341 10  HOH HOH A . 
F 4 HOH 42 1342 11  HOH HOH A . 
F 4 HOH 43 1343 13  HOH HOH A . 
F 4 HOH 44 1344 18  HOH HOH A . 
F 4 HOH 45 1345 19  HOH HOH A . 
F 4 HOH 46 1346 23  HOH HOH A . 
F 4 HOH 47 1347 32  HOH HOH A . 
F 4 HOH 48 1348 39  HOH HOH A . 
F 4 HOH 49 1349 41  HOH HOH A . 
F 4 HOH 50 1350 42  HOH HOH A . 
F 4 HOH 51 1351 48  HOH HOH A . 
F 4 HOH 52 1352 51  HOH HOH A . 
F 4 HOH 53 1353 60  HOH HOH A . 
F 4 HOH 54 1354 62  HOH HOH A . 
F 4 HOH 55 1355 75  HOH HOH A . 
F 4 HOH 56 1356 77  HOH HOH A . 
F 4 HOH 57 1357 84  HOH HOH A . 
F 4 HOH 58 1358 103 HOH HOH A . 
# 
_pdbx_struct_assembly.id                   1 
_pdbx_struct_assembly.details              author_and_software_defined_assembly 
_pdbx_struct_assembly.method_details       PISA 
_pdbx_struct_assembly.oligomeric_details   Monomeric 
_pdbx_struct_assembly.oligomeric_count     1 
# 
_pdbx_struct_assembly_gen.assembly_id       1 
_pdbx_struct_assembly_gen.oper_expression   1 
_pdbx_struct_assembly_gen.asym_id_list      A,B,C,D,E,F 
# 
loop_
_pdbx_struct_assembly_prop.biol_id 
_pdbx_struct_assembly_prop.type 
_pdbx_struct_assembly_prop.value 
_pdbx_struct_assembly_prop.details 
1 'ABSA (A^2)' 480  ? 
1 MORE         7    ? 
1 'SSA (A^2)'  6400 ? 
# 
_pdbx_struct_oper_list.id                   1 
_pdbx_struct_oper_list.type                 'identity operation' 
_pdbx_struct_oper_list.name                 1_555 
_pdbx_struct_oper_list.symmetry_operation   x,y,z 
_pdbx_struct_oper_list.matrix[1][1]         1.0000000000 
_pdbx_struct_oper_list.matrix[1][2]         0.0000000000 
_pdbx_struct_oper_list.matrix[1][3]         0.0000000000 
_pdbx_struct_oper_list.vector[1]            0.0000000000 
_pdbx_struct_oper_list.matrix[2][1]         0.0000000000 
_pdbx_struct_oper_list.matrix[2][2]         1.0000000000 
_pdbx_struct_oper_list.matrix[2][3]         0.0000000000 
_pdbx_struct_oper_list.vector[2]            0.0000000000 
_pdbx_struct_oper_list.matrix[3][1]         0.0000000000 
_pdbx_struct_oper_list.matrix[3][2]         0.0000000000 
_pdbx_struct_oper_list.matrix[3][3]         1.0000000000 
_pdbx_struct_oper_list.vector[3]            0.0000000000 
# 
loop_
_pdbx_audit_revision_history.ordinal 
_pdbx_audit_revision_history.data_content_type 
_pdbx_audit_revision_history.major_revision 
_pdbx_audit_revision_history.minor_revision 
_pdbx_audit_revision_history.revision_date 
1 'Structure model' 1 0 2015-06-24 
2 'Structure model' 1 1 2015-07-15 
3 'Structure model' 1 2 2016-03-09 
4 'Structure model' 1 3 2023-12-20 
# 
_pdbx_audit_revision_details.ordinal             1 
_pdbx_audit_revision_details.revision_ordinal    1 
_pdbx_audit_revision_details.data_content_type   'Structure model' 
_pdbx_audit_revision_details.provider            repository 
_pdbx_audit_revision_details.type                'Initial release' 
_pdbx_audit_revision_details.description         ? 
_pdbx_audit_revision_details.details             ? 
# 
loop_
_pdbx_audit_revision_group.ordinal 
_pdbx_audit_revision_group.revision_ordinal 
_pdbx_audit_revision_group.data_content_type 
_pdbx_audit_revision_group.group 
1 2 'Structure model' 'Database references'    
2 3 'Structure model' 'Database references'    
3 4 'Structure model' 'Data collection'        
4 4 'Structure model' 'Database references'    
5 4 'Structure model' 'Refinement description' 
# 
loop_
_pdbx_audit_revision_category.ordinal 
_pdbx_audit_revision_category.revision_ordinal 
_pdbx_audit_revision_category.data_content_type 
_pdbx_audit_revision_category.category 
1 4 'Structure model' chem_comp_atom                
2 4 'Structure model' chem_comp_bond                
3 4 'Structure model' database_2                    
4 4 'Structure model' diffrn_radiation_wavelength   
5 4 'Structure model' pdbx_initial_refinement_model 
# 
loop_
_pdbx_audit_revision_item.ordinal 
_pdbx_audit_revision_item.revision_ordinal 
_pdbx_audit_revision_item.data_content_type 
_pdbx_audit_revision_item.item 
1 4 'Structure model' '_database_2.pdbx_DOI'                
2 4 'Structure model' '_database_2.pdbx_database_accession' 
# 
_pdbx_phasing_MR.entry_id                     4TQN 
_pdbx_phasing_MR.method_rotation              ? 
_pdbx_phasing_MR.method_translation           ? 
_pdbx_phasing_MR.model_details                'Phaser MODE: MR_AUTO' 
_pdbx_phasing_MR.R_factor                     ? 
_pdbx_phasing_MR.R_rigid_body                 ? 
_pdbx_phasing_MR.correlation_coeff_Fo_to_Fc   ? 
_pdbx_phasing_MR.correlation_coeff_Io_to_Ic   ? 
_pdbx_phasing_MR.d_res_high_rotation          1.700 
_pdbx_phasing_MR.d_res_low_rotation           33.000 
_pdbx_phasing_MR.d_res_high_translation       1.700 
_pdbx_phasing_MR.d_res_low_translation        33.000 
_pdbx_phasing_MR.packing                      ? 
_pdbx_phasing_MR.reflns_percent_rotation      ? 
_pdbx_phasing_MR.reflns_percent_translation   ? 
_pdbx_phasing_MR.sigma_F_rotation             ? 
_pdbx_phasing_MR.sigma_F_translation          ? 
_pdbx_phasing_MR.sigma_I_rotation             ? 
_pdbx_phasing_MR.sigma_I_translation          ? 
# 
_phasing.method   MR 
# 
loop_
_software.citation_id 
_software.classification 
_software.compiler_name 
_software.compiler_version 
_software.contact_author 
_software.contact_author_email 
_software.date 
_software.description 
_software.dependencies 
_software.hardware 
_software.language 
_software.location 
_software.mods 
_software.name 
_software.os 
_software.os_version 
_software.type 
_software.version 
_software.pdbx_ordinal 
? 'data scaling'    ? ? ? ? ? ? ? ? ? ? ? SCALA       ? ? ? 3.3.21                             1 
? 'data reduction'  ? ? ? ? ? ? ? ? ? ? ? XDS         ? ? ? 'January 10, 2014  BUILT=20140115' 2 
? 'data extraction' ? ? ? ? ? ? ? ? ? ? ? PDB_EXTRACT ? ? ? 3.14                               3 
? phasing           ? ? ? ? ? ? ? ? ? ? ? PHASER      ? ? ? 2.5.6                              4 
? refinement        ? ? ? ? ? ? ? ? ? ? ? PHENIX      ? ? ? '(phenix.refine: 1.9_1692)'        5 
? 'data reduction'  ? ? ? ? ? ? ? ? ? ? ? XSCALE      ? ? ? .                                  6 
# 
loop_
_pdbx_unobs_or_zero_occ_atoms.id 
_pdbx_unobs_or_zero_occ_atoms.PDB_model_num 
_pdbx_unobs_or_zero_occ_atoms.polymer_flag 
_pdbx_unobs_or_zero_occ_atoms.occupancy_flag 
_pdbx_unobs_or_zero_occ_atoms.auth_asym_id 
_pdbx_unobs_or_zero_occ_atoms.auth_comp_id 
_pdbx_unobs_or_zero_occ_atoms.auth_seq_id 
_pdbx_unobs_or_zero_occ_atoms.PDB_ins_code 
_pdbx_unobs_or_zero_occ_atoms.auth_atom_id 
_pdbx_unobs_or_zero_occ_atoms.label_alt_id 
_pdbx_unobs_or_zero_occ_atoms.label_asym_id 
_pdbx_unobs_or_zero_occ_atoms.label_comp_id 
_pdbx_unobs_or_zero_occ_atoms.label_seq_id 
_pdbx_unobs_or_zero_occ_atoms.label_atom_id 
1  1 Y 1 A ILE 1084 ? CG1 ? A ILE 6   CG1 
2  1 Y 1 A ILE 1084 ? CG2 ? A ILE 6   CG2 
3  1 Y 1 A ILE 1084 ? CD1 ? A ILE 6   CD1 
4  1 Y 1 A LYS 1086 ? CG  ? A LYS 8   CG  
5  1 Y 1 A LYS 1086 ? CD  ? A LYS 8   CD  
6  1 Y 1 A LYS 1086 ? CE  ? A LYS 8   CE  
7  1 Y 1 A LYS 1086 ? NZ  ? A LYS 8   NZ  
8  1 Y 1 A GLU 1089 ? CG  ? A GLU 11  CG  
9  1 Y 1 A GLU 1089 ? CD  ? A GLU 11  CD  
10 1 Y 1 A GLU 1089 ? OE1 ? A GLU 11  OE1 
11 1 Y 1 A GLU 1089 ? OE2 ? A GLU 11  OE2 
12 1 Y 1 A LEU 1090 ? CG  ? A LEU 12  CG  
13 1 Y 1 A LEU 1090 ? CD1 ? A LEU 12  CD1 
14 1 Y 1 A LEU 1090 ? CD2 ? A LEU 12  CD2 
15 1 Y 1 A GLN 1092 ? CD  ? A GLN 14  CD  
16 1 Y 1 A GLN 1092 ? OE1 ? A GLN 14  OE1 
17 1 Y 1 A GLN 1092 ? NE2 ? A GLN 14  NE2 
18 1 Y 1 A GLU 1099 ? CG  ? A GLU 21  CG  
19 1 Y 1 A GLU 1099 ? CD  ? A GLU 21  CD  
20 1 Y 1 A GLU 1099 ? OE1 ? A GLU 21  OE1 
21 1 Y 1 A GLU 1099 ? OE2 ? A GLU 21  OE2 
22 1 Y 1 A GLN 1118 ? CG  ? A GLN 40  CG  
23 1 Y 1 A GLN 1118 ? CD  ? A GLN 40  CD  
24 1 Y 1 A GLN 1118 ? OE1 ? A GLN 40  OE1 
25 1 Y 1 A GLN 1118 ? NE2 ? A GLN 40  NE2 
26 1 Y 1 A GLN 1148 ? CG  ? A GLN 70  CG  
27 1 Y 1 A GLN 1148 ? CD  ? A GLN 70  CD  
28 1 Y 1 A GLN 1148 ? OE1 ? A GLN 70  OE1 
29 1 Y 1 A GLN 1148 ? NE2 ? A GLN 70  NE2 
30 1 Y 1 A ARG 1169 ? NE  ? A ARG 91  NE  
31 1 Y 1 A ARG 1169 ? CZ  ? A ARG 91  CZ  
32 1 Y 1 A ARG 1169 ? NH1 ? A ARG 91  NH1 
33 1 Y 1 A ARG 1169 ? NH2 ? A ARG 91  NH2 
34 1 Y 1 A GLU 1183 ? CD  ? A GLU 105 CD  
35 1 Y 1 A GLU 1183 ? OE1 ? A GLU 105 OE1 
36 1 Y 1 A GLU 1183 ? OE2 ? A GLU 105 OE2 
37 1 Y 1 A GLU 1186 ? CG  ? A GLU 108 CG  
38 1 Y 1 A GLU 1186 ? CD  ? A GLU 108 CD  
39 1 Y 1 A GLU 1186 ? OE1 ? A GLU 108 OE1 
40 1 Y 1 A GLU 1186 ? OE2 ? A GLU 108 OE2 
41 1 Y 1 A GLN 1187 ? CG  ? A GLN 109 CG  
42 1 Y 1 A GLN 1187 ? CD  ? A GLN 109 CD  
43 1 Y 1 A GLN 1187 ? OE1 ? A GLN 109 OE1 
44 1 Y 1 A GLN 1187 ? NE2 ? A GLN 109 NE2 
45 1 Y 1 A ASP 1190 ? CG  ? A ASP 112 CG  
46 1 Y 1 A ASP 1190 ? OD1 ? A ASP 112 OD1 
47 1 Y 1 A ASP 1190 ? OD2 ? A ASP 112 OD2 
48 1 Y 1 A GLN 1194 ? CG  ? A GLN 116 CG  
49 1 Y 1 A GLN 1194 ? CD  ? A GLN 116 CD  
50 1 Y 1 A GLN 1194 ? OE1 ? A GLN 116 OE1 
51 1 Y 1 A GLN 1194 ? NE2 ? A GLN 116 NE2 
# 
loop_
_pdbx_unobs_or_zero_occ_residues.id 
_pdbx_unobs_or_zero_occ_residues.PDB_model_num 
_pdbx_unobs_or_zero_occ_residues.polymer_flag 
_pdbx_unobs_or_zero_occ_residues.occupancy_flag 
_pdbx_unobs_or_zero_occ_residues.auth_asym_id 
_pdbx_unobs_or_zero_occ_residues.auth_comp_id 
_pdbx_unobs_or_zero_occ_residues.auth_seq_id 
_pdbx_unobs_or_zero_occ_residues.PDB_ins_code 
_pdbx_unobs_or_zero_occ_residues.label_asym_id 
_pdbx_unobs_or_zero_occ_residues.label_comp_id 
_pdbx_unobs_or_zero_occ_residues.label_seq_id 
1 1 Y 1 A SER 1079 ? A SER 1   
2 1 Y 1 A MET 1080 ? A MET 2   
3 1 Y 1 A ARG 1081 ? A ARG 3   
4 1 Y 1 A LYS 1082 ? A LYS 4   
5 1 Y 1 A LYS 1083 ? A LYS 5   
6 1 Y 1 A LEU 1196 ? A LEU 118 
7 1 Y 1 A GLY 1197 ? A GLY 119 
# 
loop_
_chem_comp_atom.comp_id 
_chem_comp_atom.atom_id 
_chem_comp_atom.type_symbol 
_chem_comp_atom.pdbx_aromatic_flag 
_chem_comp_atom.pdbx_stereo_config 
_chem_comp_atom.pdbx_ordinal 
ALA N    N N N 1   
ALA CA   C N S 2   
ALA C    C N N 3   
ALA O    O N N 4   
ALA CB   C N N 5   
ALA OXT  O N N 6   
ALA H    H N N 7   
ALA H2   H N N 8   
ALA HA   H N N 9   
ALA HB1  H N N 10  
ALA HB2  H N N 11  
ALA HB3  H N N 12  
ALA HXT  H N N 13  
ARG N    N N N 14  
ARG CA   C N S 15  
ARG C    C N N 16  
ARG O    O N N 17  
ARG CB   C N N 18  
ARG CG   C N N 19  
ARG CD   C N N 20  
ARG NE   N N N 21  
ARG CZ   C N N 22  
ARG NH1  N N N 23  
ARG NH2  N N N 24  
ARG OXT  O N N 25  
ARG H    H N N 26  
ARG H2   H N N 27  
ARG HA   H N N 28  
ARG HB2  H N N 29  
ARG HB3  H N N 30  
ARG HG2  H N N 31  
ARG HG3  H N N 32  
ARG HD2  H N N 33  
ARG HD3  H N N 34  
ARG HE   H N N 35  
ARG HH11 H N N 36  
ARG HH12 H N N 37  
ARG HH21 H N N 38  
ARG HH22 H N N 39  
ARG HXT  H N N 40  
ASN N    N N N 41  
ASN CA   C N S 42  
ASN C    C N N 43  
ASN O    O N N 44  
ASN CB   C N N 45  
ASN CG   C N N 46  
ASN OD1  O N N 47  
ASN ND2  N N N 48  
ASN OXT  O N N 49  
ASN H    H N N 50  
ASN H2   H N N 51  
ASN HA   H N N 52  
ASN HB2  H N N 53  
ASN HB3  H N N 54  
ASN HD21 H N N 55  
ASN HD22 H N N 56  
ASN HXT  H N N 57  
ASP N    N N N 58  
ASP CA   C N S 59  
ASP C    C N N 60  
ASP O    O N N 61  
ASP CB   C N N 62  
ASP CG   C N N 63  
ASP OD1  O N N 64  
ASP OD2  O N N 65  
ASP OXT  O N N 66  
ASP H    H N N 67  
ASP H2   H N N 68  
ASP HA   H N N 69  
ASP HB2  H N N 70  
ASP HB3  H N N 71  
ASP HD2  H N N 72  
ASP HXT  H N N 73  
CYS N    N N N 74  
CYS CA   C N R 75  
CYS C    C N N 76  
CYS O    O N N 77  
CYS CB   C N N 78  
CYS SG   S N N 79  
CYS OXT  O N N 80  
CYS H    H N N 81  
CYS H2   H N N 82  
CYS HA   H N N 83  
CYS HB2  H N N 84  
CYS HB3  H N N 85  
CYS HG   H N N 86  
CYS HXT  H N N 87  
EDO C1   C N N 88  
EDO O1   O N N 89  
EDO C2   C N N 90  
EDO O2   O N N 91  
EDO H11  H N N 92  
EDO H12  H N N 93  
EDO HO1  H N N 94  
EDO H21  H N N 95  
EDO H22  H N N 96  
EDO HO2  H N N 97  
GLN N    N N N 98  
GLN CA   C N S 99  
GLN C    C N N 100 
GLN O    O N N 101 
GLN CB   C N N 102 
GLN CG   C N N 103 
GLN CD   C N N 104 
GLN OE1  O N N 105 
GLN NE2  N N N 106 
GLN OXT  O N N 107 
GLN H    H N N 108 
GLN H2   H N N 109 
GLN HA   H N N 110 
GLN HB2  H N N 111 
GLN HB3  H N N 112 
GLN HG2  H N N 113 
GLN HG3  H N N 114 
GLN HE21 H N N 115 
GLN HE22 H N N 116 
GLN HXT  H N N 117 
GLU N    N N N 118 
GLU CA   C N S 119 
GLU C    C N N 120 
GLU O    O N N 121 
GLU CB   C N N 122 
GLU CG   C N N 123 
GLU CD   C N N 124 
GLU OE1  O N N 125 
GLU OE2  O N N 126 
GLU OXT  O N N 127 
GLU H    H N N 128 
GLU H2   H N N 129 
GLU HA   H N N 130 
GLU HB2  H N N 131 
GLU HB3  H N N 132 
GLU HG2  H N N 133 
GLU HG3  H N N 134 
GLU HE2  H N N 135 
GLU HXT  H N N 136 
GLY N    N N N 137 
GLY CA   C N N 138 
GLY C    C N N 139 
GLY O    O N N 140 
GLY OXT  O N N 141 
GLY H    H N N 142 
GLY H2   H N N 143 
GLY HA2  H N N 144 
GLY HA3  H N N 145 
GLY HXT  H N N 146 
HOH O    O N N 147 
HOH H1   H N N 148 
HOH H2   H N N 149 
ILE N    N N N 150 
ILE CA   C N S 151 
ILE C    C N N 152 
ILE O    O N N 153 
ILE CB   C N S 154 
ILE CG1  C N N 155 
ILE CG2  C N N 156 
ILE CD1  C N N 157 
ILE OXT  O N N 158 
ILE H    H N N 159 
ILE H2   H N N 160 
ILE HA   H N N 161 
ILE HB   H N N 162 
ILE HG12 H N N 163 
ILE HG13 H N N 164 
ILE HG21 H N N 165 
ILE HG22 H N N 166 
ILE HG23 H N N 167 
ILE HD11 H N N 168 
ILE HD12 H N N 169 
ILE HD13 H N N 170 
ILE HXT  H N N 171 
LEU N    N N N 172 
LEU CA   C N S 173 
LEU C    C N N 174 
LEU O    O N N 175 
LEU CB   C N N 176 
LEU CG   C N N 177 
LEU CD1  C N N 178 
LEU CD2  C N N 179 
LEU OXT  O N N 180 
LEU H    H N N 181 
LEU H2   H N N 182 
LEU HA   H N N 183 
LEU HB2  H N N 184 
LEU HB3  H N N 185 
LEU HG   H N N 186 
LEU HD11 H N N 187 
LEU HD12 H N N 188 
LEU HD13 H N N 189 
LEU HD21 H N N 190 
LEU HD22 H N N 191 
LEU HD23 H N N 192 
LEU HXT  H N N 193 
LYS N    N N N 194 
LYS CA   C N S 195 
LYS C    C N N 196 
LYS O    O N N 197 
LYS CB   C N N 198 
LYS CG   C N N 199 
LYS CD   C N N 200 
LYS CE   C N N 201 
LYS NZ   N N N 202 
LYS OXT  O N N 203 
LYS H    H N N 204 
LYS H2   H N N 205 
LYS HA   H N N 206 
LYS HB2  H N N 207 
LYS HB3  H N N 208 
LYS HG2  H N N 209 
LYS HG3  H N N 210 
LYS HD2  H N N 211 
LYS HD3  H N N 212 
LYS HE2  H N N 213 
LYS HE3  H N N 214 
LYS HZ1  H N N 215 
LYS HZ2  H N N 216 
LYS HZ3  H N N 217 
LYS HXT  H N N 218 
MET N    N N N 219 
MET CA   C N S 220 
MET C    C N N 221 
MET O    O N N 222 
MET CB   C N N 223 
MET CG   C N N 224 
MET SD   S N N 225 
MET CE   C N N 226 
MET OXT  O N N 227 
MET H    H N N 228 
MET H2   H N N 229 
MET HA   H N N 230 
MET HB2  H N N 231 
MET HB3  H N N 232 
MET HG2  H N N 233 
MET HG3  H N N 234 
MET HE1  H N N 235 
MET HE2  H N N 236 
MET HE3  H N N 237 
MET HXT  H N N 238 
PHE N    N N N 239 
PHE CA   C N S 240 
PHE C    C N N 241 
PHE O    O N N 242 
PHE CB   C N N 243 
PHE CG   C Y N 244 
PHE CD1  C Y N 245 
PHE CD2  C Y N 246 
PHE CE1  C Y N 247 
PHE CE2  C Y N 248 
PHE CZ   C Y N 249 
PHE OXT  O N N 250 
PHE H    H N N 251 
PHE H2   H N N 252 
PHE HA   H N N 253 
PHE HB2  H N N 254 
PHE HB3  H N N 255 
PHE HD1  H N N 256 
PHE HD2  H N N 257 
PHE HE1  H N N 258 
PHE HE2  H N N 259 
PHE HZ   H N N 260 
PHE HXT  H N N 261 
PRO N    N N N 262 
PRO CA   C N S 263 
PRO C    C N N 264 
PRO O    O N N 265 
PRO CB   C N N 266 
PRO CG   C N N 267 
PRO CD   C N N 268 
PRO OXT  O N N 269 
PRO H    H N N 270 
PRO HA   H N N 271 
PRO HB2  H N N 272 
PRO HB3  H N N 273 
PRO HG2  H N N 274 
PRO HG3  H N N 275 
PRO HD2  H N N 276 
PRO HD3  H N N 277 
PRO HXT  H N N 278 
SER N    N N N 279 
SER CA   C N S 280 
SER C    C N N 281 
SER O    O N N 282 
SER CB   C N N 283 
SER OG   O N N 284 
SER OXT  O N N 285 
SER H    H N N 286 
SER H2   H N N 287 
SER HA   H N N 288 
SER HB2  H N N 289 
SER HB3  H N N 290 
SER HG   H N N 291 
SER HXT  H N N 292 
THR N    N N N 293 
THR CA   C N S 294 
THR C    C N N 295 
THR O    O N N 296 
THR CB   C N R 297 
THR OG1  O N N 298 
THR CG2  C N N 299 
THR OXT  O N N 300 
THR H    H N N 301 
THR H2   H N N 302 
THR HA   H N N 303 
THR HB   H N N 304 
THR HG1  H N N 305 
THR HG21 H N N 306 
THR HG22 H N N 307 
THR HG23 H N N 308 
THR HXT  H N N 309 
TRP N    N N N 310 
TRP CA   C N S 311 
TRP C    C N N 312 
TRP O    O N N 313 
TRP CB   C N N 314 
TRP CG   C Y N 315 
TRP CD1  C Y N 316 
TRP CD2  C Y N 317 
TRP NE1  N Y N 318 
TRP CE2  C Y N 319 
TRP CE3  C Y N 320 
TRP CZ2  C Y N 321 
TRP CZ3  C Y N 322 
TRP CH2  C Y N 323 
TRP OXT  O N N 324 
TRP H    H N N 325 
TRP H2   H N N 326 
TRP HA   H N N 327 
TRP HB2  H N N 328 
TRP HB3  H N N 329 
TRP HD1  H N N 330 
TRP HE1  H N N 331 
TRP HE3  H N N 332 
TRP HZ2  H N N 333 
TRP HZ3  H N N 334 
TRP HH2  H N N 335 
TRP HXT  H N N 336 
TYR N    N N N 337 
TYR CA   C N S 338 
TYR C    C N N 339 
TYR O    O N N 340 
TYR CB   C N N 341 
TYR CG   C Y N 342 
TYR CD1  C Y N 343 
TYR CD2  C Y N 344 
TYR CE1  C Y N 345 
TYR CE2  C Y N 346 
TYR CZ   C Y N 347 
TYR OH   O N N 348 
TYR OXT  O N N 349 
TYR H    H N N 350 
TYR H2   H N N 351 
TYR HA   H N N 352 
TYR HB2  H N N 353 
TYR HB3  H N N 354 
TYR HD1  H N N 355 
TYR HD2  H N N 356 
TYR HE1  H N N 357 
TYR HE2  H N N 358 
TYR HH   H N N 359 
TYR HXT  H N N 360 
UL4 O4   O N N 361 
UL4 C16  C N N 362 
UL4 O3   O N N 363 
UL4 C15  C Y N 364 
UL4 C14  C Y N 365 
UL4 C13  C Y N 366 
UL4 C12  C Y N 367 
UL4 C17  C Y N 368 
UL4 C11  C Y N 369 
UL4 C10  C N N 370 
UL4 O2   O N N 371 
UL4 N    N N N 372 
UL4 C9   C Y N 373 
UL4 C8   C Y N 374 
UL4 C5   C Y N 375 
UL4 C6   C N N 376 
UL4 O1   O N N 377 
UL4 C7   C N N 378 
UL4 C4   C Y N 379 
UL4 C3   C Y N 380 
UL4 C2   C Y N 381 
UL4 O    O N N 382 
UL4 C1   C N N 383 
UL4 C    C N N 384 
UL4 H1   H N N 385 
UL4 H2   H N N 386 
UL4 H3   H N N 387 
UL4 H4   H N N 388 
UL4 H5   H N N 389 
UL4 H6   H N N 390 
UL4 H7   H N N 391 
UL4 H8   H N N 392 
UL4 H9   H N N 393 
UL4 H10  H N N 394 
UL4 H11  H N N 395 
UL4 H12  H N N 396 
UL4 H13  H N N 397 
UL4 H14  H N N 398 
UL4 H15  H N N 399 
UL4 H16  H N N 400 
UL4 H17  H N N 401 
VAL N    N N N 402 
VAL CA   C N S 403 
VAL C    C N N 404 
VAL O    O N N 405 
VAL CB   C N N 406 
VAL CG1  C N N 407 
VAL CG2  C N N 408 
VAL OXT  O N N 409 
VAL H    H N N 410 
VAL H2   H N N 411 
VAL HA   H N N 412 
VAL HB   H N N 413 
VAL HG11 H N N 414 
VAL HG12 H N N 415 
VAL HG13 H N N 416 
VAL HG21 H N N 417 
VAL HG22 H N N 418 
VAL HG23 H N N 419 
VAL HXT  H N N 420 
# 
loop_
_chem_comp_bond.comp_id 
_chem_comp_bond.atom_id_1 
_chem_comp_bond.atom_id_2 
_chem_comp_bond.value_order 
_chem_comp_bond.pdbx_aromatic_flag 
_chem_comp_bond.pdbx_stereo_config 
_chem_comp_bond.pdbx_ordinal 
ALA N   CA   sing N N 1   
ALA N   H    sing N N 2   
ALA N   H2   sing N N 3   
ALA CA  C    sing N N 4   
ALA CA  CB   sing N N 5   
ALA CA  HA   sing N N 6   
ALA C   O    doub N N 7   
ALA C   OXT  sing N N 8   
ALA CB  HB1  sing N N 9   
ALA CB  HB2  sing N N 10  
ALA CB  HB3  sing N N 11  
ALA OXT HXT  sing N N 12  
ARG N   CA   sing N N 13  
ARG N   H    sing N N 14  
ARG N   H2   sing N N 15  
ARG CA  C    sing N N 16  
ARG CA  CB   sing N N 17  
ARG CA  HA   sing N N 18  
ARG C   O    doub N N 19  
ARG C   OXT  sing N N 20  
ARG CB  CG   sing N N 21  
ARG CB  HB2  sing N N 22  
ARG CB  HB3  sing N N 23  
ARG CG  CD   sing N N 24  
ARG CG  HG2  sing N N 25  
ARG CG  HG3  sing N N 26  
ARG CD  NE   sing N N 27  
ARG CD  HD2  sing N N 28  
ARG CD  HD3  sing N N 29  
ARG NE  CZ   sing N N 30  
ARG NE  HE   sing N N 31  
ARG CZ  NH1  sing N N 32  
ARG CZ  NH2  doub N N 33  
ARG NH1 HH11 sing N N 34  
ARG NH1 HH12 sing N N 35  
ARG NH2 HH21 sing N N 36  
ARG NH2 HH22 sing N N 37  
ARG OXT HXT  sing N N 38  
ASN N   CA   sing N N 39  
ASN N   H    sing N N 40  
ASN N   H2   sing N N 41  
ASN CA  C    sing N N 42  
ASN CA  CB   sing N N 43  
ASN CA  HA   sing N N 44  
ASN C   O    doub N N 45  
ASN C   OXT  sing N N 46  
ASN CB  CG   sing N N 47  
ASN CB  HB2  sing N N 48  
ASN CB  HB3  sing N N 49  
ASN CG  OD1  doub N N 50  
ASN CG  ND2  sing N N 51  
ASN ND2 HD21 sing N N 52  
ASN ND2 HD22 sing N N 53  
ASN OXT HXT  sing N N 54  
ASP N   CA   sing N N 55  
ASP N   H    sing N N 56  
ASP N   H2   sing N N 57  
ASP CA  C    sing N N 58  
ASP CA  CB   sing N N 59  
ASP CA  HA   sing N N 60  
ASP C   O    doub N N 61  
ASP C   OXT  sing N N 62  
ASP CB  CG   sing N N 63  
ASP CB  HB2  sing N N 64  
ASP CB  HB3  sing N N 65  
ASP CG  OD1  doub N N 66  
ASP CG  OD2  sing N N 67  
ASP OD2 HD2  sing N N 68  
ASP OXT HXT  sing N N 69  
CYS N   CA   sing N N 70  
CYS N   H    sing N N 71  
CYS N   H2   sing N N 72  
CYS CA  C    sing N N 73  
CYS CA  CB   sing N N 74  
CYS CA  HA   sing N N 75  
CYS C   O    doub N N 76  
CYS C   OXT  sing N N 77  
CYS CB  SG   sing N N 78  
CYS CB  HB2  sing N N 79  
CYS CB  HB3  sing N N 80  
CYS SG  HG   sing N N 81  
CYS OXT HXT  sing N N 82  
EDO C1  O1   sing N N 83  
EDO C1  C2   sing N N 84  
EDO C1  H11  sing N N 85  
EDO C1  H12  sing N N 86  
EDO O1  HO1  sing N N 87  
EDO C2  O2   sing N N 88  
EDO C2  H21  sing N N 89  
EDO C2  H22  sing N N 90  
EDO O2  HO2  sing N N 91  
GLN N   CA   sing N N 92  
GLN N   H    sing N N 93  
GLN N   H2   sing N N 94  
GLN CA  C    sing N N 95  
GLN CA  CB   sing N N 96  
GLN CA  HA   sing N N 97  
GLN C   O    doub N N 98  
GLN C   OXT  sing N N 99  
GLN CB  CG   sing N N 100 
GLN CB  HB2  sing N N 101 
GLN CB  HB3  sing N N 102 
GLN CG  CD   sing N N 103 
GLN CG  HG2  sing N N 104 
GLN CG  HG3  sing N N 105 
GLN CD  OE1  doub N N 106 
GLN CD  NE2  sing N N 107 
GLN NE2 HE21 sing N N 108 
GLN NE2 HE22 sing N N 109 
GLN OXT HXT  sing N N 110 
GLU N   CA   sing N N 111 
GLU N   H    sing N N 112 
GLU N   H2   sing N N 113 
GLU CA  C    sing N N 114 
GLU CA  CB   sing N N 115 
GLU CA  HA   sing N N 116 
GLU C   O    doub N N 117 
GLU C   OXT  sing N N 118 
GLU CB  CG   sing N N 119 
GLU CB  HB2  sing N N 120 
GLU CB  HB3  sing N N 121 
GLU CG  CD   sing N N 122 
GLU CG  HG2  sing N N 123 
GLU CG  HG3  sing N N 124 
GLU CD  OE1  doub N N 125 
GLU CD  OE2  sing N N 126 
GLU OE2 HE2  sing N N 127 
GLU OXT HXT  sing N N 128 
GLY N   CA   sing N N 129 
GLY N   H    sing N N 130 
GLY N   H2   sing N N 131 
GLY CA  C    sing N N 132 
GLY CA  HA2  sing N N 133 
GLY CA  HA3  sing N N 134 
GLY C   O    doub N N 135 
GLY C   OXT  sing N N 136 
GLY OXT HXT  sing N N 137 
HOH O   H1   sing N N 138 
HOH O   H2   sing N N 139 
ILE N   CA   sing N N 140 
ILE N   H    sing N N 141 
ILE N   H2   sing N N 142 
ILE CA  C    sing N N 143 
ILE CA  CB   sing N N 144 
ILE CA  HA   sing N N 145 
ILE C   O    doub N N 146 
ILE C   OXT  sing N N 147 
ILE CB  CG1  sing N N 148 
ILE CB  CG2  sing N N 149 
ILE CB  HB   sing N N 150 
ILE CG1 CD1  sing N N 151 
ILE CG1 HG12 sing N N 152 
ILE CG1 HG13 sing N N 153 
ILE CG2 HG21 sing N N 154 
ILE CG2 HG22 sing N N 155 
ILE CG2 HG23 sing N N 156 
ILE CD1 HD11 sing N N 157 
ILE CD1 HD12 sing N N 158 
ILE CD1 HD13 sing N N 159 
ILE OXT HXT  sing N N 160 
LEU N   CA   sing N N 161 
LEU N   H    sing N N 162 
LEU N   H2   sing N N 163 
LEU CA  C    sing N N 164 
LEU CA  CB   sing N N 165 
LEU CA  HA   sing N N 166 
LEU C   O    doub N N 167 
LEU C   OXT  sing N N 168 
LEU CB  CG   sing N N 169 
LEU CB  HB2  sing N N 170 
LEU CB  HB3  sing N N 171 
LEU CG  CD1  sing N N 172 
LEU CG  CD2  sing N N 173 
LEU CG  HG   sing N N 174 
LEU CD1 HD11 sing N N 175 
LEU CD1 HD12 sing N N 176 
LEU CD1 HD13 sing N N 177 
LEU CD2 HD21 sing N N 178 
LEU CD2 HD22 sing N N 179 
LEU CD2 HD23 sing N N 180 
LEU OXT HXT  sing N N 181 
LYS N   CA   sing N N 182 
LYS N   H    sing N N 183 
LYS N   H2   sing N N 184 
LYS CA  C    sing N N 185 
LYS CA  CB   sing N N 186 
LYS CA  HA   sing N N 187 
LYS C   O    doub N N 188 
LYS C   OXT  sing N N 189 
LYS CB  CG   sing N N 190 
LYS CB  HB2  sing N N 191 
LYS CB  HB3  sing N N 192 
LYS CG  CD   sing N N 193 
LYS CG  HG2  sing N N 194 
LYS CG  HG3  sing N N 195 
LYS CD  CE   sing N N 196 
LYS CD  HD2  sing N N 197 
LYS CD  HD3  sing N N 198 
LYS CE  NZ   sing N N 199 
LYS CE  HE2  sing N N 200 
LYS CE  HE3  sing N N 201 
LYS NZ  HZ1  sing N N 202 
LYS NZ  HZ2  sing N N 203 
LYS NZ  HZ3  sing N N 204 
LYS OXT HXT  sing N N 205 
MET N   CA   sing N N 206 
MET N   H    sing N N 207 
MET N   H2   sing N N 208 
MET CA  C    sing N N 209 
MET CA  CB   sing N N 210 
MET CA  HA   sing N N 211 
MET C   O    doub N N 212 
MET C   OXT  sing N N 213 
MET CB  CG   sing N N 214 
MET CB  HB2  sing N N 215 
MET CB  HB3  sing N N 216 
MET CG  SD   sing N N 217 
MET CG  HG2  sing N N 218 
MET CG  HG3  sing N N 219 
MET SD  CE   sing N N 220 
MET CE  HE1  sing N N 221 
MET CE  HE2  sing N N 222 
MET CE  HE3  sing N N 223 
MET OXT HXT  sing N N 224 
PHE N   CA   sing N N 225 
PHE N   H    sing N N 226 
PHE N   H2   sing N N 227 
PHE CA  C    sing N N 228 
PHE CA  CB   sing N N 229 
PHE CA  HA   sing N N 230 
PHE C   O    doub N N 231 
PHE C   OXT  sing N N 232 
PHE CB  CG   sing N N 233 
PHE CB  HB2  sing N N 234 
PHE CB  HB3  sing N N 235 
PHE CG  CD1  doub Y N 236 
PHE CG  CD2  sing Y N 237 
PHE CD1 CE1  sing Y N 238 
PHE CD1 HD1  sing N N 239 
PHE CD2 CE2  doub Y N 240 
PHE CD2 HD2  sing N N 241 
PHE CE1 CZ   doub Y N 242 
PHE CE1 HE1  sing N N 243 
PHE CE2 CZ   sing Y N 244 
PHE CE2 HE2  sing N N 245 
PHE CZ  HZ   sing N N 246 
PHE OXT HXT  sing N N 247 
PRO N   CA   sing N N 248 
PRO N   CD   sing N N 249 
PRO N   H    sing N N 250 
PRO CA  C    sing N N 251 
PRO CA  CB   sing N N 252 
PRO CA  HA   sing N N 253 
PRO C   O    doub N N 254 
PRO C   OXT  sing N N 255 
PRO CB  CG   sing N N 256 
PRO CB  HB2  sing N N 257 
PRO CB  HB3  sing N N 258 
PRO CG  CD   sing N N 259 
PRO CG  HG2  sing N N 260 
PRO CG  HG3  sing N N 261 
PRO CD  HD2  sing N N 262 
PRO CD  HD3  sing N N 263 
PRO OXT HXT  sing N N 264 
SER N   CA   sing N N 265 
SER N   H    sing N N 266 
SER N   H2   sing N N 267 
SER CA  C    sing N N 268 
SER CA  CB   sing N N 269 
SER CA  HA   sing N N 270 
SER C   O    doub N N 271 
SER C   OXT  sing N N 272 
SER CB  OG   sing N N 273 
SER CB  HB2  sing N N 274 
SER CB  HB3  sing N N 275 
SER OG  HG   sing N N 276 
SER OXT HXT  sing N N 277 
THR N   CA   sing N N 278 
THR N   H    sing N N 279 
THR N   H2   sing N N 280 
THR CA  C    sing N N 281 
THR CA  CB   sing N N 282 
THR CA  HA   sing N N 283 
THR C   O    doub N N 284 
THR C   OXT  sing N N 285 
THR CB  OG1  sing N N 286 
THR CB  CG2  sing N N 287 
THR CB  HB   sing N N 288 
THR OG1 HG1  sing N N 289 
THR CG2 HG21 sing N N 290 
THR CG2 HG22 sing N N 291 
THR CG2 HG23 sing N N 292 
THR OXT HXT  sing N N 293 
TRP N   CA   sing N N 294 
TRP N   H    sing N N 295 
TRP N   H2   sing N N 296 
TRP CA  C    sing N N 297 
TRP CA  CB   sing N N 298 
TRP CA  HA   sing N N 299 
TRP C   O    doub N N 300 
TRP C   OXT  sing N N 301 
TRP CB  CG   sing N N 302 
TRP CB  HB2  sing N N 303 
TRP CB  HB3  sing N N 304 
TRP CG  CD1  doub Y N 305 
TRP CG  CD2  sing Y N 306 
TRP CD1 NE1  sing Y N 307 
TRP CD1 HD1  sing N N 308 
TRP CD2 CE2  doub Y N 309 
TRP CD2 CE3  sing Y N 310 
TRP NE1 CE2  sing Y N 311 
TRP NE1 HE1  sing N N 312 
TRP CE2 CZ2  sing Y N 313 
TRP CE3 CZ3  doub Y N 314 
TRP CE3 HE3  sing N N 315 
TRP CZ2 CH2  doub Y N 316 
TRP CZ2 HZ2  sing N N 317 
TRP CZ3 CH2  sing Y N 318 
TRP CZ3 HZ3  sing N N 319 
TRP CH2 HH2  sing N N 320 
TRP OXT HXT  sing N N 321 
TYR N   CA   sing N N 322 
TYR N   H    sing N N 323 
TYR N   H2   sing N N 324 
TYR CA  C    sing N N 325 
TYR CA  CB   sing N N 326 
TYR CA  HA   sing N N 327 
TYR C   O    doub N N 328 
TYR C   OXT  sing N N 329 
TYR CB  CG   sing N N 330 
TYR CB  HB2  sing N N 331 
TYR CB  HB3  sing N N 332 
TYR CG  CD1  doub Y N 333 
TYR CG  CD2  sing Y N 334 
TYR CD1 CE1  sing Y N 335 
TYR CD1 HD1  sing N N 336 
TYR CD2 CE2  doub Y N 337 
TYR CD2 HD2  sing N N 338 
TYR CE1 CZ   doub Y N 339 
TYR CE1 HE1  sing N N 340 
TYR CE2 CZ   sing Y N 341 
TYR CE2 HE2  sing N N 342 
TYR CZ  OH   sing N N 343 
TYR OH  HH   sing N N 344 
TYR OXT HXT  sing N N 345 
UL4 O3  C16  doub N N 346 
UL4 O4  C16  sing N N 347 
UL4 C16 C15  sing N N 348 
UL4 C14 C15  doub Y N 349 
UL4 C14 C13  sing Y N 350 
UL4 C15 C17  sing Y N 351 
UL4 C13 C12  doub Y N 352 
UL4 C17 C11  doub Y N 353 
UL4 C12 C11  sing Y N 354 
UL4 C11 C10  sing N N 355 
UL4 C10 O2   doub N N 356 
UL4 C10 N    sing N N 357 
UL4 C7  C6   sing N N 358 
UL4 N   C9   sing N N 359 
UL4 C8  C9   doub Y N 360 
UL4 C8  C5   sing Y N 361 
UL4 C9  C2   sing Y N 362 
UL4 C6  C5   sing N N 363 
UL4 C6  O1   doub N N 364 
UL4 C5  C4   doub Y N 365 
UL4 C2  O    sing N N 366 
UL4 C2  C3   doub Y N 367 
UL4 O   C1   sing N N 368 
UL4 C4  C3   sing Y N 369 
UL4 C   C1   sing N N 370 
UL4 O4  H1   sing N N 371 
UL4 C14 H2   sing N N 372 
UL4 C13 H3   sing N N 373 
UL4 C12 H4   sing N N 374 
UL4 C17 H5   sing N N 375 
UL4 N   H6   sing N N 376 
UL4 C8  H7   sing N N 377 
UL4 C7  H8   sing N N 378 
UL4 C7  H9   sing N N 379 
UL4 C7  H10  sing N N 380 
UL4 C4  H11  sing N N 381 
UL4 C3  H12  sing N N 382 
UL4 C1  H13  sing N N 383 
UL4 C1  H14  sing N N 384 
UL4 C   H15  sing N N 385 
UL4 C   H16  sing N N 386 
UL4 C   H17  sing N N 387 
VAL N   CA   sing N N 388 
VAL N   H    sing N N 389 
VAL N   H2   sing N N 390 
VAL CA  C    sing N N 391 
VAL CA  CB   sing N N 392 
VAL CA  HA   sing N N 393 
VAL C   O    doub N N 394 
VAL C   OXT  sing N N 395 
VAL CB  CG1  sing N N 396 
VAL CB  CG2  sing N N 397 
VAL CB  HB   sing N N 398 
VAL CG1 HG11 sing N N 399 
VAL CG1 HG12 sing N N 400 
VAL CG1 HG13 sing N N 401 
VAL CG2 HG21 sing N N 402 
VAL CG2 HG22 sing N N 403 
VAL CG2 HG23 sing N N 404 
VAL OXT HXT  sing N N 405 
# 
loop_
_pdbx_entity_nonpoly.entity_id 
_pdbx_entity_nonpoly.name 
_pdbx_entity_nonpoly.comp_id 
2 '3-[(5-acetyl-2-ethoxyphenyl)carbamoyl]benzoic acid' UL4 
3 1,2-ETHANEDIOL                                       EDO 
4 water                                                HOH 
# 
_pdbx_initial_refinement_model.id               1 
_pdbx_initial_refinement_model.entity_id_list   ? 
_pdbx_initial_refinement_model.type             'experimental model' 
_pdbx_initial_refinement_model.source_name      PDB 
_pdbx_initial_refinement_model.accession_code   4NR5 
_pdbx_initial_refinement_model.details          ? 
# 
